data_3AEM
#
_entry.id   3AEM
#
_cell.length_a   99.086
_cell.length_b   85.332
_cell.length_c   114.331
_cell.angle_alpha   90.000
_cell.angle_beta   101.900
_cell.angle_gamma   90.000
#
_symmetry.space_group_name_H-M   'P 1 21 1'
#
loop_
_entity.id
_entity.type
_entity.pdbx_description
1 polymer 'Methionine gamma-lyase'
2 polymer 'Methionine gamma-lyase'
3 non-polymer '(2E)-2-[({3-hydroxy-2-methyl-5-[(phosphonooxy)methyl]pyridin-4-yl}methyl)imino]-4-(methylsulfanyl)butanoic acid'
4 non-polymer 'SULFATE ION'
5 non-polymer GLYCEROL
6 non-polymer METHIONINE
7 water water
#
loop_
_entity_poly.entity_id
_entity_poly.type
_entity_poly.pdbx_seq_one_letter_code
_entity_poly.pdbx_strand_id
1 'polypeptide(L)'
;MTAQDITTTLLHPKGDHVLHSHAYPIFQTSTFCFDSTQQGADLFMGKGEGHIYSRLGNPTVEQFEEMVCSIEGAAGSAAF
GSGMGAISSSTLAFLQKGDHLIAGDTLYGCTVSLFTHWLPRFGIEVDLIDTSDVEKVKAAWKPNTKMVYLESPANPTCKV
SDIKGIAVVCHERGARLVVDATFTSPCFLKPLELGADIALHSVSKYINGHGDVIGGVSSAKTAEDIATIKFYRKDAGSLM
APMDAFLCARGMKTLPIRMQIHMENGLKVAKFLEQHEKIVKVNHPGLESFPGHDIAKKQMTGYGSTFLFEMKSFEAAKKL
MEHLKVCTLAVSLGCVDTLIEHPASMTHAAVPENIMRKQGITPELVRISVGIENVDDIIADLKQALELW
;
A,B,D
2 'polypeptide(L)'
;MTAQDITTTLLHPKGDHVLHSHAYPIFQTSTFCFDSTQQGADLFMGKGEGHIYSRLGNPTVEQFEEMVCSIEGAAGSAAF
GSGMGAISSSTLAFLQKGDHLIAGDTLYGCTVSLFTHWLPRFGIEVDLIDTSDVEKVKAAWKPNTKMVYLESPANPTCKV
SDIKGIAVVCHERGARLVVDATFTSPCFLKPLELGADIALHSVS(LLP)YINGHGDVIGGVSSAKTAEDIATIKFYRKDA
GSLMAPMDAFLCARGMKTLPIRMQIHMENGLKVAKFLEQHEKIVKVNHPGLESFPGHDIAKKQMTGYGSTFLFEMKSFEA
AKKLMEHLKVCTLAVSLGCVDTLIEHPASMTHAAVPENIMRKQGITPELVRISVGIENVDDIIADLKQALELW
;
C
#
# COMPACT_ATOMS: atom_id res chain seq x y z
N ALA A 3 32.27 18.56 1.24
CA ALA A 3 31.10 17.91 1.94
C ALA A 3 29.83 17.84 1.08
N GLN A 4 29.42 16.61 0.79
CA GLN A 4 28.21 16.34 0.03
C GLN A 4 27.00 17.03 0.68
N ASP A 5 26.20 17.68 -0.14
CA ASP A 5 24.98 18.34 0.33
C ASP A 5 23.95 17.33 0.87
N ILE A 6 23.13 17.82 1.81
CA ILE A 6 22.06 17.02 2.42
C ILE A 6 21.03 16.49 1.39
N THR A 7 20.77 17.23 0.33
CA THR A 7 19.87 16.78 -0.75
C THR A 7 20.43 15.50 -1.33
N THR A 8 21.73 15.52 -1.66
CA THR A 8 22.38 14.34 -2.24
C THR A 8 22.39 13.15 -1.29
N THR A 9 22.73 13.42 -0.03
CA THR A 9 22.77 12.35 0.99
C THR A 9 21.41 11.63 1.13
N LEU A 10 20.33 12.37 1.26
CA LEU A 10 18.98 11.77 1.42
C LEU A 10 18.55 10.96 0.20
N LEU A 11 19.06 11.37 -0.96
CA LEU A 11 18.69 10.75 -2.25
C LEU A 11 19.55 9.53 -2.53
N HIS A 12 20.67 9.40 -1.81
CA HIS A 12 21.67 8.32 -2.00
C HIS A 12 22.07 7.68 -0.66
N PRO A 13 21.12 7.03 0.00
CA PRO A 13 21.37 6.57 1.37
C PRO A 13 22.23 5.32 1.38
N LYS A 14 23.00 5.11 2.45
CA LYS A 14 23.81 3.90 2.54
C LYS A 14 22.93 2.65 2.47
N GLY A 15 23.47 1.57 1.93
CA GLY A 15 22.77 0.30 1.90
C GLY A 15 22.88 -0.37 0.54
N ASP A 16 22.76 -1.68 0.52
CA ASP A 16 22.74 -2.37 -0.74
C ASP A 16 21.34 -2.35 -1.29
N HIS A 17 21.23 -2.32 -2.61
CA HIS A 17 19.96 -2.48 -3.28
C HIS A 17 19.51 -3.92 -3.08
N VAL A 18 18.20 -4.12 -3.07
CA VAL A 18 17.59 -5.42 -2.94
C VAL A 18 17.11 -5.92 -4.31
N LEU A 19 17.59 -7.09 -4.74
CA LEU A 19 17.33 -7.60 -6.10
C LEU A 19 17.51 -6.51 -7.20
N HIS A 20 18.52 -5.65 -7.05
CA HIS A 20 18.79 -4.56 -7.97
C HIS A 20 17.65 -3.53 -8.12
N SER A 21 16.66 -3.57 -7.22
CA SER A 21 15.59 -2.60 -7.26
C SER A 21 16.16 -1.18 -7.02
N HIS A 22 15.74 -0.23 -7.87
CA HIS A 22 16.08 1.16 -7.70
C HIS A 22 15.36 1.74 -6.49
N ALA A 23 14.04 1.63 -6.44
CA ALA A 23 13.36 1.98 -5.19
C ALA A 23 13.57 0.85 -4.16
N TYR A 24 13.68 1.22 -2.90
CA TYR A 24 13.83 0.22 -1.85
C TYR A 24 12.48 -0.50 -1.60
N PRO A 25 12.43 -1.85 -1.69
CA PRO A 25 11.16 -2.59 -1.56
C PRO A 25 10.40 -2.42 -0.23
N ILE A 26 9.09 -2.65 -0.26
CA ILE A 26 8.28 -2.59 0.95
C ILE A 26 8.28 -4.01 1.53
N PHE A 27 8.99 -4.18 2.67
CA PHE A 27 9.02 -5.51 3.28
C PHE A 27 7.77 -5.73 4.12
N GLN A 28 6.65 -5.96 3.44
CA GLN A 28 5.39 -6.16 4.13
C GLN A 28 5.36 -7.60 4.66
N THR A 29 6.08 -7.84 5.76
CA THR A 29 6.25 -9.19 6.31
C THR A 29 6.24 -9.10 7.82
N SER A 30 5.87 -10.19 8.48
CA SER A 30 5.98 -10.20 9.91
C SER A 30 7.34 -10.84 10.24
N THR A 31 7.61 -12.00 9.66
CA THR A 31 8.79 -12.78 10.04
C THR A 31 9.79 -13.02 8.88
N PHE A 32 10.95 -13.55 9.25
CA PHE A 32 12.04 -13.86 8.33
C PHE A 32 12.49 -15.31 8.56
N CYS A 33 13.06 -15.93 7.52
CA CYS A 33 13.48 -17.33 7.52
C CYS A 33 14.90 -17.49 8.01
N PHE A 34 15.18 -18.61 8.68
CA PHE A 34 16.55 -18.94 9.11
C PHE A 34 17.15 -20.01 8.20
N ASP A 35 18.44 -19.86 7.88
CA ASP A 35 19.16 -20.90 7.11
C ASP A 35 19.37 -22.19 7.88
N SER A 36 19.36 -22.07 9.21
CA SER A 36 19.82 -23.11 10.14
C SER A 36 19.47 -22.65 11.55
N THR A 37 19.39 -23.58 12.49
CA THR A 37 19.12 -23.19 13.89
C THR A 37 20.24 -22.30 14.48
N GLN A 38 21.50 -22.62 14.17
CA GLN A 38 22.66 -21.80 14.58
C GLN A 38 22.58 -20.35 14.07
N GLN A 39 22.26 -20.20 12.79
CA GLN A 39 22.17 -18.88 12.18
C GLN A 39 21.08 -18.03 12.86
N GLY A 40 19.94 -18.67 13.17
CA GLY A 40 18.84 -18.04 13.92
C GLY A 40 19.20 -17.74 15.37
N ALA A 41 19.85 -18.71 16.02
CA ALA A 41 20.28 -18.54 17.40
C ALA A 41 21.23 -17.35 17.53
N ASP A 42 22.20 -17.29 16.62
CA ASP A 42 23.18 -16.20 16.51
C ASP A 42 22.55 -14.81 16.35
N LEU A 43 21.55 -14.68 15.46
CA LEU A 43 20.90 -13.40 15.22
C LEU A 43 20.26 -12.91 16.50
N PHE A 44 19.64 -13.85 17.23
CA PHE A 44 19.06 -13.57 18.55
C PHE A 44 20.06 -13.11 19.62
N MET A 45 21.34 -13.46 19.44
CA MET A 45 22.45 -13.02 20.30
C MET A 45 23.14 -11.76 19.73
N GLY A 46 22.61 -11.21 18.63
CA GLY A 46 23.22 -10.05 17.98
C GLY A 46 24.46 -10.42 17.18
N LYS A 47 24.60 -11.70 16.85
CA LYS A 47 25.75 -12.19 16.10
C LYS A 47 25.35 -12.38 14.62
N GLY A 48 26.10 -11.74 13.73
CA GLY A 48 25.88 -11.87 12.29
C GLY A 48 24.90 -10.85 11.75
N GLU A 49 24.78 -10.81 10.43
CA GLU A 49 23.86 -9.90 9.74
C GLU A 49 22.60 -10.61 9.26
N GLY A 50 21.47 -9.92 9.36
CA GLY A 50 20.21 -10.50 8.96
C GLY A 50 19.04 -10.09 9.83
N HIS A 51 17.87 -10.66 9.56
CA HIS A 51 16.64 -10.21 10.20
C HIS A 51 15.90 -11.38 10.86
N ILE A 52 15.01 -11.06 11.80
CA ILE A 52 14.32 -12.10 12.57
C ILE A 52 12.79 -11.95 12.46
N TYR A 53 12.32 -10.73 12.72
CA TYR A 53 10.93 -10.42 12.98
C TYR A 53 10.81 -8.90 12.96
N SER A 54 9.81 -8.41 12.23
CA SER A 54 9.71 -6.97 11.96
C SER A 54 9.67 -6.08 13.21
N ARG A 55 9.07 -6.56 14.31
CA ARG A 55 9.13 -5.76 15.56
C ARG A 55 10.58 -5.49 16.03
N LEU A 56 11.49 -6.47 15.83
CA LEU A 56 12.93 -6.31 16.16
C LEU A 56 13.66 -5.50 15.08
N GLY A 57 13.28 -5.68 13.82
CA GLY A 57 13.91 -4.93 12.76
C GLY A 57 13.33 -5.29 11.39
N ASN A 58 12.95 -4.24 10.65
CA ASN A 58 12.39 -4.41 9.30
C ASN A 58 13.25 -3.65 8.29
N PRO A 59 13.59 -4.28 7.14
CA PRO A 59 14.51 -3.60 6.20
C PRO A 59 14.01 -2.21 5.73
N THR A 60 12.73 -2.09 5.42
CA THR A 60 12.21 -0.86 4.90
C THR A 60 12.27 0.22 5.97
N VAL A 61 11.89 -0.13 7.19
CA VAL A 61 11.95 0.78 8.30
C VAL A 61 13.39 1.22 8.60
N GLU A 62 14.29 0.25 8.69
CA GLU A 62 15.72 0.50 8.84
C GLU A 62 16.32 1.49 7.83
N GLN A 63 15.91 1.40 6.56
CA GLN A 63 16.29 2.38 5.54
C GLN A 63 15.85 3.82 5.90
N PHE A 64 14.63 3.94 6.39
CA PHE A 64 14.14 5.24 6.83
C PHE A 64 14.97 5.67 8.05
N GLU A 65 15.23 4.73 8.97
CA GLU A 65 16.04 5.09 10.14
C GLU A 65 17.41 5.62 9.72
N GLU A 66 18.06 4.96 8.74
CA GLU A 66 19.40 5.40 8.23
C GLU A 66 19.33 6.79 7.64
N MET A 67 18.28 7.09 6.90
CA MET A 67 18.14 8.46 6.33
C MET A 67 18.13 9.51 7.49
N VAL A 68 17.30 9.26 8.51
CA VAL A 68 17.21 10.24 9.63
C VAL A 68 18.56 10.37 10.38
N CYS A 69 19.16 9.23 10.67
CA CYS A 69 20.42 9.16 11.38
C CYS A 69 21.46 10.00 10.63
N SER A 70 21.47 9.93 9.30
CA SER A 70 22.45 10.65 8.49
C SER A 70 22.20 12.15 8.54
N ILE A 71 20.97 12.61 8.68
CA ILE A 71 20.84 14.05 8.73
C ILE A 71 21.05 14.58 10.16
N GLU A 72 20.76 13.76 11.18
CA GLU A 72 20.88 14.19 12.61
C GLU A 72 22.34 14.12 13.06
N GLY A 73 23.13 13.31 12.39
CA GLY A 73 24.51 13.11 12.83
C GLY A 73 24.53 12.21 14.06
N ALA A 74 23.67 11.21 14.10
CA ALA A 74 23.49 10.40 15.27
C ALA A 74 24.26 9.07 15.21
N ALA A 75 24.25 8.31 16.32
CA ALA A 75 24.84 6.97 16.35
C ALA A 75 23.81 5.96 15.79
N GLY A 76 22.51 6.22 15.95
CA GLY A 76 21.46 5.39 15.37
C GLY A 76 20.12 6.12 15.52
N SER A 77 19.11 5.67 14.78
CA SER A 77 17.77 6.20 14.87
C SER A 77 16.80 5.04 14.99
N ALA A 78 15.66 5.31 15.62
CA ALA A 78 14.58 4.33 15.81
C ALA A 78 13.27 4.98 15.33
N ALA A 79 12.55 4.32 14.42
CA ALA A 79 11.27 4.81 13.93
C ALA A 79 10.16 4.24 14.80
N PHE A 80 9.01 4.93 14.86
CA PHE A 80 7.89 4.56 15.73
C PHE A 80 6.58 4.81 14.98
N GLY A 81 5.49 4.24 15.51
CA GLY A 81 4.15 4.45 15.00
C GLY A 81 3.62 5.87 15.12
N SER A 82 4.27 6.73 15.91
CA SER A 82 3.82 8.11 16.05
C SER A 82 4.92 8.91 16.74
N GLY A 83 4.89 10.24 16.65
CA GLY A 83 5.71 11.10 17.49
C GLY A 83 5.56 10.77 18.97
N MET A 84 4.32 10.52 19.40
CA MET A 84 4.10 10.17 20.80
C MET A 84 4.84 8.89 21.17
N GLY A 85 4.94 7.94 20.23
CA GLY A 85 5.65 6.69 20.47
C GLY A 85 7.14 7.00 20.61
N ALA A 86 7.65 7.90 19.77
CA ALA A 86 9.05 8.34 19.90
C ALA A 86 9.30 9.06 21.24
N ILE A 87 8.36 9.89 21.67
CA ILE A 87 8.48 10.63 22.95
C ILE A 87 8.45 9.72 24.21
N SER A 88 7.44 8.86 24.28
CA SER A 88 7.37 7.81 25.29
C SER A 88 8.64 6.98 25.41
N SER A 89 9.15 6.54 24.26
CA SER A 89 10.31 5.62 24.24
C SER A 89 11.62 6.34 24.46
N SER A 90 11.68 7.65 24.26
CA SER A 90 12.90 8.40 24.51
C SER A 90 12.95 8.90 25.96
N THR A 91 11.85 8.78 26.70
CA THR A 91 11.82 9.25 28.06
C THR A 91 11.67 8.05 29.01
N LEU A 92 10.62 7.24 28.82
CA LEU A 92 10.38 6.10 29.71
C LEU A 92 11.37 4.92 29.54
N ALA A 93 12.16 4.95 28.47
CA ALA A 93 13.23 3.96 28.36
C ALA A 93 14.38 4.28 29.33
N PHE A 94 14.42 5.50 29.85
CA PHE A 94 15.48 5.87 30.81
C PHE A 94 15.01 6.22 32.22
N LEU A 95 13.83 6.84 32.32
CA LEU A 95 13.37 7.31 33.63
C LEU A 95 12.73 6.16 34.39
N GLN A 96 13.06 6.06 35.67
CA GLN A 96 12.44 5.09 36.51
C GLN A 96 11.99 5.74 37.82
N LYS A 97 11.23 4.99 38.61
CA LYS A 97 10.71 5.48 39.85
C LYS A 97 11.85 6.14 40.66
N GLY A 98 11.58 7.32 41.18
CA GLY A 98 12.60 8.03 41.97
C GLY A 98 13.41 9.07 41.19
N ASP A 99 13.40 8.99 39.83
CA ASP A 99 14.08 9.99 38.99
C ASP A 99 13.24 11.27 38.88
N HIS A 100 13.91 12.35 38.49
CA HIS A 100 13.24 13.62 38.26
C HIS A 100 13.45 14.06 36.80
N LEU A 101 12.38 14.59 36.21
CA LEU A 101 12.39 15.18 34.89
C LEU A 101 12.10 16.68 34.98
N ILE A 102 12.89 17.48 34.29
CA ILE A 102 12.54 18.90 34.06
C ILE A 102 12.10 18.97 32.62
N ALA A 103 10.92 19.52 32.34
CA ALA A 103 10.45 19.70 30.95
C ALA A 103 9.99 21.14 30.73
N GLY A 104 10.03 21.58 29.48
CA GLY A 104 9.46 22.89 29.13
C GLY A 104 8.00 23.01 29.58
N ASP A 105 7.59 24.23 29.91
CA ASP A 105 6.20 24.47 30.29
C ASP A 105 5.28 24.63 29.10
N THR A 106 5.82 24.68 27.89
CA THR A 106 4.97 24.86 26.72
C THR A 106 5.35 23.77 25.80
N LEU A 107 4.50 22.77 25.73
CA LEU A 107 4.75 21.57 24.97
C LEU A 107 3.50 21.23 24.25
N TYR A 108 3.65 20.48 23.17
CA TYR A 108 2.54 19.79 22.54
C TYR A 108 1.59 19.16 23.60
N GLY A 109 0.28 19.29 23.35
CA GLY A 109 -0.74 18.93 24.33
C GLY A 109 -0.61 17.51 24.88
N CYS A 110 -0.38 16.52 24.01
CA CYS A 110 -0.33 15.12 24.45
C CYS A 110 1.01 14.81 25.14
N THR A 111 2.05 15.61 24.90
CA THR A 111 3.27 15.48 25.68
C THR A 111 2.99 15.98 27.13
N VAL A 112 2.27 17.10 27.23
CA VAL A 112 1.83 17.55 28.56
C VAL A 112 1.05 16.41 29.22
N SER A 113 0.13 15.78 28.48
CA SER A 113 -0.65 14.69 29.03
C SER A 113 0.24 13.52 29.51
N LEU A 114 1.22 13.12 28.70
CA LEU A 114 2.14 12.04 29.05
C LEU A 114 2.93 12.35 30.33
N PHE A 115 3.48 13.55 30.43
CA PHE A 115 4.42 13.90 31.51
C PHE A 115 3.65 14.14 32.80
N THR A 116 2.42 14.57 32.64
CA THR A 116 1.61 15.09 33.72
C THR A 116 0.66 14.03 34.29
N HIS A 117 0.21 13.12 33.43
CA HIS A 117 -0.67 12.05 33.89
C HIS A 117 0.03 10.68 34.06
N TRP A 118 0.81 10.26 33.06
CA TRP A 118 1.39 8.92 33.12
C TRP A 118 2.70 8.84 33.89
N LEU A 119 3.65 9.74 33.65
CA LEU A 119 4.91 9.64 34.40
C LEU A 119 4.75 9.57 35.92
N PRO A 120 3.94 10.48 36.55
CA PRO A 120 3.78 10.41 38.01
C PRO A 120 3.19 9.11 38.49
N ARG A 121 2.39 8.45 37.66
CA ARG A 121 1.82 7.16 38.03
C ARG A 121 2.93 6.11 38.09
N PHE A 122 4.05 6.35 37.40
CA PHE A 122 5.21 5.45 37.44
C PHE A 122 6.33 5.89 38.41
N GLY A 123 6.01 6.81 39.32
CA GLY A 123 6.91 7.20 40.39
C GLY A 123 7.98 8.20 39.93
N ILE A 124 7.77 8.76 38.75
CA ILE A 124 8.69 9.72 38.19
C ILE A 124 8.22 11.12 38.57
N GLU A 125 9.12 11.91 39.14
CA GLU A 125 8.83 13.29 39.53
C GLU A 125 9.06 14.20 38.33
N VAL A 126 8.11 15.10 38.08
CA VAL A 126 8.12 15.97 36.91
C VAL A 126 7.86 17.42 37.30
N ASP A 127 8.66 18.33 36.77
CA ASP A 127 8.40 19.75 36.89
C ASP A 127 8.40 20.40 35.50
N LEU A 128 7.32 21.07 35.14
CA LEU A 128 7.29 21.87 33.92
C LEU A 128 7.79 23.29 34.22
N ILE A 129 8.82 23.72 33.51
CA ILE A 129 9.65 24.87 33.90
C ILE A 129 9.75 25.80 32.69
N ASP A 130 9.87 27.10 32.93
CA ASP A 130 10.13 27.97 31.80
C ASP A 130 11.57 27.76 31.32
N THR A 131 11.76 26.94 30.29
CA THR A 131 13.11 26.61 29.84
C THR A 131 13.76 27.65 28.92
N SER A 132 13.07 28.77 28.69
CA SER A 132 13.68 29.90 28.03
C SER A 132 14.62 30.62 28.99
N ASP A 133 14.60 30.25 30.28
CA ASP A 133 15.53 30.85 31.24
C ASP A 133 16.38 29.79 31.93
N VAL A 134 17.66 29.73 31.57
CA VAL A 134 18.60 28.72 32.10
C VAL A 134 18.62 28.71 33.66
N GLU A 135 18.55 29.89 34.27
CA GLU A 135 18.57 30.03 35.71
C GLU A 135 17.38 29.35 36.38
N LYS A 136 16.25 29.35 35.71
CA LYS A 136 15.06 28.70 36.22
C LYS A 136 15.23 27.18 36.10
N VAL A 137 15.85 26.74 35.02
CA VAL A 137 16.22 25.32 34.90
C VAL A 137 17.15 24.90 36.05
N LYS A 138 18.18 25.72 36.30
CA LYS A 138 19.11 25.41 37.38
C LYS A 138 18.40 25.46 38.74
N ALA A 139 17.54 26.46 38.94
CA ALA A 139 16.81 26.59 40.21
C ALA A 139 15.93 25.35 40.49
N ALA A 140 15.45 24.71 39.42
CA ALA A 140 14.55 23.53 39.51
C ALA A 140 15.32 22.21 39.64
N TRP A 141 16.63 22.28 39.56
CA TRP A 141 17.46 21.04 39.58
C TRP A 141 17.53 20.41 40.98
N LYS A 142 17.51 19.08 41.04
CA LYS A 142 17.55 18.31 42.29
C LYS A 142 18.61 17.20 42.17
N PRO A 143 19.02 16.61 43.33
CA PRO A 143 20.05 15.56 43.22
C PRO A 143 19.63 14.41 42.33
N ASN A 144 18.32 14.21 42.15
CA ASN A 144 17.82 13.06 41.40
C ASN A 144 17.35 13.46 40.00
N THR A 145 17.65 14.69 39.55
CA THR A 145 17.32 15.08 38.18
C THR A 145 18.12 14.20 37.19
N LYS A 146 17.45 13.51 36.27
CA LYS A 146 18.09 12.57 35.31
C LYS A 146 17.88 12.98 33.85
N MET A 147 16.95 13.91 33.64
CA MET A 147 16.61 14.27 32.26
C MET A 147 16.05 15.69 32.17
N VAL A 148 16.39 16.37 31.08
CA VAL A 148 15.68 17.63 30.74
C VAL A 148 15.12 17.39 29.36
N TYR A 149 13.86 17.78 29.16
CA TYR A 149 13.15 17.57 27.88
C TYR A 149 12.67 18.90 27.36
N LEU A 150 13.06 19.23 26.14
CA LEU A 150 12.76 20.55 25.56
C LEU A 150 12.09 20.42 24.21
N GLU A 151 11.22 21.38 23.90
CA GLU A 151 10.66 21.55 22.56
C GLU A 151 11.01 22.98 22.26
N SER A 152 11.73 23.24 21.20
CA SER A 152 12.04 24.64 20.87
C SER A 152 12.21 24.75 19.35
N PRO A 153 11.55 25.72 18.71
CA PRO A 153 10.47 26.57 19.24
C PRO A 153 9.29 25.72 19.69
N ALA A 154 8.62 26.11 20.78
CA ALA A 154 7.54 25.31 21.36
C ALA A 154 6.25 25.31 20.53
N ASN A 155 5.50 24.23 20.60
CA ASN A 155 4.20 24.13 19.93
C ASN A 155 3.16 24.53 20.97
N PRO A 156 2.36 25.61 20.74
CA PRO A 156 2.26 26.38 19.51
C PRO A 156 2.83 27.79 19.57
N THR A 157 3.33 28.24 20.71
CA THR A 157 3.70 29.68 20.84
C THR A 157 5.08 30.03 20.24
N CYS A 158 5.83 29.03 19.80
CA CYS A 158 7.19 29.26 19.28
C CYS A 158 8.23 29.74 20.31
N LYS A 159 7.87 29.65 21.59
CA LYS A 159 8.80 30.01 22.64
C LYS A 159 10.13 29.28 22.46
N VAL A 160 11.21 30.03 22.55
CA VAL A 160 12.55 29.51 22.24
C VAL A 160 13.29 29.21 23.54
N SER A 161 13.94 28.05 23.61
CA SER A 161 14.80 27.71 24.74
C SER A 161 16.24 27.69 24.31
N ASP A 162 17.13 28.05 25.23
CA ASP A 162 18.56 28.04 24.98
C ASP A 162 19.06 26.61 25.10
N ILE A 163 19.13 25.89 23.98
CA ILE A 163 19.42 24.47 24.00
C ILE A 163 20.88 24.22 24.44
N LYS A 164 21.79 25.01 23.85
CA LYS A 164 23.22 24.97 24.16
C LYS A 164 23.45 25.24 25.63
N GLY A 165 22.91 26.33 26.16
CA GLY A 165 23.11 26.67 27.54
C GLY A 165 22.59 25.60 28.47
N ILE A 166 21.45 25.05 28.15
CA ILE A 166 20.87 24.04 29.03
C ILE A 166 21.68 22.72 28.94
N ALA A 167 22.21 22.43 27.74
CA ALA A 167 23.08 21.26 27.53
C ALA A 167 24.30 21.24 28.45
N VAL A 168 24.96 22.39 28.60
CA VAL A 168 26.11 22.52 29.49
C VAL A 168 25.74 21.97 30.89
N VAL A 169 24.56 22.38 31.39
CA VAL A 169 24.13 22.01 32.72
C VAL A 169 23.83 20.50 32.78
N CYS A 170 23.05 19.98 31.84
CA CYS A 170 22.86 18.56 31.76
C CYS A 170 24.21 17.81 31.76
N HIS A 171 25.17 18.27 30.96
CA HIS A 171 26.41 17.52 30.82
C HIS A 171 27.19 17.55 32.14
N GLU A 172 27.15 18.68 32.85
CA GLU A 172 27.90 18.80 34.10
C GLU A 172 27.28 17.98 35.23
N ARG A 173 25.99 17.68 35.13
CA ARG A 173 25.27 17.09 36.26
C ARG A 173 24.80 15.67 36.01
N GLY A 174 25.08 15.11 34.85
CA GLY A 174 24.73 13.72 34.59
C GLY A 174 23.26 13.54 34.20
N ALA A 175 22.67 14.55 33.54
CA ALA A 175 21.29 14.39 32.99
C ALA A 175 21.33 14.30 31.45
N ARG A 176 20.43 13.50 30.88
CA ARG A 176 20.23 13.47 29.41
C ARG A 176 19.40 14.64 28.99
N LEU A 177 19.74 15.23 27.86
CA LEU A 177 18.97 16.31 27.27
C LEU A 177 18.28 15.74 26.02
N VAL A 178 16.95 15.79 26.01
CA VAL A 178 16.16 15.22 24.92
C VAL A 178 15.44 16.42 24.27
N VAL A 179 15.52 16.57 22.93
CA VAL A 179 14.90 17.71 22.25
C VAL A 179 13.91 17.22 21.20
N ASP A 180 12.67 17.73 21.27
CA ASP A 180 11.67 17.51 20.23
C ASP A 180 11.86 18.63 19.19
N ALA A 181 12.40 18.28 18.02
CA ALA A 181 12.73 19.25 16.96
C ALA A 181 11.67 19.26 15.80
N THR A 182 10.51 18.66 16.07
CA THR A 182 9.44 18.51 15.11
C THR A 182 9.14 19.82 14.34
N PHE A 183 9.09 20.94 15.06
CA PHE A 183 8.57 22.22 14.50
C PHE A 183 9.50 22.84 13.48
N THR A 184 10.76 22.41 13.51
CA THR A 184 11.81 23.01 12.67
C THR A 184 12.39 22.06 11.60
N SER A 185 12.32 20.74 11.86
CA SER A 185 12.90 19.71 10.99
C SER A 185 14.40 19.64 11.15
N PRO A 186 15.01 18.48 10.83
CA PRO A 186 16.44 18.33 10.94
C PRO A 186 17.22 19.08 9.89
N CYS A 187 16.58 19.68 8.88
CA CYS A 187 17.35 20.58 7.99
C CYS A 187 17.86 21.81 8.71
N PHE A 188 17.08 22.29 9.69
CA PHE A 188 17.36 23.58 10.34
C PHE A 188 17.74 23.52 11.79
N LEU A 189 17.38 22.43 12.47
CA LEU A 189 17.68 22.28 13.89
C LEU A 189 18.33 20.91 14.09
N LYS A 190 19.58 20.89 14.56
CA LYS A 190 20.27 19.61 14.80
C LYS A 190 20.69 19.54 16.25
N PRO A 191 19.81 19.00 17.11
CA PRO A 191 20.07 19.17 18.55
C PRO A 191 21.32 18.43 19.04
N LEU A 192 21.65 17.31 18.40
CA LEU A 192 22.93 16.62 18.68
C LEU A 192 24.15 17.48 18.42
N GLU A 193 24.06 18.45 17.51
CA GLU A 193 25.16 19.42 17.38
C GLU A 193 25.16 20.48 18.48
N LEU A 194 24.05 20.66 19.18
CA LEU A 194 23.98 21.71 20.20
C LEU A 194 24.23 21.14 21.61
N GLY A 195 24.53 19.83 21.71
CA GLY A 195 24.71 19.18 23.00
C GLY A 195 23.58 18.27 23.49
N ALA A 196 22.48 18.13 22.75
CA ALA A 196 21.43 17.16 23.17
C ALA A 196 21.96 15.72 23.09
N ASP A 197 21.41 14.86 23.92
CA ASP A 197 21.71 13.44 23.82
C ASP A 197 20.75 12.73 22.85
N ILE A 198 19.54 13.24 22.73
CA ILE A 198 18.52 12.62 21.90
C ILE A 198 17.75 13.71 21.17
N ALA A 199 17.53 13.50 19.87
CA ALA A 199 16.75 14.42 19.05
C ALA A 199 15.59 13.60 18.49
N LEU A 200 14.37 14.10 18.61
CA LEU A 200 13.23 13.33 18.12
C LEU A 200 12.25 14.20 17.32
N HIS A 201 11.41 13.56 16.53
CA HIS A 201 10.46 14.22 15.66
C HIS A 201 9.17 13.44 15.60
N SER A 202 8.07 14.18 15.52
CA SER A 202 6.92 13.65 14.87
C SER A 202 7.19 13.70 13.36
N VAL A 203 7.41 12.53 12.76
CA VAL A 203 7.62 12.39 11.32
C VAL A 203 6.32 12.70 10.58
N SER A 204 5.20 12.65 11.30
CA SER A 204 3.88 13.00 10.80
C SER A 204 3.83 14.42 10.23
N LYS A 205 4.76 15.26 10.66
CA LYS A 205 4.76 16.65 10.21
C LYS A 205 5.68 16.83 8.99
N TYR A 206 6.75 17.65 9.11
CA TYR A 206 7.61 18.01 7.97
C TYR A 206 8.34 16.83 7.36
N ILE A 207 8.90 15.91 8.16
CA ILE A 207 9.79 14.91 7.56
C ILE A 207 9.05 14.11 6.46
N ASN A 208 7.87 13.60 6.78
CA ASN A 208 7.08 12.96 5.75
C ASN A 208 6.47 14.02 4.84
N GLY A 209 5.89 15.09 5.44
CA GLY A 209 5.54 16.29 4.69
C GLY A 209 4.24 16.21 3.87
N HIS A 210 3.64 15.01 3.74
CA HIS A 210 2.54 14.82 2.76
C HIS A 210 1.23 14.55 3.46
N GLY A 211 1.22 14.72 4.77
CA GLY A 211 -0.05 14.61 5.53
C GLY A 211 -0.75 13.25 5.39
N ASP A 212 -0.01 12.19 5.10
CA ASP A 212 -0.69 10.91 4.91
C ASP A 212 -0.12 9.78 5.75
N VAL A 213 0.73 10.13 6.71
CA VAL A 213 1.32 9.15 7.61
C VAL A 213 1.42 9.73 9.01
N ILE A 214 1.14 8.87 10.00
CA ILE A 214 1.51 9.18 11.37
C ILE A 214 2.77 8.37 11.72
N GLY A 215 3.81 9.02 12.21
CA GLY A 215 4.98 8.26 12.60
C GLY A 215 5.88 9.10 13.48
N GLY A 216 6.88 8.47 14.09
CA GLY A 216 7.84 9.18 14.87
C GLY A 216 9.26 8.66 14.69
N VAL A 217 10.22 9.46 15.10
CA VAL A 217 11.60 9.00 15.04
C VAL A 217 12.36 9.59 16.21
N SER A 218 13.35 8.85 16.68
CA SER A 218 14.25 9.34 17.71
C SER A 218 15.67 8.93 17.39
N SER A 219 16.61 9.84 17.60
CA SER A 219 18.02 9.58 17.27
C SER A 219 18.88 9.89 18.50
N ALA A 220 19.86 9.03 18.76
CA ALA A 220 20.67 9.19 19.99
C ALA A 220 22.10 9.40 19.60
N LYS A 221 22.81 10.20 20.40
CA LYS A 221 24.22 10.47 20.19
C LYS A 221 25.14 9.22 20.38
N THR A 222 24.65 8.27 21.16
CA THR A 222 25.45 7.13 21.67
C THR A 222 24.80 5.80 21.22
N ALA A 223 25.62 4.82 20.86
CA ALA A 223 25.11 3.53 20.43
C ALA A 223 24.33 2.87 21.57
N GLU A 224 24.78 3.09 22.79
CA GLU A 224 24.13 2.51 23.94
C GLU A 224 22.69 3.06 24.14
N ASP A 225 22.52 4.37 23.96
CA ASP A 225 21.21 5.00 24.16
C ASP A 225 20.26 4.57 23.06
N ILE A 226 20.73 4.51 21.80
CA ILE A 226 19.81 4.05 20.75
C ILE A 226 19.41 2.57 20.96
N ALA A 227 20.36 1.75 21.46
CA ALA A 227 20.06 0.35 21.77
C ALA A 227 19.01 0.23 22.91
N THR A 228 19.14 1.07 23.92
CA THR A 228 18.16 1.12 25.02
C THR A 228 16.77 1.54 24.51
N ILE A 229 16.72 2.58 23.68
CA ILE A 229 15.48 3.03 23.06
C ILE A 229 14.80 1.90 22.28
N LYS A 230 15.58 1.19 21.44
CA LYS A 230 15.04 0.08 20.64
C LYS A 230 14.63 -1.12 21.51
N PHE A 231 15.34 -1.32 22.60
CA PHE A 231 14.96 -2.34 23.58
C PHE A 231 13.59 -2.00 24.21
N TYR A 232 13.39 -0.75 24.57
CA TYR A 232 12.10 -0.30 25.06
C TYR A 232 10.99 -0.49 24.02
N ARG A 233 11.27 -0.04 22.78
CA ARG A 233 10.36 -0.19 21.65
C ARG A 233 9.91 -1.62 21.43
N LYS A 234 10.79 -2.61 21.66
CA LYS A 234 10.35 -3.96 21.33
C LYS A 234 9.36 -4.47 22.39
N ASP A 235 9.37 -3.85 23.57
CA ASP A 235 8.51 -4.27 24.67
C ASP A 235 7.23 -3.43 24.71
N ALA A 236 7.35 -2.14 24.40
CA ALA A 236 6.22 -1.19 24.40
C ALA A 236 5.46 -1.18 23.08
N GLY A 237 6.15 -1.54 21.99
CA GLY A 237 5.50 -1.93 20.74
C GLY A 237 4.98 -0.85 19.80
N SER A 238 5.49 0.39 19.90
CA SER A 238 5.14 1.41 18.93
C SER A 238 6.01 1.36 17.69
N LEU A 239 5.48 0.80 16.61
CA LEU A 239 6.29 0.50 15.45
C LEU A 239 5.83 1.26 14.22
N MET A 240 6.80 1.57 13.36
CA MET A 240 6.47 2.11 12.05
C MET A 240 6.18 0.92 11.13
N ALA A 241 4.99 0.94 10.52
CA ALA A 241 4.66 -0.11 9.54
C ALA A 241 5.55 0.03 8.29
N PRO A 242 5.85 -1.11 7.63
CA PRO A 242 6.61 -1.08 6.38
C PRO A 242 6.04 -0.11 5.37
N MET A 243 4.73 -0.12 5.13
CA MET A 243 4.19 0.78 4.11
C MET A 243 4.46 2.24 4.50
N ASP A 244 4.31 2.57 5.81
CA ASP A 244 4.43 3.93 6.30
C ASP A 244 5.90 4.39 6.19
N ALA A 245 6.82 3.47 6.47
CA ALA A 245 8.26 3.71 6.29
C ALA A 245 8.62 4.00 4.84
N PHE A 246 8.04 3.24 3.94
CA PHE A 246 8.22 3.48 2.53
C PHE A 246 7.75 4.90 2.18
N LEU A 247 6.57 5.30 2.67
CA LEU A 247 6.05 6.66 2.42
C LEU A 247 6.89 7.72 3.10
N CYS A 248 7.36 7.47 4.32
CA CYS A 248 8.12 8.52 5.01
C CYS A 248 9.46 8.69 4.31
N ALA A 249 10.08 7.58 3.86
CA ALA A 249 11.39 7.74 3.14
C ALA A 249 11.18 8.53 1.82
N ARG A 250 10.09 8.21 1.14
CA ARG A 250 9.75 8.88 -0.11
C ARG A 250 9.48 10.38 0.16
N GLY A 251 8.70 10.69 1.19
CA GLY A 251 8.47 12.12 1.52
C GLY A 251 9.78 12.80 1.85
N MET A 252 10.65 12.09 2.56
CA MET A 252 11.90 12.70 2.99
C MET A 252 12.83 13.00 1.78
N LYS A 253 12.63 12.30 0.65
CA LYS A 253 13.47 12.59 -0.55
C LYS A 253 13.37 14.06 -0.96
N THR A 254 12.25 14.74 -0.67
CA THR A 254 12.11 16.18 -1.01
C THR A 254 12.15 17.10 0.21
N LEU A 255 12.58 16.59 1.34
CA LEU A 255 12.55 17.40 2.58
C LEU A 255 13.38 18.70 2.44
N PRO A 256 14.63 18.62 1.91
CA PRO A 256 15.40 19.89 1.91
C PRO A 256 14.75 21.01 1.07
N ILE A 257 14.29 20.67 -0.14
CA ILE A 257 13.68 21.68 -0.99
C ILE A 257 12.32 22.13 -0.42
N ARG A 258 11.54 21.20 0.14
CA ARG A 258 10.28 21.60 0.78
C ARG A 258 10.53 22.59 1.95
N MET A 259 11.50 22.25 2.81
CA MET A 259 11.82 23.12 3.96
C MET A 259 12.26 24.50 3.55
N GLN A 260 12.96 24.58 2.42
CA GLN A 260 13.50 25.88 1.96
C GLN A 260 12.29 26.75 1.60
N ILE A 261 11.34 26.14 0.92
CA ILE A 261 10.13 26.87 0.52
C ILE A 261 9.21 27.19 1.73
N HIS A 262 9.01 26.21 2.62
CA HIS A 262 8.32 26.42 3.90
C HIS A 262 8.95 27.59 4.65
N MET A 263 10.28 27.59 4.80
CA MET A 263 10.92 28.66 5.56
C MET A 263 10.61 30.01 4.93
N GLU A 264 10.87 30.17 3.63
CA GLU A 264 10.68 31.45 2.93
C GLU A 264 9.19 31.88 2.97
N ASN A 265 8.26 30.98 2.66
CA ASN A 265 6.84 31.30 2.65
C ASN A 265 6.41 31.76 4.05
N GLY A 266 6.85 31.02 5.08
CA GLY A 266 6.42 31.32 6.44
C GLY A 266 6.89 32.69 6.90
N LEU A 267 8.10 33.08 6.55
CA LEU A 267 8.60 34.39 6.94
C LEU A 267 7.83 35.52 6.23
N LYS A 268 7.52 35.30 4.96
CA LYS A 268 6.79 36.28 4.20
C LYS A 268 5.36 36.39 4.72
N VAL A 269 4.73 35.27 5.06
CA VAL A 269 3.34 35.33 5.62
C VAL A 269 3.40 36.02 6.98
N ALA A 270 4.37 35.64 7.82
CA ALA A 270 4.52 36.33 9.09
C ALA A 270 4.70 37.85 8.97
N LYS A 271 5.49 38.33 7.99
CA LYS A 271 5.73 39.77 7.86
C LYS A 271 4.46 40.48 7.36
N PHE A 272 3.71 39.80 6.50
CA PHE A 272 2.43 40.31 6.03
C PHE A 272 1.45 40.46 7.23
N LEU A 273 1.35 39.43 8.04
CA LEU A 273 0.44 39.48 9.18
C LEU A 273 0.90 40.53 10.17
N GLU A 274 2.21 40.58 10.44
CA GLU A 274 2.77 41.55 11.37
C GLU A 274 2.41 42.98 11.07
N GLN A 275 2.33 43.33 9.78
CA GLN A 275 2.07 44.72 9.42
C GLN A 275 0.57 44.96 9.18
N HIS A 276 -0.25 43.93 9.35
CA HIS A 276 -1.68 44.07 9.08
C HIS A 276 -2.46 44.65 10.30
N GLU A 277 -3.37 45.59 10.06
CA GLU A 277 -4.20 46.26 11.12
C GLU A 277 -4.95 45.31 12.05
N LYS A 278 -5.46 44.22 11.51
CA LYS A 278 -6.24 43.26 12.28
C LYS A 278 -5.38 42.42 13.25
N ILE A 279 -4.06 42.39 13.02
CA ILE A 279 -3.21 41.49 13.74
C ILE A 279 -2.52 42.22 14.88
N VAL A 280 -2.63 41.68 16.08
CA VAL A 280 -2.11 42.33 17.26
C VAL A 280 -0.62 42.03 17.41
N LYS A 281 -0.25 40.77 17.15
CA LYS A 281 1.09 40.27 17.40
C LYS A 281 1.29 39.00 16.56
N VAL A 282 2.55 38.73 16.18
CA VAL A 282 2.91 37.52 15.43
C VAL A 282 4.08 36.84 16.15
N ASN A 283 3.88 35.55 16.51
CA ASN A 283 4.94 34.78 17.18
C ASN A 283 5.67 33.92 16.16
N HIS A 284 6.57 34.50 15.38
CA HIS A 284 7.41 33.69 14.50
C HIS A 284 8.87 33.95 14.94
N PRO A 285 9.66 32.89 15.25
CA PRO A 285 11.01 33.11 15.84
C PRO A 285 12.04 33.75 14.89
N GLY A 286 11.69 33.90 13.62
CA GLY A 286 12.52 34.57 12.61
C GLY A 286 12.27 36.07 12.51
N LEU A 287 11.27 36.57 13.24
CA LEU A 287 10.99 38.03 13.28
C LEU A 287 11.88 38.71 14.27
N GLU A 288 12.47 39.83 13.91
CA GLU A 288 13.25 40.58 14.87
C GLU A 288 12.48 41.01 16.13
N SER A 289 11.15 41.15 16.03
CA SER A 289 10.33 41.54 17.18
C SER A 289 10.22 40.37 18.16
N PHE A 290 10.54 39.15 17.77
CA PHE A 290 10.21 38.02 18.64
C PHE A 290 11.26 37.79 19.76
N PRO A 291 10.82 37.70 21.04
CA PRO A 291 11.79 37.46 22.12
C PRO A 291 12.43 36.11 21.91
N GLY A 292 13.76 36.04 21.97
CA GLY A 292 14.39 34.74 21.65
C GLY A 292 14.71 34.55 20.17
N HIS A 293 14.37 35.54 19.34
CA HIS A 293 14.90 35.54 17.99
C HIS A 293 16.44 35.38 17.93
N ASP A 294 17.15 35.99 18.87
CA ASP A 294 18.61 36.00 18.83
C ASP A 294 19.14 34.59 19.12
N ILE A 295 18.54 33.89 20.09
CA ILE A 295 18.91 32.49 20.36
C ILE A 295 18.57 31.61 19.17
N ALA A 296 17.36 31.79 18.61
CA ALA A 296 16.93 30.94 17.47
C ALA A 296 17.83 31.08 16.23
N LYS A 297 18.23 32.32 15.92
CA LYS A 297 19.09 32.55 14.74
C LYS A 297 20.49 32.01 14.94
N LYS A 298 21.00 31.96 16.16
CA LYS A 298 22.31 31.37 16.40
C LYS A 298 22.33 29.84 16.43
N GLN A 299 21.27 29.23 16.93
CA GLN A 299 21.29 27.79 17.23
C GLN A 299 20.61 26.96 16.13
N MET A 300 19.88 27.64 15.25
CA MET A 300 19.25 26.96 14.11
C MET A 300 19.77 27.60 12.84
N THR A 301 19.43 26.98 11.73
CA THR A 301 20.07 27.29 10.49
C THR A 301 18.88 27.67 9.54
N GLY A 302 17.68 27.74 10.13
CA GLY A 302 16.47 28.11 9.42
C GLY A 302 15.27 28.07 10.37
N TYR A 303 14.07 28.15 9.80
CA TYR A 303 12.86 28.18 10.60
C TYR A 303 11.83 27.31 9.91
N GLY A 304 11.04 26.58 10.70
CA GLY A 304 9.84 25.93 10.18
C GLY A 304 8.83 27.03 9.85
N SER A 305 7.66 26.64 9.36
CA SER A 305 6.69 27.63 8.91
C SER A 305 5.35 27.53 9.65
N THR A 306 5.40 26.95 10.84
CA THR A 306 4.25 26.92 11.70
C THR A 306 4.42 27.92 12.82
N PHE A 307 3.42 28.78 12.99
CA PHE A 307 3.56 29.80 14.01
C PHE A 307 2.18 30.35 14.35
N LEU A 308 2.14 31.17 15.35
CA LEU A 308 0.91 31.61 15.91
C LEU A 308 0.80 33.13 15.80
N PHE A 309 -0.41 33.65 15.68
CA PHE A 309 -0.63 35.09 15.70
C PHE A 309 -1.87 35.43 16.52
N GLU A 310 -1.95 36.67 16.98
CA GLU A 310 -3.03 37.14 17.85
C GLU A 310 -3.99 38.06 17.11
N MET A 311 -5.28 37.68 17.07
CA MET A 311 -6.33 38.55 16.54
C MET A 311 -6.85 39.46 17.67
N LYS A 312 -7.77 40.37 17.36
CA LYS A 312 -8.26 41.28 18.39
C LYS A 312 -9.34 40.64 19.25
N SER A 313 -9.86 39.49 18.81
CA SER A 313 -10.96 38.85 19.54
C SER A 313 -11.14 37.45 19.06
N PHE A 314 -11.79 36.63 19.87
CA PHE A 314 -12.10 35.28 19.45
C PHE A 314 -13.03 35.31 18.20
N GLU A 315 -13.97 36.26 18.16
CA GLU A 315 -14.87 36.38 17.02
C GLU A 315 -14.12 36.70 15.74
N ALA A 316 -13.14 37.58 15.85
CA ALA A 316 -12.28 37.92 14.70
C ALA A 316 -11.49 36.70 14.22
N ALA A 317 -11.06 35.86 15.16
CA ALA A 317 -10.22 34.71 14.83
C ALA A 317 -11.06 33.69 14.09
N LYS A 318 -12.28 33.50 14.54
CA LYS A 318 -13.22 32.56 13.93
C LYS A 318 -13.63 33.04 12.55
N LYS A 319 -13.84 34.34 12.38
CA LYS A 319 -14.18 34.91 11.05
C LYS A 319 -13.06 34.71 10.01
N LEU A 320 -11.84 34.99 10.43
CA LEU A 320 -10.66 34.67 9.62
C LEU A 320 -10.61 33.16 9.28
N MET A 321 -10.59 32.32 10.31
CA MET A 321 -10.39 30.86 10.10
C MET A 321 -11.45 30.23 9.20
N GLU A 322 -12.68 30.71 9.27
CA GLU A 322 -13.80 30.12 8.53
C GLU A 322 -14.00 30.69 7.13
N HIS A 323 -13.13 31.60 6.69
CA HIS A 323 -13.41 32.25 5.40
C HIS A 323 -12.22 32.19 4.44
N LEU A 324 -11.41 31.15 4.60
CA LEU A 324 -10.26 30.93 3.77
C LEU A 324 -10.59 29.90 2.70
N LYS A 325 -9.94 30.01 1.55
CA LYS A 325 -10.19 29.09 0.45
C LYS A 325 -8.98 28.23 0.15
N VAL A 326 -7.80 28.73 0.48
CA VAL A 326 -6.59 28.00 0.26
C VAL A 326 -6.18 27.31 1.57
N CYS A 327 -6.02 28.04 2.67
CA CYS A 327 -5.76 27.39 3.95
C CYS A 327 -6.88 26.40 4.31
N THR A 328 -6.52 25.26 4.92
CA THR A 328 -7.54 24.30 5.38
C THR A 328 -7.64 24.27 6.90
N LEU A 329 -8.86 24.38 7.43
CA LEU A 329 -9.12 24.33 8.87
C LEU A 329 -8.97 22.88 9.38
N ALA A 330 -7.92 22.64 10.14
CA ALA A 330 -7.52 21.29 10.55
C ALA A 330 -6.33 21.40 11.48
N VAL A 331 -6.20 20.42 12.37
CA VAL A 331 -5.00 20.32 13.22
C VAL A 331 -3.88 19.61 12.42
N SER A 332 -2.71 19.47 13.05
CA SER A 332 -1.49 18.98 12.42
C SER A 332 -0.78 20.12 11.71
N LEU A 333 0.38 19.82 11.13
CA LEU A 333 1.21 20.91 10.57
C LEU A 333 2.30 20.28 9.71
N GLY A 334 3.03 21.11 8.99
CA GLY A 334 4.20 20.63 8.21
C GLY A 334 3.81 19.88 6.94
N CYS A 335 2.57 20.04 6.46
CA CYS A 335 2.11 19.44 5.20
CA CYS A 335 2.16 19.40 5.21
C CYS A 335 2.48 20.38 4.07
N VAL A 336 2.45 19.86 2.84
CA VAL A 336 2.72 20.69 1.67
C VAL A 336 1.64 21.79 1.48
N ASP A 337 0.41 21.51 1.93
CA ASP A 337 -0.65 22.52 1.82
C ASP A 337 -0.88 23.19 3.18
N THR A 338 -1.37 24.44 3.16
CA THR A 338 -1.42 25.28 4.35
C THR A 338 -2.58 24.90 5.26
N LEU A 339 -2.27 24.74 6.55
CA LEU A 339 -3.27 24.42 7.55
C LEU A 339 -3.39 25.53 8.57
N ILE A 340 -4.57 25.60 9.19
CA ILE A 340 -4.80 26.60 10.19
C ILE A 340 -5.71 26.00 11.29
N GLU A 341 -5.52 26.43 12.54
CA GLU A 341 -6.31 25.92 13.68
C GLU A 341 -6.32 26.91 14.86
N HIS A 342 -7.16 26.58 15.83
CA HIS A 342 -7.40 27.41 17.01
C HIS A 342 -6.94 26.66 18.26
N PRO A 343 -5.70 26.93 18.73
CA PRO A 343 -5.11 26.14 19.81
C PRO A 343 -6.02 26.04 21.04
N ALA A 344 -6.68 27.15 21.39
CA ALA A 344 -7.42 27.22 22.62
C ALA A 344 -8.53 26.17 22.68
N SER A 345 -9.13 25.84 21.53
CA SER A 345 -10.30 24.94 21.50
C SER A 345 -10.03 23.63 20.76
N MET A 346 -8.79 23.44 20.33
CA MET A 346 -8.40 22.27 19.53
C MET A 346 -7.11 21.56 20.04
N THR A 347 -5.92 21.88 19.53
CA THR A 347 -4.70 21.11 19.88
C THR A 347 -4.28 21.17 21.33
N HIS A 348 -4.67 22.25 21.99
CA HIS A 348 -4.35 22.51 23.40
C HIS A 348 -5.58 22.60 24.30
N ALA A 349 -6.75 22.21 23.80
CA ALA A 349 -7.98 22.28 24.62
C ALA A 349 -8.01 21.30 25.84
N ALA A 350 -7.19 20.25 25.79
CA ALA A 350 -7.04 19.30 26.92
C ALA A 350 -5.97 19.70 27.97
N VAL A 351 -5.22 20.76 27.66
CA VAL A 351 -4.18 21.25 28.57
C VAL A 351 -4.80 21.90 29.82
N PRO A 352 -4.51 21.31 31.02
CA PRO A 352 -5.02 21.82 32.30
C PRO A 352 -4.85 23.34 32.42
N GLU A 353 -5.86 23.99 32.98
CA GLU A 353 -5.97 25.45 32.97
C GLU A 353 -4.75 26.23 33.50
N ASN A 354 -4.08 25.69 34.52
CA ASN A 354 -2.88 26.34 35.11
C ASN A 354 -1.67 26.38 34.14
N ILE A 355 -1.55 25.33 33.35
CA ILE A 355 -0.48 25.20 32.37
C ILE A 355 -0.81 26.07 31.13
N MET A 356 -2.08 26.07 30.73
CA MET A 356 -2.53 26.84 29.57
C MET A 356 -2.40 28.37 29.73
N ARG A 357 -2.45 28.84 30.97
CA ARG A 357 -2.20 30.28 31.20
C ARG A 357 -0.73 30.59 31.39
N LYS A 358 0.02 29.64 31.95
CA LYS A 358 1.47 29.73 31.94
C LYS A 358 2.03 29.63 30.49
N GLN A 359 1.33 28.87 29.63
CA GLN A 359 1.71 28.76 28.21
C GLN A 359 1.37 30.02 27.41
N GLY A 360 0.47 30.85 27.93
CA GLY A 360 0.00 32.04 27.23
C GLY A 360 -0.95 31.77 26.06
N ILE A 361 -1.75 30.70 26.14
CA ILE A 361 -2.73 30.36 25.08
C ILE A 361 -4.11 30.97 25.42
N THR A 362 -4.56 31.89 24.56
CA THR A 362 -5.82 32.62 24.75
C THR A 362 -6.76 32.38 23.54
N PRO A 363 -8.07 32.69 23.68
CA PRO A 363 -8.91 32.41 22.51
C PRO A 363 -8.67 33.33 21.31
N GLU A 364 -7.84 34.36 21.48
CA GLU A 364 -7.55 35.25 20.35
C GLU A 364 -6.48 34.67 19.42
N LEU A 365 -5.87 33.54 19.78
CA LEU A 365 -4.69 33.08 19.05
C LEU A 365 -5.07 32.11 17.96
N VAL A 366 -4.47 32.28 16.78
CA VAL A 366 -4.63 31.37 15.65
C VAL A 366 -3.25 30.82 15.26
N ARG A 367 -3.14 29.52 15.04
CA ARG A 367 -1.89 28.91 14.57
C ARG A 367 -2.00 28.56 13.10
N ILE A 368 -0.97 28.90 12.32
CA ILE A 368 -0.99 28.59 10.89
C ILE A 368 0.23 27.77 10.54
N SER A 369 0.05 26.80 9.66
CA SER A 369 1.16 25.98 9.21
C SER A 369 1.33 26.21 7.73
N VAL A 370 2.24 27.10 7.37
CA VAL A 370 2.29 27.56 6.00
C VAL A 370 2.91 26.47 5.11
N GLY A 371 2.22 26.11 4.02
CA GLY A 371 2.71 25.11 3.10
C GLY A 371 3.57 25.68 1.97
N ILE A 372 3.66 24.91 0.89
CA ILE A 372 4.51 25.29 -0.24
C ILE A 372 3.74 25.83 -1.46
N GLU A 373 2.43 26.11 -1.28
CA GLU A 373 1.70 26.89 -2.30
C GLU A 373 2.45 28.20 -2.64
N ASN A 374 2.14 28.78 -3.77
CA ASN A 374 2.72 30.08 -4.09
C ASN A 374 2.33 31.06 -2.97
N VAL A 375 3.33 31.75 -2.43
CA VAL A 375 3.15 32.58 -1.25
C VAL A 375 2.18 33.74 -1.47
N ASP A 376 2.19 34.32 -2.67
CA ASP A 376 1.23 35.37 -3.02
C ASP A 376 -0.24 34.90 -2.98
N ASP A 377 -0.49 33.64 -3.39
CA ASP A 377 -1.82 33.02 -3.27
C ASP A 377 -2.25 32.86 -1.79
N ILE A 378 -1.30 32.48 -0.93
CA ILE A 378 -1.56 32.30 0.49
C ILE A 378 -1.84 33.64 1.09
N ILE A 379 -1.00 34.62 0.78
CA ILE A 379 -1.20 35.96 1.33
C ILE A 379 -2.54 36.55 0.83
N ALA A 380 -2.89 36.35 -0.43
CA ALA A 380 -4.13 36.91 -0.93
C ALA A 380 -5.36 36.26 -0.27
N ASP A 381 -5.25 34.98 0.12
CA ASP A 381 -6.34 34.25 0.77
C ASP A 381 -6.53 34.82 2.17
N LEU A 382 -5.44 35.06 2.90
CA LEU A 382 -5.53 35.67 4.23
C LEU A 382 -6.06 37.11 4.14
N LYS A 383 -5.54 37.85 3.18
CA LYS A 383 -5.91 39.24 3.04
C LYS A 383 -7.41 39.39 2.76
N GLN A 384 -7.96 38.55 1.86
CA GLN A 384 -9.39 38.67 1.54
C GLN A 384 -10.29 38.37 2.75
N ALA A 385 -9.93 37.37 3.53
CA ALA A 385 -10.67 37.01 4.76
C ALA A 385 -10.53 38.10 5.83
N LEU A 386 -9.34 38.67 5.98
CA LEU A 386 -9.14 39.76 6.94
C LEU A 386 -9.89 41.01 6.53
N GLU A 387 -10.21 41.14 5.25
CA GLU A 387 -10.85 42.35 4.80
C GLU A 387 -12.36 42.21 4.57
N LEU A 388 -12.93 41.12 5.08
CA LEU A 388 -14.34 40.87 4.91
C LEU A 388 -15.22 41.94 5.49
N TRP A 389 -16.34 42.16 4.81
CA TRP A 389 -17.47 42.90 5.34
C TRP A 389 -17.76 42.50 6.79
N ALA B 3 1.83 -36.86 -4.89
CA ALA B 3 1.63 -35.54 -5.56
C ALA B 3 1.18 -34.49 -4.54
N GLN B 4 2.09 -33.57 -4.24
CA GLN B 4 1.81 -32.47 -3.33
C GLN B 4 0.44 -31.85 -3.68
N ASP B 5 -0.36 -31.53 -2.67
CA ASP B 5 -1.70 -30.94 -2.88
C ASP B 5 -1.63 -29.46 -3.27
N ILE B 6 -2.64 -29.02 -4.03
CA ILE B 6 -2.73 -27.64 -4.53
C ILE B 6 -2.65 -26.58 -3.43
N THR B 7 -3.26 -26.87 -2.28
CA THR B 7 -3.20 -25.98 -1.13
C THR B 7 -1.74 -25.73 -0.74
N THR B 8 -0.97 -26.80 -0.64
CA THR B 8 0.47 -26.74 -0.30
C THR B 8 1.26 -25.99 -1.37
N THR B 9 0.95 -26.32 -2.62
CA THR B 9 1.64 -25.70 -3.75
C THR B 9 1.47 -24.16 -3.75
N LEU B 10 0.26 -23.69 -3.55
CA LEU B 10 -0.01 -22.25 -3.53
C LEU B 10 0.65 -21.56 -2.32
N LEU B 11 0.82 -22.31 -1.24
CA LEU B 11 1.38 -21.80 0.00
C LEU B 11 2.89 -21.87 -0.05
N HIS B 12 3.44 -22.70 -0.96
CA HIS B 12 4.88 -22.86 -1.08
C HIS B 12 5.41 -22.66 -2.50
N PRO B 13 5.23 -21.45 -3.04
CA PRO B 13 5.59 -21.19 -4.43
C PRO B 13 7.12 -21.27 -4.64
N LYS B 14 7.53 -21.61 -5.86
CA LYS B 14 8.94 -21.66 -6.27
C LYS B 14 9.57 -20.28 -6.21
N GLY B 15 10.89 -20.23 -6.08
CA GLY B 15 11.62 -18.97 -6.04
C GLY B 15 12.34 -18.82 -4.71
N ASP B 16 13.43 -18.07 -4.73
CA ASP B 16 14.13 -17.84 -3.47
C ASP B 16 13.44 -16.69 -2.73
N HIS B 17 13.65 -16.65 -1.42
CA HIS B 17 13.26 -15.53 -0.61
C HIS B 17 14.15 -14.33 -0.94
N VAL B 18 13.57 -13.14 -0.76
CA VAL B 18 14.33 -11.89 -0.85
C VAL B 18 14.74 -11.46 0.56
N LEU B 19 16.06 -11.30 0.79
CA LEU B 19 16.59 -11.02 2.11
C LEU B 19 15.96 -11.86 3.25
N HIS B 20 15.73 -13.16 3.01
CA HIS B 20 15.16 -14.06 4.00
C HIS B 20 13.75 -13.70 4.44
N SER B 21 13.13 -12.73 3.77
CA SER B 21 11.77 -12.32 4.13
C SER B 21 10.81 -13.47 3.90
N HIS B 22 9.94 -13.74 4.86
CA HIS B 22 8.95 -14.81 4.72
C HIS B 22 7.87 -14.45 3.68
N ALA B 23 7.21 -13.30 3.87
CA ALA B 23 6.26 -12.82 2.87
C ALA B 23 7.10 -12.25 1.72
N TYR B 24 6.67 -12.45 0.48
CA TYR B 24 7.39 -11.91 -0.66
C TYR B 24 7.23 -10.39 -0.69
N PRO B 25 8.34 -9.62 -0.77
CA PRO B 25 8.29 -8.15 -0.74
C PRO B 25 7.49 -7.51 -1.86
N ILE B 26 7.01 -6.30 -1.61
CA ILE B 26 6.32 -5.53 -2.65
C ILE B 26 7.35 -4.67 -3.37
N PHE B 27 7.63 -5.02 -4.64
CA PHE B 27 8.62 -4.25 -5.41
C PHE B 27 7.98 -3.05 -6.07
N GLN B 28 7.68 -2.03 -5.24
CA GLN B 28 7.09 -0.77 -5.68
C GLN B 28 8.20 0.07 -6.28
N THR B 29 8.61 -0.34 -7.48
CA THR B 29 9.68 0.37 -8.18
C THR B 29 9.34 0.41 -9.67
N SER B 30 9.84 1.40 -10.36
CA SER B 30 9.76 1.37 -11.82
C SER B 30 10.96 0.70 -12.41
N THR B 31 12.17 1.11 -12.03
CA THR B 31 13.36 0.64 -12.70
C THR B 31 14.26 -0.19 -11.78
N PHE B 32 15.29 -0.80 -12.36
CA PHE B 32 16.28 -1.60 -11.66
C PHE B 32 17.65 -1.14 -12.08
N CYS B 33 18.64 -1.29 -11.21
CA CYS B 33 20.03 -0.87 -11.43
C CYS B 33 20.82 -1.95 -12.14
N PHE B 34 21.81 -1.54 -12.94
CA PHE B 34 22.71 -2.48 -13.54
C PHE B 34 24.09 -2.42 -12.89
N ASP B 35 24.80 -3.54 -12.93
CA ASP B 35 26.13 -3.64 -12.36
C ASP B 35 27.16 -3.04 -13.29
N SER B 36 26.83 -2.99 -14.59
CA SER B 36 27.80 -2.64 -15.65
C SER B 36 27.02 -2.47 -16.92
N THR B 37 27.61 -1.79 -17.88
CA THR B 37 26.99 -1.67 -19.19
C THR B 37 26.65 -3.05 -19.80
N GLN B 38 27.62 -3.97 -19.71
CA GLN B 38 27.50 -5.27 -20.35
C GLN B 38 26.38 -6.06 -19.71
N GLN B 39 26.27 -5.98 -18.40
CA GLN B 39 25.16 -6.63 -17.69
C GLN B 39 23.77 -6.08 -18.12
N GLY B 40 23.62 -4.76 -18.21
CA GLY B 40 22.37 -4.16 -18.70
C GLY B 40 22.08 -4.60 -20.15
N ALA B 41 23.07 -4.43 -21.02
CA ALA B 41 22.96 -4.89 -22.41
C ALA B 41 22.59 -6.38 -22.52
N ASP B 42 23.29 -7.25 -21.78
CA ASP B 42 22.93 -8.65 -21.77
C ASP B 42 21.45 -8.89 -21.41
N LEU B 43 20.97 -8.22 -20.36
CA LEU B 43 19.58 -8.34 -19.98
C LEU B 43 18.64 -7.88 -21.07
N PHE B 44 18.97 -6.82 -21.79
CA PHE B 44 18.10 -6.39 -22.88
C PHE B 44 18.04 -7.43 -24.01
N MET B 45 19.11 -8.21 -24.14
CA MET B 45 19.18 -9.30 -25.13
C MET B 45 18.63 -10.63 -24.62
N GLY B 46 18.09 -10.63 -23.38
CA GLY B 46 17.59 -11.86 -22.74
C GLY B 46 18.64 -12.83 -22.19
N LYS B 47 19.88 -12.34 -22.01
CA LYS B 47 21.02 -13.14 -21.49
C LYS B 47 21.19 -12.84 -20.00
N GLY B 48 21.29 -13.88 -19.17
CA GLY B 48 21.51 -13.69 -17.74
C GLY B 48 20.22 -13.54 -16.99
N GLU B 49 20.30 -13.40 -15.66
CA GLU B 49 19.10 -13.33 -14.81
C GLU B 49 19.06 -11.95 -14.19
N GLY B 50 17.85 -11.44 -14.02
CA GLY B 50 17.71 -10.11 -13.51
C GLY B 50 16.54 -9.37 -14.09
N HIS B 51 16.46 -8.09 -13.76
CA HIS B 51 15.31 -7.29 -14.07
C HIS B 51 15.82 -5.98 -14.65
N ILE B 52 14.95 -5.29 -15.36
CA ILE B 52 15.28 -4.06 -16.05
C ILE B 52 14.31 -2.97 -15.65
N TYR B 53 13.02 -3.24 -15.83
CA TYR B 53 12.01 -2.19 -15.73
C TYR B 53 10.67 -2.90 -15.50
N SER B 54 9.86 -2.40 -14.55
CA SER B 54 8.65 -3.17 -14.14
C SER B 54 7.67 -3.50 -15.26
N ARG B 55 7.58 -2.67 -16.30
CA ARG B 55 6.74 -3.02 -17.43
C ARG B 55 7.22 -4.32 -18.13
N LEU B 56 8.54 -4.51 -18.19
CA LEU B 56 9.10 -5.73 -18.77
C LEU B 56 9.00 -6.87 -17.76
N GLY B 57 9.08 -6.55 -16.46
CA GLY B 57 9.13 -7.59 -15.48
C GLY B 57 9.38 -7.06 -14.08
N ASN B 58 8.45 -7.39 -13.19
CA ASN B 58 8.49 -7.01 -11.78
C ASN B 58 8.47 -8.27 -10.90
N PRO B 59 9.39 -8.36 -9.94
CA PRO B 59 9.44 -9.65 -9.20
C PRO B 59 8.15 -9.99 -8.43
N THR B 60 7.48 -9.00 -7.85
CA THR B 60 6.25 -9.29 -7.12
C THR B 60 5.16 -9.84 -8.06
N VAL B 61 5.06 -9.22 -9.23
CA VAL B 61 4.10 -9.64 -10.24
C VAL B 61 4.47 -11.03 -10.74
N GLU B 62 5.75 -11.24 -11.07
CA GLU B 62 6.23 -12.54 -11.54
C GLU B 62 5.93 -13.67 -10.55
N GLN B 63 5.98 -13.36 -9.26
CA GLN B 63 5.64 -14.32 -8.22
C GLN B 63 4.15 -14.77 -8.34
N PHE B 64 3.24 -13.80 -8.50
CA PHE B 64 1.83 -14.11 -8.75
C PHE B 64 1.68 -14.89 -10.05
N GLU B 65 2.40 -14.49 -11.09
CA GLU B 65 2.40 -15.24 -12.35
C GLU B 65 2.78 -16.74 -12.17
N GLU B 66 3.81 -16.99 -11.35
CA GLU B 66 4.30 -18.34 -11.07
C GLU B 66 3.21 -19.18 -10.44
N MET B 67 2.50 -18.60 -9.46
CA MET B 67 1.39 -19.26 -8.75
C MET B 67 0.30 -19.74 -9.69
N VAL B 68 -0.11 -18.86 -10.58
CA VAL B 68 -1.15 -19.16 -11.55
C VAL B 68 -0.65 -20.21 -12.52
N CYS B 69 0.57 -20.03 -13.03
CA CYS B 69 1.17 -20.99 -13.95
C CYS B 69 1.24 -22.41 -13.32
N SER B 70 1.56 -22.49 -12.02
CA SER B 70 1.57 -23.80 -11.34
C SER B 70 0.18 -24.46 -11.35
N ILE B 71 -0.89 -23.71 -11.07
CA ILE B 71 -2.23 -24.34 -11.03
C ILE B 71 -2.80 -24.68 -12.42
N GLU B 72 -2.46 -23.88 -13.43
CA GLU B 72 -2.95 -24.12 -14.79
C GLU B 72 -2.20 -25.25 -15.52
N GLY B 73 -1.01 -25.60 -15.04
CA GLY B 73 -0.11 -26.49 -15.77
C GLY B 73 0.40 -25.84 -17.06
N ALA B 74 0.63 -24.52 -17.02
CA ALA B 74 1.03 -23.78 -18.24
C ALA B 74 2.54 -23.75 -18.49
N ALA B 75 2.95 -23.27 -19.66
CA ALA B 75 4.35 -22.95 -19.92
C ALA B 75 4.73 -21.60 -19.28
N GLY B 76 3.77 -20.71 -19.09
CA GLY B 76 3.99 -19.39 -18.50
C GLY B 76 2.67 -18.66 -18.35
N SER B 77 2.63 -17.67 -17.47
CA SER B 77 1.46 -16.85 -17.29
C SER B 77 1.87 -15.38 -17.30
N ALA B 78 0.96 -14.52 -17.73
CA ALA B 78 1.17 -13.07 -17.74
C ALA B 78 0.02 -12.43 -16.94
N ALA B 79 0.36 -11.50 -16.05
CA ALA B 79 -0.61 -10.76 -15.25
C ALA B 79 -0.88 -9.39 -15.91
N PHE B 80 -2.09 -8.88 -15.78
CA PHE B 80 -2.51 -7.63 -16.39
C PHE B 80 -3.28 -6.78 -15.37
N GLY B 81 -3.53 -5.53 -15.73
CA GLY B 81 -4.29 -4.58 -14.91
C GLY B 81 -5.78 -4.88 -14.84
N SER B 82 -6.26 -5.78 -15.70
CA SER B 82 -7.70 -6.20 -15.66
C SER B 82 -7.90 -7.48 -16.43
N GLY B 83 -9.04 -8.13 -16.21
CA GLY B 83 -9.51 -9.19 -17.09
C GLY B 83 -9.62 -8.78 -18.55
N MET B 84 -10.13 -7.59 -18.82
CA MET B 84 -10.14 -7.08 -20.19
C MET B 84 -8.73 -6.97 -20.80
N GLY B 85 -7.75 -6.52 -20.02
CA GLY B 85 -6.35 -6.56 -20.49
C GLY B 85 -5.88 -7.98 -20.84
N ALA B 86 -6.24 -8.98 -20.03
CA ALA B 86 -5.85 -10.33 -20.37
C ALA B 86 -6.54 -10.77 -21.66
N ILE B 87 -7.82 -10.42 -21.79
CA ILE B 87 -8.60 -10.82 -22.97
C ILE B 87 -8.07 -10.16 -24.26
N SER B 88 -7.88 -8.85 -24.22
CA SER B 88 -7.32 -8.09 -25.33
C SER B 88 -5.98 -8.63 -25.75
N SER B 89 -5.11 -8.85 -24.77
CA SER B 89 -3.76 -9.36 -25.05
C SER B 89 -3.73 -10.84 -25.42
N SER B 90 -4.75 -11.61 -25.09
CA SER B 90 -4.75 -13.01 -25.50
C SER B 90 -5.34 -13.19 -26.89
N THR B 91 -5.98 -12.15 -27.40
CA THR B 91 -6.60 -12.23 -28.74
C THR B 91 -5.85 -11.38 -29.78
N LEU B 92 -5.67 -10.10 -29.51
CA LEU B 92 -5.04 -9.18 -30.45
C LEU B 92 -3.55 -9.36 -30.55
N ALA B 93 -2.98 -10.13 -29.62
CA ALA B 93 -1.58 -10.51 -29.78
C ALA B 93 -1.42 -11.48 -30.96
N PHE B 94 -2.52 -12.16 -31.36
CA PHE B 94 -2.44 -13.15 -32.42
C PHE B 94 -3.23 -12.79 -33.67
N LEU B 95 -4.44 -12.26 -33.48
CA LEU B 95 -5.30 -11.97 -34.63
C LEU B 95 -4.81 -10.71 -35.33
N GLN B 96 -4.91 -10.72 -36.65
CA GLN B 96 -4.57 -9.54 -37.44
C GLN B 96 -5.56 -9.41 -38.61
N LYS B 97 -5.49 -8.26 -39.28
CA LYS B 97 -6.32 -7.95 -40.44
C LYS B 97 -6.43 -9.17 -41.38
N GLY B 98 -7.65 -9.57 -41.69
CA GLY B 98 -7.87 -10.68 -42.62
C GLY B 98 -8.11 -12.00 -41.90
N ASP B 99 -7.86 -12.03 -40.59
CA ASP B 99 -8.11 -13.21 -39.76
C ASP B 99 -9.59 -13.25 -39.37
N HIS B 100 -10.06 -14.43 -39.02
CA HIS B 100 -11.44 -14.63 -38.59
C HIS B 100 -11.40 -15.29 -37.22
N LEU B 101 -12.29 -14.80 -36.35
CA LEU B 101 -12.48 -15.29 -34.99
C LEU B 101 -13.89 -15.83 -34.82
N ILE B 102 -13.99 -17.01 -34.22
CA ILE B 102 -15.28 -17.56 -33.81
C ILE B 102 -15.37 -17.40 -32.28
N ALA B 103 -16.39 -16.72 -31.79
CA ALA B 103 -16.55 -16.58 -30.34
C ALA B 103 -17.93 -17.05 -29.85
N GLY B 104 -18.01 -17.47 -28.60
CA GLY B 104 -19.29 -17.81 -27.98
C GLY B 104 -20.27 -16.66 -28.07
N ASP B 105 -21.56 -16.97 -28.21
CA ASP B 105 -22.58 -15.93 -28.35
C ASP B 105 -22.94 -15.31 -27.01
N THR B 106 -22.60 -15.99 -25.93
CA THR B 106 -22.87 -15.48 -24.60
C THR B 106 -21.55 -15.18 -23.90
N LEU B 107 -21.22 -13.90 -23.76
CA LEU B 107 -19.97 -13.50 -23.13
C LEU B 107 -20.22 -12.33 -22.21
N TYR B 108 -19.23 -12.06 -21.34
CA TYR B 108 -19.25 -10.83 -20.58
C TYR B 108 -19.47 -9.63 -21.50
N GLY B 109 -20.27 -8.67 -21.06
CA GLY B 109 -20.64 -7.51 -21.87
C GLY B 109 -19.45 -6.79 -22.50
N CYS B 110 -18.42 -6.49 -21.72
CA CYS B 110 -17.26 -5.83 -22.32
C CYS B 110 -16.48 -6.71 -23.30
N THR B 111 -16.53 -8.04 -23.14
CA THR B 111 -15.95 -8.93 -24.14
C THR B 111 -16.71 -8.78 -25.46
N VAL B 112 -18.04 -8.69 -25.39
CA VAL B 112 -18.86 -8.45 -26.59
C VAL B 112 -18.47 -7.12 -27.25
N SER B 113 -18.35 -6.07 -26.44
CA SER B 113 -17.94 -4.79 -26.94
C SER B 113 -16.52 -4.88 -27.62
N LEU B 114 -15.60 -5.63 -27.01
CA LEU B 114 -14.29 -5.79 -27.61
C LEU B 114 -14.42 -6.45 -29.00
N PHE B 115 -15.07 -7.60 -29.03
CA PHE B 115 -15.15 -8.41 -30.24
C PHE B 115 -15.94 -7.77 -31.37
N THR B 116 -16.88 -6.93 -30.98
CA THR B 116 -17.90 -6.43 -31.84
C THR B 116 -17.67 -4.98 -32.32
N HIS B 117 -16.96 -4.19 -31.51
CA HIS B 117 -16.68 -2.82 -31.89
C HIS B 117 -15.22 -2.67 -32.30
N TRP B 118 -14.31 -3.14 -31.46
CA TRP B 118 -12.89 -2.92 -31.70
C TRP B 118 -12.26 -3.84 -32.78
N LEU B 119 -12.42 -5.14 -32.65
CA LEU B 119 -11.80 -6.08 -33.60
C LEU B 119 -12.09 -5.80 -35.09
N PRO B 120 -13.36 -5.53 -35.46
CA PRO B 120 -13.64 -5.28 -36.88
C PRO B 120 -12.97 -4.00 -37.38
N ARG B 121 -12.80 -3.01 -36.51
CA ARG B 121 -12.01 -1.82 -36.86
C ARG B 121 -10.57 -2.21 -37.21
N PHE B 122 -10.08 -3.29 -36.63
CA PHE B 122 -8.71 -3.74 -36.92
C PHE B 122 -8.66 -4.78 -38.08
N GLY B 123 -9.75 -4.89 -38.83
CA GLY B 123 -9.79 -5.78 -40.00
C GLY B 123 -10.01 -7.23 -39.66
N ILE B 124 -10.36 -7.53 -38.41
CA ILE B 124 -10.58 -8.93 -38.00
C ILE B 124 -12.06 -9.29 -38.09
N GLU B 125 -12.39 -10.39 -38.76
CA GLU B 125 -13.79 -10.81 -38.91
C GLU B 125 -14.19 -11.63 -37.71
N VAL B 126 -15.38 -11.37 -37.18
CA VAL B 126 -15.85 -12.02 -35.97
C VAL B 126 -17.26 -12.59 -36.13
N ASP B 127 -17.43 -13.86 -35.76
CA ASP B 127 -18.75 -14.45 -35.68
C ASP B 127 -19.05 -14.95 -34.26
N LEU B 128 -20.17 -14.50 -33.72
CA LEU B 128 -20.63 -14.96 -32.43
C LEU B 128 -21.61 -16.11 -32.68
N ILE B 129 -21.25 -17.30 -32.21
CA ILE B 129 -22.05 -18.46 -32.52
C ILE B 129 -22.31 -19.28 -31.26
N ASP B 130 -23.31 -20.16 -31.31
CA ASP B 130 -23.67 -20.97 -30.13
C ASP B 130 -22.65 -22.09 -30.00
N THR B 131 -21.69 -21.91 -29.12
CA THR B 131 -20.59 -22.89 -28.98
C THR B 131 -20.94 -24.07 -28.07
N SER B 132 -22.19 -24.16 -27.59
CA SER B 132 -22.62 -25.37 -26.86
C SER B 132 -22.87 -26.53 -27.83
N ASP B 133 -22.84 -26.26 -29.12
CA ASP B 133 -23.02 -27.27 -30.17
C ASP B 133 -21.81 -27.25 -31.11
N VAL B 134 -20.98 -28.29 -31.01
CA VAL B 134 -19.73 -28.35 -31.76
C VAL B 134 -19.96 -28.24 -33.27
N GLU B 135 -20.98 -28.92 -33.78
CA GLU B 135 -21.33 -28.85 -35.21
C GLU B 135 -21.59 -27.42 -35.72
N LYS B 136 -22.11 -26.54 -34.87
CA LYS B 136 -22.28 -25.12 -35.21
C LYS B 136 -20.94 -24.42 -35.31
N VAL B 137 -19.97 -24.86 -34.53
CA VAL B 137 -18.59 -24.31 -34.64
C VAL B 137 -17.98 -24.73 -35.98
N LYS B 138 -18.15 -26.01 -36.32
CA LYS B 138 -17.69 -26.55 -37.58
C LYS B 138 -18.32 -25.83 -38.78
N ALA B 139 -19.61 -25.50 -38.70
CA ALA B 139 -20.31 -24.87 -39.82
C ALA B 139 -19.87 -23.42 -40.03
N ALA B 140 -19.53 -22.76 -38.93
CA ALA B 140 -19.12 -21.38 -38.95
C ALA B 140 -17.68 -21.23 -39.46
N TRP B 141 -16.95 -22.34 -39.53
CA TRP B 141 -15.54 -22.33 -39.92
C TRP B 141 -15.27 -21.81 -41.33
N LYS B 142 -14.18 -21.07 -41.48
CA LYS B 142 -13.77 -20.50 -42.77
C LYS B 142 -12.28 -20.78 -43.00
N PRO B 143 -11.77 -20.55 -44.23
CA PRO B 143 -10.34 -20.83 -44.46
C PRO B 143 -9.42 -19.95 -43.66
N ASN B 144 -9.91 -18.79 -43.22
CA ASN B 144 -9.09 -17.84 -42.47
C ASN B 144 -9.36 -17.83 -40.96
N THR B 145 -10.09 -18.84 -40.47
CA THR B 145 -10.37 -18.95 -39.05
C THR B 145 -9.08 -19.30 -38.29
N LYS B 146 -8.73 -18.45 -37.33
CA LYS B 146 -7.46 -18.56 -36.60
C LYS B 146 -7.64 -18.79 -35.10
N MET B 147 -8.86 -18.58 -34.63
CA MET B 147 -9.12 -18.68 -33.23
C MET B 147 -10.58 -19.02 -32.92
N VAL B 148 -10.75 -19.86 -31.89
CA VAL B 148 -12.03 -19.98 -31.18
C VAL B 148 -11.90 -19.44 -29.72
N TYR B 149 -12.73 -18.46 -29.38
CA TYR B 149 -12.76 -17.89 -28.02
C TYR B 149 -14.03 -18.34 -27.28
N LEU B 150 -13.88 -18.95 -26.11
CA LEU B 150 -15.05 -19.45 -25.32
C LEU B 150 -15.03 -18.95 -23.88
N GLU B 151 -16.21 -18.77 -23.28
CA GLU B 151 -16.40 -18.74 -21.81
C GLU B 151 -17.29 -19.91 -21.47
N SER B 152 -16.93 -20.68 -20.45
CA SER B 152 -17.77 -21.81 -20.09
C SER B 152 -17.54 -22.15 -18.63
N PRO B 153 -18.58 -22.06 -17.77
CA PRO B 153 -19.96 -21.62 -18.10
C PRO B 153 -20.00 -20.13 -18.40
N ALA B 154 -20.86 -19.75 -19.34
CA ALA B 154 -20.90 -18.38 -19.83
C ALA B 154 -21.47 -17.37 -18.83
N ASN B 155 -20.95 -16.14 -18.88
CA ASN B 155 -21.50 -15.06 -18.08
C ASN B 155 -22.63 -14.40 -18.91
N PRO B 156 -23.89 -14.44 -18.41
CA PRO B 156 -24.34 -14.77 -17.08
C PRO B 156 -25.23 -16.02 -16.99
N THR B 157 -25.69 -16.53 -18.13
CA THR B 157 -26.62 -17.67 -18.26
C THR B 157 -26.06 -19.05 -17.90
N CYS B 158 -24.75 -19.13 -17.73
CA CYS B 158 -24.03 -20.38 -17.39
C CYS B 158 -24.00 -21.42 -18.49
N LYS B 159 -24.25 -21.00 -19.73
CA LYS B 159 -24.29 -21.94 -20.85
C LYS B 159 -22.94 -22.63 -20.97
N VAL B 160 -22.97 -23.94 -21.19
CA VAL B 160 -21.76 -24.77 -21.20
C VAL B 160 -21.36 -25.16 -22.62
N SER B 161 -20.08 -24.99 -22.94
CA SER B 161 -19.54 -25.51 -24.20
C SER B 161 -18.63 -26.72 -23.97
N ASP B 162 -18.51 -27.57 -25.00
CA ASP B 162 -17.65 -28.75 -24.99
C ASP B 162 -16.25 -28.30 -25.39
N ILE B 163 -15.54 -27.72 -24.42
CA ILE B 163 -14.16 -27.29 -24.60
C ILE B 163 -13.29 -28.37 -25.25
N LYS B 164 -13.46 -29.61 -24.76
CA LYS B 164 -12.64 -30.72 -25.17
C LYS B 164 -12.89 -31.06 -26.65
N GLY B 165 -14.17 -31.18 -27.04
CA GLY B 165 -14.55 -31.36 -28.45
C GLY B 165 -14.15 -30.20 -29.37
N ILE B 166 -14.39 -28.97 -28.93
CA ILE B 166 -13.99 -27.81 -29.71
C ILE B 166 -12.47 -27.74 -29.88
N ALA B 167 -11.72 -28.18 -28.88
CA ALA B 167 -10.24 -28.22 -28.95
C ALA B 167 -9.70 -29.19 -30.03
N VAL B 168 -10.34 -30.35 -30.15
CA VAL B 168 -10.02 -31.29 -31.23
C VAL B 168 -10.14 -30.57 -32.59
N VAL B 169 -11.31 -30.00 -32.88
CA VAL B 169 -11.54 -29.22 -34.09
C VAL B 169 -10.44 -28.16 -34.30
N CYS B 170 -10.16 -27.36 -33.27
CA CYS B 170 -9.12 -26.34 -33.38
C CYS B 170 -7.76 -26.94 -33.75
N HIS B 171 -7.37 -28.01 -33.05
CA HIS B 171 -6.13 -28.74 -33.32
C HIS B 171 -6.08 -29.21 -34.78
N GLU B 172 -7.17 -29.86 -35.22
CA GLU B 172 -7.28 -30.40 -36.57
C GLU B 172 -7.12 -29.30 -37.63
N ARG B 173 -7.63 -28.11 -37.33
CA ARG B 173 -7.82 -27.11 -38.37
C ARG B 173 -6.88 -25.90 -38.29
N GLY B 174 -5.94 -25.94 -37.33
CA GLY B 174 -4.93 -24.88 -37.19
C GLY B 174 -5.42 -23.58 -36.57
N ALA B 175 -6.11 -23.68 -35.45
CA ALA B 175 -6.65 -22.52 -34.78
C ALA B 175 -6.34 -22.62 -33.29
N ARG B 176 -6.09 -21.49 -32.64
CA ARG B 176 -5.94 -21.45 -31.18
C ARG B 176 -7.29 -21.48 -30.51
N LEU B 177 -7.35 -22.20 -29.40
CA LEU B 177 -8.52 -22.19 -28.53
C LEU B 177 -8.17 -21.41 -27.23
N VAL B 178 -8.89 -20.30 -27.02
CA VAL B 178 -8.70 -19.42 -25.85
C VAL B 178 -9.94 -19.62 -24.97
N VAL B 179 -9.75 -19.84 -23.68
CA VAL B 179 -10.89 -20.08 -22.77
C VAL B 179 -10.79 -19.12 -21.59
N ASP B 180 -11.88 -18.39 -21.38
CA ASP B 180 -12.04 -17.53 -20.20
C ASP B 180 -12.70 -18.38 -19.13
N ALA B 181 -11.93 -18.72 -18.10
CA ALA B 181 -12.41 -19.65 -17.07
C ALA B 181 -12.71 -18.89 -15.77
N THR B 182 -12.93 -17.58 -15.89
CA THR B 182 -13.25 -16.71 -14.76
C THR B 182 -14.31 -17.29 -13.81
N PHE B 183 -15.42 -17.75 -14.38
CA PHE B 183 -16.59 -18.18 -13.57
C PHE B 183 -16.34 -19.42 -12.73
N THR B 184 -15.28 -20.16 -13.03
CA THR B 184 -15.08 -21.43 -12.36
C THR B 184 -13.84 -21.52 -11.50
N SER B 185 -12.84 -20.72 -11.87
CA SER B 185 -11.56 -20.64 -11.21
C SER B 185 -10.68 -21.82 -11.63
N PRO B 186 -9.34 -21.65 -11.53
CA PRO B 186 -8.45 -22.75 -11.93
C PRO B 186 -8.45 -23.95 -10.96
N CYS B 187 -9.15 -23.84 -9.83
CA CYS B 187 -9.31 -24.99 -8.95
C CYS B 187 -10.12 -26.06 -9.61
N PHE B 188 -11.15 -25.65 -10.36
CA PHE B 188 -12.16 -26.62 -10.90
C PHE B 188 -12.16 -26.75 -12.42
N LEU B 189 -11.59 -25.75 -13.12
CA LEU B 189 -11.54 -25.77 -14.57
C LEU B 189 -10.13 -25.43 -15.02
N LYS B 190 -9.50 -26.38 -15.73
CA LYS B 190 -8.15 -26.22 -16.24
C LYS B 190 -8.17 -26.46 -17.75
N PRO B 191 -8.47 -25.39 -18.52
CA PRO B 191 -8.69 -25.54 -19.95
C PRO B 191 -7.48 -26.12 -20.70
N LEU B 192 -6.26 -25.86 -20.22
CA LEU B 192 -5.08 -26.43 -20.89
C LEU B 192 -5.05 -27.96 -20.81
N GLU B 193 -5.62 -28.54 -19.75
CA GLU B 193 -5.82 -30.00 -19.67
C GLU B 193 -6.86 -30.50 -20.66
N LEU B 194 -7.74 -29.62 -21.14
CA LEU B 194 -8.79 -30.06 -22.06
C LEU B 194 -8.42 -29.82 -23.53
N GLY B 195 -7.23 -29.29 -23.78
CA GLY B 195 -6.74 -29.07 -25.12
C GLY B 195 -6.74 -27.62 -25.57
N ALA B 196 -7.07 -26.69 -24.67
CA ALA B 196 -7.03 -25.27 -25.01
C ALA B 196 -5.58 -24.81 -25.12
N ASP B 197 -5.38 -23.74 -25.86
CA ASP B 197 -4.06 -23.15 -26.04
C ASP B 197 -3.80 -22.07 -24.98
N ILE B 198 -4.86 -21.41 -24.56
CA ILE B 198 -4.74 -20.31 -23.62
C ILE B 198 -5.90 -20.38 -22.63
N ALA B 199 -5.59 -20.18 -21.35
CA ALA B 199 -6.59 -20.13 -20.30
C ALA B 199 -6.43 -18.81 -19.55
N LEU B 200 -7.52 -18.05 -19.41
CA LEU B 200 -7.40 -16.72 -18.81
C LEU B 200 -8.51 -16.47 -17.81
N HIS B 201 -8.27 -15.50 -16.91
CA HIS B 201 -9.23 -15.11 -15.87
C HIS B 201 -9.21 -13.62 -15.63
N SER B 202 -10.37 -13.09 -15.29
CA SER B 202 -10.42 -11.89 -14.48
C SER B 202 -10.05 -12.32 -13.04
N VAL B 203 -8.86 -11.94 -12.64
CA VAL B 203 -8.38 -12.17 -11.31
C VAL B 203 -9.22 -11.38 -10.29
N SER B 204 -9.85 -10.29 -10.76
CA SER B 204 -10.78 -9.50 -9.94
C SER B 204 -11.84 -10.34 -9.22
N LYS B 205 -12.09 -11.56 -9.69
CA LYS B 205 -13.17 -12.37 -9.16
C LYS B 205 -12.60 -13.36 -8.14
N TYR B 206 -12.74 -14.66 -8.40
CA TYR B 206 -12.46 -15.67 -7.40
C TYR B 206 -11.00 -15.75 -6.95
N ILE B 207 -10.09 -15.65 -7.92
CA ILE B 207 -8.68 -15.89 -7.68
C ILE B 207 -8.20 -14.94 -6.58
N ASN B 208 -8.47 -13.65 -6.76
CA ASN B 208 -8.18 -12.71 -5.67
C ASN B 208 -9.21 -12.90 -4.56
N GLY B 209 -10.51 -12.93 -4.94
CA GLY B 209 -11.61 -13.27 -4.04
C GLY B 209 -12.03 -12.34 -2.91
N HIS B 210 -11.33 -11.23 -2.72
CA HIS B 210 -11.66 -10.28 -1.64
C HIS B 210 -12.26 -8.92 -2.12
N GLY B 211 -12.62 -8.83 -3.41
CA GLY B 211 -13.32 -7.65 -3.94
C GLY B 211 -12.53 -6.35 -3.82
N ASP B 212 -11.21 -6.46 -3.81
CA ASP B 212 -10.46 -5.23 -3.56
C ASP B 212 -9.37 -4.97 -4.60
N VAL B 213 -9.42 -5.72 -5.70
CA VAL B 213 -8.44 -5.62 -6.79
C VAL B 213 -9.09 -5.91 -8.15
N ILE B 214 -8.69 -5.15 -9.17
CA ILE B 214 -8.97 -5.50 -10.58
C ILE B 214 -7.68 -5.99 -11.20
N GLY B 215 -7.74 -7.13 -11.87
CA GLY B 215 -6.58 -7.71 -12.57
C GLY B 215 -6.97 -8.86 -13.47
N GLY B 216 -6.07 -9.23 -14.38
CA GLY B 216 -6.30 -10.34 -15.27
C GLY B 216 -5.09 -11.23 -15.27
N VAL B 217 -5.24 -12.45 -15.76
CA VAL B 217 -4.09 -13.29 -15.97
C VAL B 217 -4.36 -14.15 -17.18
N SER B 218 -3.35 -14.36 -18.01
CA SER B 218 -3.46 -15.31 -19.12
C SER B 218 -2.34 -16.31 -19.07
N SER B 219 -2.63 -17.57 -19.37
CA SER B 219 -1.66 -18.68 -19.30
C SER B 219 -1.65 -19.47 -20.59
N ALA B 220 -0.46 -19.75 -21.13
CA ALA B 220 -0.36 -20.40 -22.45
C ALA B 220 0.24 -21.78 -22.33
N LYS B 221 -0.20 -22.68 -23.19
CA LYS B 221 0.40 -24.01 -23.28
C LYS B 221 1.87 -23.94 -23.72
N THR B 222 2.20 -23.08 -24.67
CA THR B 222 3.57 -23.06 -25.20
C THR B 222 4.36 -21.84 -24.74
N ALA B 223 5.66 -22.04 -24.57
CA ALA B 223 6.63 -20.96 -24.34
C ALA B 223 6.52 -19.83 -25.37
N GLU B 224 6.30 -20.17 -26.64
CA GLU B 224 6.24 -19.14 -27.67
C GLU B 224 4.99 -18.27 -27.57
N ASP B 225 3.85 -18.88 -27.24
CA ASP B 225 2.64 -18.10 -27.07
C ASP B 225 2.67 -17.15 -25.87
N ILE B 226 3.24 -17.59 -24.74
CA ILE B 226 3.27 -16.66 -23.60
C ILE B 226 4.31 -15.55 -23.83
N ALA B 227 5.34 -15.84 -24.62
CA ALA B 227 6.30 -14.80 -25.05
C ALA B 227 5.59 -13.74 -25.92
N THR B 228 4.71 -14.19 -26.82
CA THR B 228 4.00 -13.30 -27.72
C THR B 228 3.05 -12.43 -26.90
N ILE B 229 2.31 -13.06 -25.99
CA ILE B 229 1.41 -12.34 -25.10
C ILE B 229 2.14 -11.22 -24.32
N LYS B 230 3.30 -11.53 -23.73
CA LYS B 230 4.07 -10.54 -22.98
C LYS B 230 4.69 -9.45 -23.88
N PHE B 231 4.95 -9.81 -25.14
CA PHE B 231 5.43 -8.86 -26.11
C PHE B 231 4.32 -7.87 -26.45
N TYR B 232 3.09 -8.36 -26.60
CA TYR B 232 1.95 -7.51 -26.78
C TYR B 232 1.72 -6.65 -25.56
N ARG B 233 1.81 -7.25 -24.37
CA ARG B 233 1.60 -6.54 -23.10
C ARG B 233 2.58 -5.35 -22.94
N LYS B 234 3.84 -5.55 -23.36
CA LYS B 234 4.89 -4.53 -23.28
C LYS B 234 4.55 -3.24 -24.08
N ASP B 235 3.84 -3.42 -25.19
CA ASP B 235 3.42 -2.29 -26.03
C ASP B 235 1.99 -1.80 -25.72
N ALA B 236 1.12 -2.71 -25.33
CA ALA B 236 -0.26 -2.36 -25.02
C ALA B 236 -0.37 -1.75 -23.61
N GLY B 237 0.42 -2.27 -22.68
CA GLY B 237 0.59 -1.63 -21.37
C GLY B 237 -0.45 -1.82 -20.28
N SER B 238 -1.22 -2.91 -20.37
CA SER B 238 -2.07 -3.32 -19.24
C SER B 238 -1.25 -4.14 -18.23
N LEU B 239 -0.78 -3.47 -17.17
CA LEU B 239 0.10 -4.10 -16.20
C LEU B 239 -0.63 -4.29 -14.89
N MET B 240 -0.28 -5.37 -14.18
CA MET B 240 -0.72 -5.54 -12.80
C MET B 240 0.25 -4.75 -11.91
N ALA B 241 -0.27 -3.84 -11.09
CA ALA B 241 0.57 -3.06 -10.19
C ALA B 241 1.21 -3.96 -9.12
N PRO B 242 2.43 -3.62 -8.66
CA PRO B 242 3.08 -4.48 -7.65
C PRO B 242 2.20 -4.70 -6.38
N MET B 243 1.50 -3.67 -5.91
CA MET B 243 0.63 -3.78 -4.74
C MET B 243 -0.56 -4.72 -5.02
N ASP B 244 -1.11 -4.67 -6.23
CA ASP B 244 -2.20 -5.50 -6.59
C ASP B 244 -1.72 -6.96 -6.72
N ALA B 245 -0.51 -7.15 -7.24
CA ALA B 245 0.04 -8.52 -7.32
C ALA B 245 0.23 -9.06 -5.92
N PHE B 246 0.78 -8.25 -5.01
CA PHE B 246 0.90 -8.66 -3.62
C PHE B 246 -0.47 -9.10 -3.07
N LEU B 247 -1.51 -8.31 -3.31
CA LEU B 247 -2.87 -8.64 -2.83
C LEU B 247 -3.43 -9.85 -3.54
N CYS B 248 -3.09 -10.05 -4.82
CA CYS B 248 -3.66 -11.20 -5.54
C CYS B 248 -3.03 -12.52 -5.09
N ALA B 249 -1.72 -12.53 -4.88
CA ALA B 249 -1.03 -13.74 -4.38
C ALA B 249 -1.57 -14.10 -2.99
N ARG B 250 -1.77 -13.06 -2.18
CA ARG B 250 -2.25 -13.20 -0.82
C ARG B 250 -3.67 -13.78 -0.84
N GLY B 251 -4.53 -13.21 -1.69
CA GLY B 251 -5.89 -13.77 -1.84
C GLY B 251 -5.85 -15.21 -2.27
N MET B 252 -4.91 -15.52 -3.16
CA MET B 252 -4.85 -16.83 -3.76
C MET B 252 -4.41 -17.91 -2.78
N LYS B 253 -3.76 -17.52 -1.69
CA LYS B 253 -3.36 -18.47 -0.66
C LYS B 253 -4.58 -19.22 -0.10
N THR B 254 -5.75 -18.59 -0.13
CA THR B 254 -6.94 -19.27 0.36
C THR B 254 -7.85 -19.71 -0.76
N LEU B 255 -7.38 -19.62 -2.01
CA LEU B 255 -8.26 -19.95 -3.11
C LEU B 255 -8.92 -21.35 -2.97
N PRO B 256 -8.13 -22.42 -2.70
CA PRO B 256 -8.79 -23.75 -2.68
C PRO B 256 -9.89 -23.90 -1.61
N ILE B 257 -9.64 -23.50 -0.38
CA ILE B 257 -10.69 -23.57 0.64
C ILE B 257 -11.87 -22.64 0.31
N ARG B 258 -11.59 -21.44 -0.22
CA ARG B 258 -12.68 -20.54 -0.62
C ARG B 258 -13.55 -21.16 -1.71
N MET B 259 -12.91 -21.70 -2.76
CA MET B 259 -13.69 -22.37 -3.82
C MET B 259 -14.56 -23.49 -3.28
N GLN B 260 -14.00 -24.33 -2.41
CA GLN B 260 -14.76 -25.45 -1.84
C GLN B 260 -16.07 -24.95 -1.21
N ILE B 261 -15.97 -23.89 -0.41
CA ILE B 261 -17.17 -23.31 0.20
C ILE B 261 -18.10 -22.64 -0.83
N HIS B 262 -17.54 -21.85 -1.76
CA HIS B 262 -18.34 -21.26 -2.84
C HIS B 262 -19.16 -22.37 -3.55
N MET B 263 -18.49 -23.45 -3.92
CA MET B 263 -19.16 -24.53 -4.63
C MET B 263 -20.33 -25.05 -3.81
N GLU B 264 -20.04 -25.46 -2.59
CA GLU B 264 -21.07 -26.11 -1.77
C GLU B 264 -22.19 -25.12 -1.49
N ASN B 265 -21.83 -23.89 -1.12
CA ASN B 265 -22.83 -22.86 -0.85
C ASN B 265 -23.72 -22.58 -2.07
N GLY B 266 -23.11 -22.25 -3.21
CA GLY B 266 -23.89 -22.00 -4.42
C GLY B 266 -24.84 -23.14 -4.80
N LEU B 267 -24.38 -24.38 -4.68
CA LEU B 267 -25.26 -25.51 -4.98
C LEU B 267 -26.47 -25.53 -4.06
N LYS B 268 -26.23 -25.29 -2.77
CA LYS B 268 -27.32 -25.31 -1.81
C LYS B 268 -28.30 -24.17 -2.08
N VAL B 269 -27.78 -22.97 -2.32
CA VAL B 269 -28.64 -21.84 -2.66
C VAL B 269 -29.47 -22.11 -3.94
N ALA B 270 -28.86 -22.75 -4.94
CA ALA B 270 -29.53 -23.03 -6.21
C ALA B 270 -30.63 -24.09 -6.08
N LYS B 271 -30.39 -25.14 -5.31
CA LYS B 271 -31.44 -26.13 -5.03
C LYS B 271 -32.57 -25.53 -4.21
N PHE B 272 -32.26 -24.62 -3.31
CA PHE B 272 -33.31 -23.91 -2.58
C PHE B 272 -34.21 -23.12 -3.52
N LEU B 273 -33.58 -22.33 -4.39
CA LEU B 273 -34.29 -21.50 -5.34
C LEU B 273 -35.03 -22.33 -6.36
N GLU B 274 -34.48 -23.47 -6.76
CA GLU B 274 -35.13 -24.32 -7.75
C GLU B 274 -36.45 -24.91 -7.26
N GLN B 275 -36.56 -25.10 -5.95
CA GLN B 275 -37.80 -25.67 -5.37
C GLN B 275 -38.82 -24.62 -4.87
N HIS B 276 -38.45 -23.34 -4.89
CA HIS B 276 -39.31 -22.24 -4.41
C HIS B 276 -40.33 -21.86 -5.48
N GLU B 277 -41.57 -21.61 -5.05
CA GLU B 277 -42.69 -21.34 -5.98
C GLU B 277 -42.55 -20.05 -6.80
N LYS B 278 -41.74 -19.09 -6.34
CA LYS B 278 -41.59 -17.81 -7.07
C LYS B 278 -40.59 -17.83 -8.24
N ILE B 279 -39.93 -18.97 -8.41
CA ILE B 279 -38.82 -19.11 -9.34
C ILE B 279 -39.13 -20.00 -10.55
N VAL B 280 -38.99 -19.46 -11.75
CA VAL B 280 -39.30 -20.18 -12.98
C VAL B 280 -38.21 -21.22 -13.34
N LYS B 281 -36.94 -20.81 -13.30
CA LYS B 281 -35.82 -21.75 -13.49
C LYS B 281 -34.56 -21.25 -12.79
N VAL B 282 -33.62 -22.17 -12.60
CA VAL B 282 -32.30 -21.85 -12.06
C VAL B 282 -31.27 -22.39 -13.02
N ASN B 283 -30.36 -21.51 -13.45
CA ASN B 283 -29.32 -21.85 -14.40
C ASN B 283 -28.01 -22.06 -13.64
N HIS B 284 -27.86 -23.22 -13.03
CA HIS B 284 -26.63 -23.59 -12.36
C HIS B 284 -26.16 -24.88 -13.02
N PRO B 285 -24.92 -24.90 -13.50
CA PRO B 285 -24.45 -26.05 -14.30
C PRO B 285 -24.23 -27.29 -13.45
N GLY B 286 -24.40 -27.18 -12.13
CA GLY B 286 -24.32 -28.31 -11.22
C GLY B 286 -25.67 -28.96 -10.92
N LEU B 287 -26.74 -28.39 -11.46
CA LEU B 287 -28.08 -28.95 -11.30
C LEU B 287 -28.38 -29.95 -12.40
N GLU B 288 -28.86 -31.14 -12.00
CA GLU B 288 -29.21 -32.19 -12.96
C GLU B 288 -30.20 -31.70 -14.02
N SER B 289 -31.07 -30.75 -13.65
CA SER B 289 -32.05 -30.15 -14.55
C SER B 289 -31.43 -29.30 -15.68
N PHE B 290 -30.19 -28.84 -15.48
CA PHE B 290 -29.58 -27.90 -16.40
C PHE B 290 -29.02 -28.57 -17.67
N PRO B 291 -29.35 -28.00 -18.86
CA PRO B 291 -28.80 -28.49 -20.13
C PRO B 291 -27.30 -28.34 -20.16
N GLY B 292 -26.59 -29.43 -20.42
CA GLY B 292 -25.13 -29.36 -20.43
C GLY B 292 -24.46 -29.59 -19.08
N HIS B 293 -25.25 -30.00 -18.09
CA HIS B 293 -24.71 -30.48 -16.83
C HIS B 293 -23.74 -31.65 -17.03
N ASP B 294 -24.07 -32.57 -17.93
CA ASP B 294 -23.25 -33.77 -18.12
C ASP B 294 -21.86 -33.48 -18.69
N ILE B 295 -21.77 -32.47 -19.54
CA ILE B 295 -20.49 -32.03 -20.09
C ILE B 295 -19.68 -31.31 -19.01
N ALA B 296 -20.35 -30.48 -18.22
CA ALA B 296 -19.70 -29.72 -17.18
C ALA B 296 -19.19 -30.64 -16.07
N LYS B 297 -19.93 -31.70 -15.77
CA LYS B 297 -19.51 -32.70 -14.76
C LYS B 297 -18.24 -33.47 -15.18
N LYS B 298 -18.15 -33.82 -16.47
CA LYS B 298 -17.00 -34.51 -17.05
C LYS B 298 -15.76 -33.60 -17.14
N GLN B 299 -15.94 -32.37 -17.62
CA GLN B 299 -14.81 -31.50 -17.96
C GLN B 299 -14.28 -30.58 -16.85
N MET B 300 -15.08 -30.41 -15.81
CA MET B 300 -14.66 -29.61 -14.66
C MET B 300 -14.62 -30.49 -13.42
N THR B 301 -13.94 -30.03 -12.37
CA THR B 301 -13.80 -30.80 -11.13
C THR B 301 -14.59 -30.15 -10.00
N GLY B 302 -15.40 -29.17 -10.34
CA GLY B 302 -16.28 -28.51 -9.37
C GLY B 302 -16.96 -27.37 -10.11
N TYR B 303 -17.66 -26.52 -9.38
CA TYR B 303 -18.38 -25.42 -10.01
C TYR B 303 -18.18 -24.15 -9.22
N GLY B 304 -18.12 -23.01 -9.92
CA GLY B 304 -18.20 -21.70 -9.30
C GLY B 304 -19.56 -21.50 -8.64
N SER B 305 -19.75 -20.34 -8.02
CA SER B 305 -20.97 -20.10 -7.26
C SER B 305 -21.77 -18.93 -7.81
N THR B 306 -21.46 -18.51 -9.04
CA THR B 306 -22.23 -17.49 -9.75
C THR B 306 -23.18 -18.14 -10.75
N PHE B 307 -24.45 -17.78 -10.66
CA PHE B 307 -25.44 -18.34 -11.56
C PHE B 307 -26.66 -17.44 -11.59
N LEU B 308 -27.59 -17.79 -12.46
CA LEU B 308 -28.71 -16.93 -12.79
C LEU B 308 -30.01 -17.68 -12.55
N PHE B 309 -31.05 -16.96 -12.14
CA PHE B 309 -32.39 -17.56 -12.01
C PHE B 309 -33.44 -16.59 -12.56
N GLU B 310 -34.61 -17.13 -12.90
CA GLU B 310 -35.69 -16.39 -13.58
C GLU B 310 -36.89 -16.11 -12.66
N MET B 311 -37.24 -14.84 -12.50
CA MET B 311 -38.43 -14.44 -11.75
C MET B 311 -39.63 -14.42 -12.69
N LYS B 312 -40.83 -14.38 -12.11
CA LYS B 312 -42.09 -14.32 -12.86
C LYS B 312 -42.30 -13.01 -13.62
N SER B 313 -41.72 -11.92 -13.11
CA SER B 313 -41.77 -10.61 -13.78
C SER B 313 -40.54 -9.75 -13.43
N PHE B 314 -40.41 -8.61 -14.11
CA PHE B 314 -39.39 -7.60 -13.79
C PHE B 314 -39.67 -6.95 -12.44
N GLU B 315 -40.96 -6.81 -12.13
CA GLU B 315 -41.42 -6.26 -10.86
C GLU B 315 -41.00 -7.14 -9.69
N ALA B 316 -41.24 -8.45 -9.83
CA ALA B 316 -40.78 -9.45 -8.85
C ALA B 316 -39.24 -9.42 -8.66
N ALA B 317 -38.51 -9.38 -9.77
CA ALA B 317 -37.04 -9.29 -9.76
C ALA B 317 -36.56 -8.08 -8.96
N LYS B 318 -37.12 -6.92 -9.26
CA LYS B 318 -36.83 -5.66 -8.59
C LYS B 318 -37.13 -5.76 -7.08
N LYS B 319 -38.30 -6.29 -6.72
CA LYS B 319 -38.68 -6.52 -5.31
C LYS B 319 -37.67 -7.37 -4.56
N LEU B 320 -37.21 -8.45 -5.18
CA LEU B 320 -36.31 -9.38 -4.55
C LEU B 320 -34.98 -8.71 -4.32
N MET B 321 -34.40 -8.20 -5.41
CA MET B 321 -33.10 -7.51 -5.38
C MET B 321 -33.02 -6.32 -4.41
N GLU B 322 -34.15 -5.70 -4.12
CA GLU B 322 -34.16 -4.49 -3.29
C GLU B 322 -34.57 -4.66 -1.83
N HIS B 323 -34.89 -5.90 -1.43
CA HIS B 323 -35.24 -6.18 -0.01
C HIS B 323 -34.38 -7.27 0.65
N LEU B 324 -33.18 -7.46 0.11
CA LEU B 324 -32.20 -8.36 0.68
C LEU B 324 -31.37 -7.61 1.71
N LYS B 325 -31.06 -8.26 2.82
CA LYS B 325 -30.31 -7.59 3.91
C LYS B 325 -28.84 -8.02 4.03
N VAL B 326 -28.50 -9.20 3.52
CA VAL B 326 -27.14 -9.71 3.60
C VAL B 326 -26.48 -9.57 2.23
N CYS B 327 -27.10 -10.16 1.20
CA CYS B 327 -26.69 -9.98 -0.19
C CYS B 327 -26.63 -8.48 -0.52
N THR B 328 -25.61 -8.09 -1.29
CA THR B 328 -25.37 -6.71 -1.69
C THR B 328 -25.66 -6.51 -3.18
N LEU B 329 -26.46 -5.49 -3.50
CA LEU B 329 -26.74 -5.12 -4.89
C LEU B 329 -25.53 -4.38 -5.50
N ALA B 330 -24.88 -5.06 -6.44
CA ALA B 330 -23.58 -4.64 -6.99
C ALA B 330 -23.21 -5.57 -8.14
N VAL B 331 -22.44 -5.07 -9.12
CA VAL B 331 -21.91 -5.94 -10.17
C VAL B 331 -20.62 -6.61 -9.67
N SER B 332 -20.04 -7.48 -10.51
CA SER B 332 -18.90 -8.33 -10.14
C SER B 332 -19.36 -9.62 -9.49
N LEU B 333 -18.41 -10.50 -9.19
CA LEU B 333 -18.71 -11.81 -8.67
C LEU B 333 -17.48 -12.38 -8.03
N GLY B 334 -17.65 -13.51 -7.34
CA GLY B 334 -16.54 -14.27 -6.79
C GLY B 334 -15.85 -13.62 -5.60
N CYS B 335 -16.56 -12.72 -4.93
CA CYS B 335 -16.08 -12.13 -3.67
CA CYS B 335 -16.08 -12.13 -3.67
C CYS B 335 -16.45 -13.06 -2.52
N VAL B 336 -15.81 -12.86 -1.37
CA VAL B 336 -16.13 -13.63 -0.16
C VAL B 336 -17.58 -13.43 0.27
N ASP B 337 -18.13 -12.24 -0.02
CA ASP B 337 -19.52 -11.97 0.34
C ASP B 337 -20.46 -12.01 -0.88
N THR B 338 -21.74 -12.25 -0.61
CA THR B 338 -22.75 -12.44 -1.66
C THR B 338 -23.16 -11.17 -2.42
N LEU B 339 -23.01 -11.23 -3.74
CA LEU B 339 -23.42 -10.17 -4.64
C LEU B 339 -24.65 -10.54 -5.44
N ILE B 340 -25.43 -9.53 -5.83
CA ILE B 340 -26.60 -9.76 -6.67
C ILE B 340 -26.79 -8.60 -7.65
N GLU B 341 -27.30 -8.91 -8.84
CA GLU B 341 -27.15 -8.06 -10.00
C GLU B 341 -28.30 -8.31 -10.96
N HIS B 342 -28.66 -7.30 -11.74
CA HIS B 342 -29.69 -7.44 -12.80
C HIS B 342 -29.03 -7.26 -14.17
N PRO B 343 -28.70 -8.37 -14.84
CA PRO B 343 -27.90 -8.37 -16.07
C PRO B 343 -28.45 -7.51 -17.22
N ALA B 344 -29.76 -7.60 -17.48
CA ALA B 344 -30.40 -6.84 -18.57
C ALA B 344 -30.04 -5.34 -18.57
N SER B 345 -30.00 -4.74 -17.38
CA SER B 345 -29.81 -3.29 -17.24
C SER B 345 -28.48 -2.92 -16.57
N MET B 346 -27.65 -3.91 -16.28
CA MET B 346 -26.34 -3.67 -15.68
C MET B 346 -25.19 -4.30 -16.50
N THR B 347 -24.72 -5.49 -16.10
CA THR B 347 -23.55 -6.11 -16.74
C THR B 347 -23.65 -6.28 -18.26
N HIS B 348 -24.88 -6.48 -18.74
CA HIS B 348 -25.13 -6.75 -20.15
C HIS B 348 -26.06 -5.72 -20.77
N ALA B 349 -26.12 -4.53 -20.16
CA ALA B 349 -26.97 -3.43 -20.65
C ALA B 349 -26.56 -2.93 -22.03
N ALA B 350 -25.25 -2.88 -22.27
CA ALA B 350 -24.70 -2.32 -23.52
C ALA B 350 -24.70 -3.27 -24.74
N VAL B 351 -24.92 -4.57 -24.53
CA VAL B 351 -24.92 -5.50 -25.65
C VAL B 351 -26.13 -5.28 -26.59
N PRO B 352 -25.86 -5.17 -27.92
CA PRO B 352 -26.91 -4.90 -28.92
C PRO B 352 -28.10 -5.85 -28.80
N GLU B 353 -29.33 -5.32 -28.89
CA GLU B 353 -30.54 -6.12 -28.73
C GLU B 353 -30.42 -7.47 -29.49
N ASN B 354 -29.89 -7.42 -30.71
CA ASN B 354 -29.59 -8.61 -31.53
C ASN B 354 -28.85 -9.76 -30.80
N ILE B 355 -27.68 -9.44 -30.23
CA ILE B 355 -26.89 -10.43 -29.48
C ILE B 355 -27.58 -10.83 -28.17
N MET B 356 -28.25 -9.88 -27.53
CA MET B 356 -28.99 -10.14 -26.31
C MET B 356 -30.10 -11.15 -26.47
N ARG B 357 -30.83 -11.06 -27.58
CA ARG B 357 -31.80 -12.05 -27.97
C ARG B 357 -31.12 -13.39 -28.02
N LYS B 358 -30.12 -13.52 -28.85
CA LYS B 358 -29.34 -14.74 -28.96
C LYS B 358 -28.84 -15.28 -27.62
N GLN B 359 -28.64 -14.39 -26.66
CA GLN B 359 -28.10 -14.77 -25.37
C GLN B 359 -29.14 -15.32 -24.40
N GLY B 360 -30.40 -15.10 -24.68
CA GLY B 360 -31.50 -15.40 -23.75
C GLY B 360 -31.53 -14.55 -22.47
N ILE B 361 -31.20 -13.26 -22.57
CA ILE B 361 -31.19 -12.37 -21.41
C ILE B 361 -32.43 -11.48 -21.44
N THR B 362 -33.20 -11.49 -20.35
CA THR B 362 -34.50 -10.79 -20.28
C THR B 362 -34.61 -10.00 -18.97
N PRO B 363 -35.60 -9.08 -18.89
CA PRO B 363 -35.69 -8.27 -17.66
C PRO B 363 -36.05 -9.09 -16.40
N GLU B 364 -36.40 -10.35 -16.59
CA GLU B 364 -36.84 -11.22 -15.50
C GLU B 364 -35.70 -12.03 -14.86
N LEU B 365 -34.50 -11.96 -15.44
CA LEU B 365 -33.34 -12.69 -14.91
C LEU B 365 -32.57 -11.93 -13.84
N VAL B 366 -32.15 -12.67 -12.81
CA VAL B 366 -31.34 -12.13 -11.72
C VAL B 366 -30.12 -13.03 -11.54
N ARG B 367 -28.94 -12.41 -11.47
CA ARG B 367 -27.69 -13.15 -11.30
C ARG B 367 -27.21 -12.96 -9.89
N ILE B 368 -27.04 -14.08 -9.18
CA ILE B 368 -26.43 -14.09 -7.84
C ILE B 368 -25.02 -14.70 -7.83
N SER B 369 -24.14 -14.15 -6.99
CA SER B 369 -22.79 -14.67 -6.79
C SER B 369 -22.66 -15.05 -5.32
N VAL B 370 -22.81 -16.35 -5.04
CA VAL B 370 -22.93 -16.80 -3.65
C VAL B 370 -21.59 -16.77 -2.96
N GLY B 371 -21.55 -16.14 -1.79
CA GLY B 371 -20.30 -16.01 -1.02
C GLY B 371 -19.99 -17.21 -0.13
N ILE B 372 -19.06 -16.99 0.80
CA ILE B 372 -18.67 -17.97 1.79
C ILE B 372 -19.30 -17.68 3.17
N GLU B 373 -20.28 -16.78 3.24
CA GLU B 373 -21.17 -16.70 4.43
C GLU B 373 -21.72 -18.08 4.78
N ASN B 374 -22.15 -18.27 6.03
CA ASN B 374 -23.00 -19.42 6.39
C ASN B 374 -24.16 -19.40 5.41
N VAL B 375 -24.33 -20.50 4.69
CA VAL B 375 -25.33 -20.56 3.63
C VAL B 375 -26.74 -20.43 4.20
N ASP B 376 -26.91 -20.81 5.46
CA ASP B 376 -28.21 -20.65 6.10
C ASP B 376 -28.61 -19.18 6.15
N ASP B 377 -27.63 -18.29 6.37
CA ASP B 377 -27.91 -16.85 6.37
C ASP B 377 -28.31 -16.32 5.00
N ILE B 378 -27.70 -16.85 3.94
CA ILE B 378 -28.04 -16.46 2.56
C ILE B 378 -29.44 -16.96 2.16
N ILE B 379 -29.71 -18.22 2.47
CA ILE B 379 -31.03 -18.81 2.22
C ILE B 379 -32.12 -18.05 2.99
N ALA B 380 -31.86 -17.75 4.26
CA ALA B 380 -32.80 -17.02 5.10
C ALA B 380 -33.04 -15.61 4.56
N ASP B 381 -31.97 -14.96 4.08
CA ASP B 381 -32.07 -13.66 3.44
C ASP B 381 -32.98 -13.71 2.19
N LEU B 382 -32.78 -14.72 1.35
CA LEU B 382 -33.59 -14.89 0.16
C LEU B 382 -35.02 -15.21 0.55
N LYS B 383 -35.22 -16.18 1.45
CA LYS B 383 -36.57 -16.60 1.88
C LYS B 383 -37.40 -15.42 2.37
N GLN B 384 -36.78 -14.60 3.21
CA GLN B 384 -37.36 -13.40 3.80
C GLN B 384 -37.87 -12.45 2.73
N ALA B 385 -37.04 -12.21 1.71
CA ALA B 385 -37.37 -11.27 0.63
C ALA B 385 -38.45 -11.81 -0.30
N LEU B 386 -38.42 -13.11 -0.57
CA LEU B 386 -39.42 -13.73 -1.43
C LEU B 386 -40.82 -13.80 -0.80
N GLU B 387 -40.90 -13.63 0.52
CA GLU B 387 -42.19 -13.68 1.20
C GLU B 387 -42.98 -12.37 1.29
N LEU B 388 -42.44 -11.27 0.78
CA LEU B 388 -43.12 -9.96 0.86
C LEU B 388 -44.33 -9.82 -0.08
N ALA C 3 -4.24 35.32 -11.22
CA ALA C 3 -4.29 33.90 -11.68
C ALA C 3 -3.52 32.99 -10.71
N GLN C 4 -4.26 32.16 -9.99
CA GLN C 4 -3.66 31.21 -9.02
C GLN C 4 -2.54 30.36 -9.64
N ASP C 5 -1.47 30.20 -8.90
CA ASP C 5 -0.31 29.47 -9.39
C ASP C 5 -0.54 27.95 -9.45
N ILE C 6 0.10 27.29 -10.42
CA ILE C 6 0.00 25.84 -10.59
C ILE C 6 0.38 25.06 -9.30
N THR C 7 1.38 25.57 -8.59
CA THR C 7 1.75 25.02 -7.31
C THR C 7 0.49 24.95 -6.40
N THR C 8 -0.29 26.03 -6.29
CA THR C 8 -1.48 26.08 -5.45
C THR C 8 -2.61 25.20 -6.02
N THR C 9 -2.84 25.31 -7.31
CA THR C 9 -3.83 24.47 -8.00
C THR C 9 -3.64 22.97 -7.71
N LEU C 10 -2.41 22.49 -7.86
CA LEU C 10 -2.12 21.06 -7.60
C LEU C 10 -2.27 20.66 -6.14
N LEU C 11 -2.03 21.59 -5.23
CA LEU C 11 -2.15 21.32 -3.80
C LEU C 11 -3.59 21.46 -3.35
N HIS C 12 -4.45 22.02 -4.20
CA HIS C 12 -5.87 22.23 -3.88
C HIS C 12 -6.82 21.77 -4.99
N PRO C 13 -6.85 20.47 -5.28
CA PRO C 13 -7.64 19.98 -6.42
C PRO C 13 -9.15 20.10 -6.14
N LYS C 14 -9.95 20.35 -7.17
CA LYS C 14 -11.40 20.39 -6.98
C LYS C 14 -11.96 19.02 -6.54
N GLY C 15 -13.04 19.02 -5.78
CA GLY C 15 -13.65 17.77 -5.35
C GLY C 15 -13.98 17.76 -3.87
N ASP C 16 -15.05 17.08 -3.50
CA ASP C 16 -15.36 16.98 -2.09
C ASP C 16 -14.34 16.08 -1.39
N HIS C 17 -14.05 16.40 -0.14
CA HIS C 17 -13.35 15.49 0.76
C HIS C 17 -14.23 14.27 1.08
N VAL C 18 -13.60 13.12 1.34
CA VAL C 18 -14.31 11.89 1.68
C VAL C 18 -14.22 11.66 3.19
N LEU C 19 -15.36 11.64 3.88
CA LEU C 19 -15.40 11.56 5.36
C LEU C 19 -14.47 12.61 6.02
N HIS C 20 -14.43 13.83 5.48
CA HIS C 20 -13.57 14.89 5.98
C HIS C 20 -12.07 14.57 5.99
N SER C 21 -11.65 13.50 5.29
CA SER C 21 -10.25 13.13 5.24
C SER C 21 -9.45 14.24 4.52
N HIS C 22 -8.38 14.71 5.13
CA HIS C 22 -7.48 15.65 4.47
C HIS C 22 -6.76 15.03 3.25
N ALA C 23 -6.10 13.88 3.39
CA ALA C 23 -5.56 13.15 2.22
C ALA C 23 -6.73 12.44 1.58
N TYR C 24 -6.76 12.38 0.27
CA TYR C 24 -7.78 11.64 -0.46
C TYR C 24 -7.58 10.12 -0.24
N PRO C 25 -8.64 9.41 0.19
CA PRO C 25 -8.46 8.01 0.56
C PRO C 25 -8.10 7.14 -0.64
N ILE C 26 -7.52 5.97 -0.36
CA ILE C 26 -7.21 5.00 -1.40
C ILE C 26 -8.41 4.06 -1.51
N PHE C 27 -9.12 4.12 -2.64
CA PHE C 27 -10.25 3.24 -2.84
C PHE C 27 -9.82 1.91 -3.43
N GLN C 28 -9.17 1.11 -2.59
CA GLN C 28 -8.77 -0.25 -2.96
C GLN C 28 -10.02 -1.14 -2.97
N THR C 29 -10.78 -1.05 -4.04
CA THR C 29 -12.02 -1.78 -4.21
C THR C 29 -12.19 -2.13 -5.69
N SER C 30 -12.94 -3.20 -5.97
CA SER C 30 -13.24 -3.47 -7.34
C SER C 30 -14.63 -2.94 -7.64
N THR C 31 -15.61 -3.24 -6.78
CA THR C 31 -16.99 -2.88 -7.05
C THR C 31 -17.55 -1.82 -6.08
N PHE C 32 -18.73 -1.32 -6.43
CA PHE C 32 -19.44 -0.31 -5.66
C PHE C 32 -20.89 -0.75 -5.53
N CYS C 33 -21.56 -0.27 -4.49
CA CYS C 33 -22.91 -0.72 -4.11
C CYS C 33 -23.99 0.19 -4.74
N PHE C 34 -25.12 -0.40 -5.13
CA PHE C 34 -26.21 0.41 -5.63
C PHE C 34 -27.28 0.59 -4.54
N ASP C 35 -27.94 1.73 -4.53
CA ASP C 35 -29.06 1.98 -3.63
C ASP C 35 -30.31 1.18 -4.05
N SER C 36 -30.45 0.96 -5.35
CA SER C 36 -31.65 0.38 -5.91
C SER C 36 -31.32 -0.07 -7.31
N THR C 37 -32.18 -0.90 -7.88
CA THR C 37 -31.98 -1.38 -9.24
C THR C 37 -31.98 -0.21 -10.25
N GLN C 38 -32.85 0.78 -10.03
CA GLN C 38 -32.93 1.99 -10.88
C GLN C 38 -31.67 2.85 -10.82
N GLN C 39 -31.24 3.16 -9.60
CA GLN C 39 -30.02 3.95 -9.42
C GLN C 39 -28.84 3.31 -10.15
N GLY C 40 -28.71 1.98 -10.05
CA GLY C 40 -27.66 1.23 -10.73
C GLY C 40 -27.85 1.20 -12.25
N ALA C 41 -29.10 0.95 -12.67
CA ALA C 41 -29.45 1.03 -14.10
C ALA C 41 -29.10 2.40 -14.69
N ASP C 42 -29.47 3.46 -13.99
CA ASP C 42 -29.16 4.84 -14.38
C ASP C 42 -27.67 5.10 -14.57
N LEU C 43 -26.85 4.62 -13.63
CA LEU C 43 -25.40 4.83 -13.70
C LEU C 43 -24.80 4.16 -14.93
N PHE C 44 -25.32 2.99 -15.28
CA PHE C 44 -24.91 2.31 -16.50
C PHE C 44 -25.31 3.07 -17.79
N MET C 45 -26.37 3.87 -17.73
CA MET C 45 -26.76 4.76 -18.84
C MET C 45 -26.12 6.15 -18.78
N GLY C 46 -25.18 6.37 -17.86
CA GLY C 46 -24.56 7.67 -17.65
C GLY C 46 -25.43 8.73 -16.96
N LYS C 47 -26.49 8.27 -16.29
CA LYS C 47 -27.40 9.17 -15.59
C LYS C 47 -27.09 9.16 -14.11
N GLY C 48 -26.95 10.35 -13.51
CA GLY C 48 -26.65 10.48 -12.10
C GLY C 48 -25.17 10.53 -11.79
N GLU C 49 -24.87 10.77 -10.51
CA GLU C 49 -23.51 10.82 -9.99
C GLU C 49 -23.28 9.59 -9.15
N GLY C 50 -22.10 8.99 -9.30
CA GLY C 50 -21.73 7.82 -8.53
C GLY C 50 -20.85 6.84 -9.28
N HIS C 51 -20.56 5.72 -8.65
CA HIS C 51 -19.56 4.77 -9.18
C HIS C 51 -20.15 3.36 -9.36
N ILE C 52 -19.52 2.56 -10.21
CA ILE C 52 -20.03 1.23 -10.54
C ILE C 52 -18.98 0.16 -10.26
N TYR C 53 -17.78 0.38 -10.81
CA TYR C 53 -16.75 -0.64 -10.89
C TYR C 53 -15.48 0.07 -11.27
N SER C 54 -14.38 -0.31 -10.64
CA SER C 54 -13.11 0.48 -10.76
C SER C 54 -12.56 0.54 -12.19
N ARG C 55 -12.80 -0.49 -13.00
CA ARG C 55 -12.41 -0.40 -14.41
C ARG C 55 -13.11 0.78 -15.15
N LEU C 56 -14.36 1.05 -14.78
CA LEU C 56 -15.11 2.13 -15.40
C LEU C 56 -14.80 3.46 -14.70
N GLY C 57 -14.53 3.41 -13.40
CA GLY C 57 -14.12 4.63 -12.69
C GLY C 57 -13.90 4.36 -11.23
N ASN C 58 -12.78 4.89 -10.74
CA ASN C 58 -12.37 4.72 -9.36
C ASN C 58 -12.07 6.12 -8.79
N PRO C 59 -12.61 6.44 -7.59
CA PRO C 59 -12.46 7.82 -7.04
C PRO C 59 -11.00 8.26 -6.84
N THR C 60 -10.12 7.39 -6.35
CA THR C 60 -8.73 7.78 -6.19
C THR C 60 -8.07 8.08 -7.56
N VAL C 61 -8.38 7.26 -8.56
CA VAL C 61 -7.81 7.48 -9.88
C VAL C 61 -8.35 8.78 -10.52
N GLU C 62 -9.67 8.97 -10.42
CA GLU C 62 -10.31 10.23 -10.89
C GLU C 62 -9.71 11.51 -10.26
N GLN C 63 -9.38 11.48 -8.98
CA GLN C 63 -8.65 12.61 -8.39
C GLN C 63 -7.30 12.89 -9.08
N PHE C 64 -6.55 11.83 -9.41
CA PHE C 64 -5.28 12.06 -10.14
C PHE C 64 -5.59 12.60 -11.53
N GLU C 65 -6.59 12.04 -12.20
CA GLU C 65 -6.96 12.53 -13.54
C GLU C 65 -7.29 14.03 -13.53
N GLU C 66 -8.05 14.47 -12.52
CA GLU C 66 -8.42 15.86 -12.40
C GLU C 66 -7.19 16.73 -12.16
N MET C 67 -6.22 16.29 -11.38
CA MET C 67 -4.98 17.10 -11.25
C MET C 67 -4.27 17.29 -12.62
N VAL C 68 -4.13 16.21 -13.39
CA VAL C 68 -3.48 16.31 -14.70
C VAL C 68 -4.30 17.23 -15.63
N CYS C 69 -5.60 16.99 -15.67
CA CYS C 69 -6.51 17.78 -16.48
C CYS C 69 -6.41 19.27 -16.14
N SER C 70 -6.31 19.61 -14.85
CA SER C 70 -6.12 21.00 -14.43
C SER C 70 -4.81 21.62 -14.95
N ILE C 71 -3.72 20.87 -15.05
CA ILE C 71 -2.48 21.49 -15.54
C ILE C 71 -2.42 21.47 -17.08
N GLU C 72 -3.03 20.48 -17.73
CA GLU C 72 -2.99 20.44 -19.22
C GLU C 72 -3.94 21.43 -19.86
N GLY C 73 -4.93 21.91 -19.10
CA GLY C 73 -6.01 22.72 -19.65
C GLY C 73 -6.94 21.88 -20.53
N ALA C 74 -7.14 20.60 -20.20
CA ALA C 74 -7.90 19.66 -21.05
C ALA C 74 -9.42 19.69 -20.77
N ALA C 75 -10.22 19.06 -21.61
CA ALA C 75 -11.63 18.78 -21.28
C ALA C 75 -11.71 17.59 -20.29
N GLY C 76 -10.68 16.71 -20.28
CA GLY C 76 -10.67 15.53 -19.39
C GLY C 76 -9.36 14.75 -19.54
N SER C 77 -8.97 14.01 -18.51
CA SER C 77 -7.78 13.16 -18.57
C SER C 77 -8.18 11.75 -18.26
N ALA C 78 -7.42 10.79 -18.77
CA ALA C 78 -7.61 9.38 -18.46
C ALA C 78 -6.30 8.78 -17.96
N ALA C 79 -6.31 8.05 -16.84
CA ALA C 79 -5.09 7.42 -16.31
C ALA C 79 -5.00 5.94 -16.73
N PHE C 80 -3.78 5.42 -16.86
CA PHE C 80 -3.55 4.07 -17.41
C PHE C 80 -2.46 3.37 -16.54
N GLY C 81 -2.33 2.07 -16.74
CA GLY C 81 -1.30 1.26 -16.08
C GLY C 81 0.14 1.59 -16.51
N SER C 82 0.32 2.29 -17.63
CA SER C 82 1.69 2.62 -18.12
C SER C 82 1.57 3.73 -19.15
N GLY C 83 2.66 4.45 -19.42
CA GLY C 83 2.72 5.34 -20.61
C GLY C 83 2.33 4.60 -21.89
N MET C 84 2.80 3.38 -22.09
CA MET C 84 2.43 2.60 -23.27
C MET C 84 0.90 2.40 -23.36
N GLY C 85 0.26 2.23 -22.19
CA GLY C 85 -1.17 2.08 -22.13
C GLY C 85 -1.77 3.41 -22.61
N ALA C 86 -1.19 4.54 -22.20
CA ALA C 86 -1.75 5.82 -22.62
C ALA C 86 -1.59 5.98 -24.13
N ILE C 87 -0.43 5.55 -24.64
CA ILE C 87 -0.11 5.72 -26.05
C ILE C 87 -0.97 4.85 -26.95
N SER C 88 -1.07 3.54 -26.65
CA SER C 88 -2.03 2.64 -27.32
C SER C 88 -3.45 3.17 -27.37
N SER C 89 -3.91 3.64 -26.21
CA SER C 89 -5.30 4.08 -26.08
C SER C 89 -5.50 5.44 -26.74
N SER C 90 -4.44 6.19 -26.97
CA SER C 90 -4.60 7.52 -27.59
C SER C 90 -4.47 7.40 -29.10
N THR C 91 -4.05 6.25 -29.60
CA THR C 91 -3.93 6.08 -31.02
C THR C 91 -4.95 5.06 -31.53
N LEU C 92 -4.97 3.85 -30.97
CA LEU C 92 -5.88 2.81 -31.45
C LEU C 92 -7.37 3.06 -31.11
N ALA C 93 -7.62 3.97 -30.17
CA ALA C 93 -9.00 4.41 -29.93
C ALA C 93 -9.58 5.15 -31.14
N PHE C 94 -8.72 5.72 -31.98
CA PHE C 94 -9.20 6.49 -33.15
C PHE C 94 -8.84 5.88 -34.53
N LEU C 95 -7.64 5.32 -34.65
CA LEU C 95 -7.19 4.80 -35.92
C LEU C 95 -7.86 3.45 -36.17
N GLN C 96 -8.30 3.25 -37.40
CA GLN C 96 -8.83 1.97 -37.80
C GLN C 96 -8.26 1.56 -39.15
N LYS C 97 -8.54 0.33 -39.56
CA LYS C 97 -8.03 -0.21 -40.81
C LYS C 97 -8.29 0.80 -41.97
N GLY C 98 -7.28 1.05 -42.80
CA GLY C 98 -7.42 2.01 -43.90
C GLY C 98 -6.97 3.45 -43.60
N ASP C 99 -6.85 3.80 -42.31
CA ASP C 99 -6.27 5.08 -41.87
C ASP C 99 -4.76 5.15 -42.01
N HIS C 100 -4.24 6.37 -42.08
CA HIS C 100 -2.81 6.62 -42.15
C HIS C 100 -2.37 7.46 -40.95
N LEU C 101 -1.26 7.07 -40.36
CA LEU C 101 -0.64 7.79 -39.27
C LEU C 101 0.76 8.27 -39.71
N ILE C 102 1.06 9.55 -39.46
CA ILE C 102 2.43 10.05 -39.61
C ILE C 102 2.97 10.16 -38.19
N ALA C 103 4.10 9.53 -37.89
CA ALA C 103 4.70 9.71 -36.55
C ALA C 103 6.16 10.14 -36.70
N GLY C 104 6.71 10.82 -35.70
CA GLY C 104 8.14 11.11 -35.66
C GLY C 104 9.01 9.86 -35.84
N ASP C 105 10.17 10.04 -36.46
CA ASP C 105 11.10 8.97 -36.68
C ASP C 105 11.98 8.71 -35.45
N THR C 106 11.92 9.56 -34.44
CA THR C 106 12.73 9.33 -33.25
C THR C 106 11.78 9.35 -32.10
N LEU C 107 11.42 8.16 -31.66
CA LEU C 107 10.47 7.99 -30.57
C LEU C 107 11.08 7.01 -29.59
N TYR C 108 10.54 7.00 -28.40
CA TYR C 108 10.74 5.94 -27.45
C TYR C 108 10.65 4.54 -28.12
N GLY C 109 11.60 3.65 -27.80
CA GLY C 109 11.72 2.33 -28.43
C GLY C 109 10.41 1.57 -28.53
N CYS C 110 9.66 1.46 -27.43
CA CYS C 110 8.41 0.68 -27.42
C CYS C 110 7.29 1.38 -28.20
N THR C 111 7.35 2.71 -28.31
CA THR C 111 6.45 3.40 -29.24
C THR C 111 6.76 2.99 -30.70
N VAL C 112 8.05 2.88 -31.05
CA VAL C 112 8.40 2.41 -32.38
C VAL C 112 7.88 0.97 -32.52
N SER C 113 7.99 0.16 -31.45
CA SER C 113 7.52 -1.21 -31.54
C SER C 113 6.01 -1.25 -31.81
N LEU C 114 5.24 -0.49 -31.05
CA LEU C 114 3.77 -0.39 -31.25
C LEU C 114 3.39 -0.01 -32.68
N PHE C 115 4.00 1.06 -33.19
CA PHE C 115 3.63 1.66 -34.47
C PHE C 115 4.13 0.81 -35.65
N THR C 116 5.28 0.16 -35.49
CA THR C 116 5.84 -0.58 -36.65
C THR C 116 5.48 -2.06 -36.61
N HIS C 117 5.17 -2.60 -35.44
CA HIS C 117 4.76 -4.02 -35.41
C HIS C 117 3.23 -4.21 -35.28
N TRP C 118 2.58 -3.52 -34.34
CA TRP C 118 1.18 -3.81 -34.07
C TRP C 118 0.24 -3.08 -34.99
N LEU C 119 0.36 -1.76 -35.14
CA LEU C 119 -0.56 -1.02 -36.01
C LEU C 119 -0.77 -1.61 -37.42
N PRO C 120 0.35 -1.92 -38.16
CA PRO C 120 0.19 -2.52 -39.50
C PRO C 120 -0.54 -3.85 -39.45
N ARG C 121 -0.44 -4.57 -38.34
CA ARG C 121 -1.17 -5.84 -38.25
C ARG C 121 -2.68 -5.56 -38.19
N PHE C 122 -3.05 -4.34 -37.78
CA PHE C 122 -4.46 -3.95 -37.74
C PHE C 122 -4.95 -3.15 -38.95
N GLY C 123 -4.21 -3.21 -40.06
CA GLY C 123 -4.59 -2.52 -41.30
C GLY C 123 -4.33 -1.01 -41.26
N ILE C 124 -3.57 -0.56 -40.28
CA ILE C 124 -3.26 0.86 -40.19
C ILE C 124 -1.93 1.13 -40.87
N GLU C 125 -1.90 2.16 -41.73
CA GLU C 125 -0.70 2.56 -42.48
C GLU C 125 0.09 3.57 -41.68
N VAL C 126 1.39 3.40 -41.59
CA VAL C 126 2.23 4.20 -40.72
C VAL C 126 3.48 4.67 -41.46
N ASP C 127 3.79 5.97 -41.40
CA ASP C 127 5.11 6.43 -41.87
C ASP C 127 5.87 7.11 -40.75
N LEU C 128 7.12 6.73 -40.52
CA LEU C 128 7.93 7.44 -39.55
C LEU C 128 8.70 8.54 -40.27
N ILE C 129 8.48 9.79 -39.88
CA ILE C 129 8.89 10.94 -40.68
C ILE C 129 9.74 11.87 -39.82
N ASP C 130 10.69 12.57 -40.43
CA ASP C 130 11.39 13.60 -39.68
C ASP C 130 10.47 14.80 -39.44
N THR C 131 9.85 14.85 -38.25
CA THR C 131 8.87 15.90 -37.93
C THR C 131 9.48 17.23 -37.52
N SER C 132 10.81 17.32 -37.49
CA SER C 132 11.48 18.60 -37.27
C SER C 132 11.38 19.51 -38.49
N ASP C 133 10.92 18.95 -39.61
CA ASP C 133 10.73 19.69 -40.86
C ASP C 133 9.25 19.61 -41.29
N VAL C 134 8.47 20.68 -41.06
CA VAL C 134 7.05 20.68 -41.44
C VAL C 134 6.79 20.32 -42.92
N GLU C 135 7.73 20.70 -43.81
CA GLU C 135 7.63 20.34 -45.24
C GLU C 135 7.65 18.82 -45.50
N LYS C 136 8.36 18.10 -44.66
CA LYS C 136 8.46 16.65 -44.80
C LYS C 136 7.17 16.00 -44.29
N VAL C 137 6.57 16.63 -43.28
CA VAL C 137 5.25 16.20 -42.79
C VAL C 137 4.18 16.36 -43.90
N LYS C 138 4.17 17.51 -44.55
CA LYS C 138 3.28 17.77 -45.64
C LYS C 138 3.53 16.84 -46.82
N ALA C 139 4.80 16.57 -47.12
CA ALA C 139 5.12 15.71 -48.25
C ALA C 139 4.59 14.30 -48.03
N ALA C 140 4.48 13.88 -46.77
CA ALA C 140 4.08 12.51 -46.39
C ALA C 140 2.57 12.37 -46.24
N TRP C 141 1.87 13.51 -46.31
CA TRP C 141 0.42 13.58 -46.10
C TRP C 141 -0.33 12.87 -47.24
N LYS C 142 -1.38 12.11 -46.91
CA LYS C 142 -2.20 11.40 -47.90
C LYS C 142 -3.70 11.67 -47.67
N PRO C 143 -4.58 11.34 -48.65
CA PRO C 143 -6.01 11.64 -48.44
C PRO C 143 -6.54 10.98 -47.18
N ASN C 144 -5.95 9.84 -46.80
CA ASN C 144 -6.44 9.09 -45.63
C ASN C 144 -5.63 9.38 -44.36
N THR C 145 -4.77 10.39 -44.35
CA THR C 145 -4.05 10.71 -43.11
C THR C 145 -5.06 11.15 -42.02
N LYS C 146 -5.06 10.50 -40.86
CA LYS C 146 -6.03 10.80 -39.74
C LYS C 146 -5.35 11.32 -38.47
N MET C 147 -4.03 11.14 -38.39
CA MET C 147 -3.29 11.45 -37.16
C MET C 147 -1.82 11.71 -37.41
N VAL C 148 -1.31 12.71 -36.70
CA VAL C 148 0.14 12.93 -36.56
C VAL C 148 0.48 12.73 -35.09
N TYR C 149 1.50 11.93 -34.81
CA TYR C 149 1.92 11.66 -33.45
C TYR C 149 3.35 12.16 -33.26
N LEU C 150 3.57 13.03 -32.27
CA LEU C 150 4.90 13.62 -32.09
C LEU C 150 5.35 13.39 -30.67
N GLU C 151 6.65 13.30 -30.52
CA GLU C 151 7.33 13.36 -29.22
C GLU C 151 8.35 14.47 -29.42
N SER C 152 8.31 15.52 -28.61
CA SER C 152 9.32 16.58 -28.74
C SER C 152 9.54 17.20 -27.34
N PRO C 153 10.82 17.37 -26.92
CA PRO C 153 12.01 16.83 -27.52
C PRO C 153 11.95 15.28 -27.47
N ALA C 154 12.46 14.64 -28.51
CA ALA C 154 12.38 13.20 -28.71
C ALA C 154 13.28 12.45 -27.74
N ASN C 155 12.87 11.25 -27.35
CA ASN C 155 13.69 10.40 -26.51
C ASN C 155 14.48 9.49 -27.47
N PRO C 156 15.84 9.47 -27.43
CA PRO C 156 16.68 10.15 -26.46
C PRO C 156 17.41 11.37 -26.99
N THR C 157 17.28 11.71 -28.26
CA THR C 157 18.21 12.64 -28.89
C THR C 157 17.81 14.11 -28.67
N CYS C 158 16.64 14.33 -28.08
CA CYS C 158 16.12 15.67 -27.83
C CYS C 158 15.71 16.44 -29.09
N LYS C 159 15.59 15.73 -30.22
CA LYS C 159 15.22 16.40 -31.45
C LYS C 159 13.90 17.15 -31.29
N VAL C 160 13.92 18.42 -31.69
CA VAL C 160 12.74 19.29 -31.50
C VAL C 160 11.84 19.26 -32.72
N SER C 161 10.54 19.03 -32.51
CA SER C 161 9.55 19.31 -33.58
C SER C 161 8.81 20.66 -33.42
N ASP C 162 8.37 21.22 -34.53
CA ASP C 162 7.55 22.41 -34.52
C ASP C 162 6.10 22.01 -34.34
N ILE C 163 5.65 21.97 -33.09
CA ILE C 163 4.35 21.44 -32.75
C ILE C 163 3.28 22.37 -33.32
N LYS C 164 3.48 23.66 -33.14
CA LYS C 164 2.53 24.70 -33.57
C LYS C 164 2.33 24.65 -35.08
N GLY C 165 3.42 24.53 -35.84
CA GLY C 165 3.37 24.52 -37.30
C GLY C 165 2.70 23.27 -37.84
N ILE C 166 2.94 22.16 -37.19
CA ILE C 166 2.37 20.89 -37.62
C ILE C 166 0.88 20.88 -37.24
N ALA C 167 0.53 21.44 -36.07
CA ALA C 167 -0.90 21.62 -35.67
C ALA C 167 -1.75 22.35 -36.72
N VAL C 168 -1.22 23.44 -37.28
CA VAL C 168 -1.91 24.15 -38.38
C VAL C 168 -2.32 23.16 -39.49
N VAL C 169 -1.39 22.35 -39.96
CA VAL C 169 -1.67 21.40 -41.04
C VAL C 169 -2.71 20.36 -40.57
N CYS C 170 -2.54 19.80 -39.37
CA CYS C 170 -3.56 18.88 -38.84
C CYS C 170 -4.97 19.52 -38.83
N HIS C 171 -5.05 20.75 -38.36
CA HIS C 171 -6.33 21.44 -38.22
C HIS C 171 -6.94 21.71 -39.57
N GLU C 172 -6.11 22.10 -40.55
CA GLU C 172 -6.61 22.32 -41.90
C GLU C 172 -7.12 21.06 -42.60
N ARG C 173 -6.57 19.90 -42.25
CA ARG C 173 -6.80 18.73 -43.07
C ARG C 173 -7.59 17.64 -42.34
N GLY C 174 -8.06 17.94 -41.15
CA GLY C 174 -8.89 16.99 -40.42
C GLY C 174 -8.11 15.83 -39.79
N ALA C 175 -6.88 16.09 -39.34
CA ALA C 175 -6.10 15.05 -38.61
C ALA C 175 -5.98 15.41 -37.12
N ARG C 176 -6.04 14.41 -36.24
CA ARG C 176 -5.73 14.61 -34.79
C ARG C 176 -4.22 14.75 -34.58
N LEU C 177 -3.80 15.73 -33.78
CA LEU C 177 -2.42 15.86 -33.39
C LEU C 177 -2.28 15.31 -31.97
N VAL C 178 -1.41 14.32 -31.81
CA VAL C 178 -1.20 13.73 -30.50
C VAL C 178 0.26 13.98 -30.11
N VAL C 179 0.51 14.50 -28.90
CA VAL C 179 1.88 14.82 -28.46
C VAL C 179 2.23 14.07 -27.18
N ASP C 180 3.34 13.32 -27.22
CA ASP C 180 3.91 12.70 -26.02
C ASP C 180 4.85 13.72 -25.38
N ALA C 181 4.43 14.30 -24.26
CA ALA C 181 5.20 15.35 -23.60
C ALA C 181 5.99 14.89 -22.34
N THR C 182 6.14 13.57 -22.20
CA THR C 182 6.83 12.94 -21.08
C THR C 182 8.15 13.63 -20.70
N PHE C 183 8.97 13.97 -21.68
CA PHE C 183 10.36 14.43 -21.47
C PHE C 183 10.46 15.80 -20.84
N THR C 184 9.37 16.55 -20.84
CA THR C 184 9.41 17.95 -20.49
C THR C 184 8.50 18.25 -19.28
N SER C 185 7.44 17.45 -19.14
CA SER C 185 6.41 17.55 -18.09
C SER C 185 5.42 18.65 -18.44
N PRO C 186 4.19 18.58 -17.87
CA PRO C 186 3.17 19.56 -18.17
C PRO C 186 3.43 20.91 -17.51
N CYS C 187 4.44 21.03 -16.64
CA CYS C 187 4.88 22.34 -16.18
C CYS C 187 5.48 23.21 -17.29
N PHE C 188 6.16 22.58 -18.25
CA PHE C 188 6.94 23.33 -19.27
C PHE C 188 6.41 23.19 -20.70
N LEU C 189 5.62 22.16 -20.96
CA LEU C 189 5.11 21.88 -22.29
C LEU C 189 3.62 21.56 -22.17
N LYS C 190 2.77 22.41 -22.76
CA LYS C 190 1.33 22.15 -22.73
C LYS C 190 0.83 22.02 -24.15
N PRO C 191 0.79 20.79 -24.67
CA PRO C 191 0.54 20.69 -26.12
C PRO C 191 -0.85 21.17 -26.53
N LEU C 192 -1.85 21.07 -25.63
CA LEU C 192 -3.19 21.59 -25.92
C LEU C 192 -3.16 23.10 -26.17
N GLU C 193 -2.22 23.83 -25.58
CA GLU C 193 -2.06 25.27 -25.88
C GLU C 193 -1.35 25.53 -27.20
N LEU C 194 -0.67 24.54 -27.74
CA LEU C 194 0.05 24.71 -29.00
C LEU C 194 -0.80 24.20 -30.18
N GLY C 195 -2.02 23.76 -29.91
CA GLY C 195 -2.82 23.20 -30.98
C GLY C 195 -2.95 21.69 -31.03
N ALA C 196 -2.25 20.91 -30.20
CA ALA C 196 -2.53 19.45 -30.13
C ALA C 196 -3.98 19.14 -29.72
N ASP C 197 -4.45 17.96 -30.12
CA ASP C 197 -5.75 17.48 -29.69
C ASP C 197 -5.65 16.60 -28.43
N ILE C 198 -4.50 15.94 -28.29
CA ILE C 198 -4.24 15.04 -27.19
C ILE C 198 -2.81 15.23 -26.71
N ALA C 199 -2.69 15.33 -25.39
CA ALA C 199 -1.37 15.45 -24.74
C ALA C 199 -1.26 14.24 -23.78
N LEU C 200 -0.15 13.52 -23.83
CA LEU C 200 -0.02 12.34 -22.98
C LEU C 200 1.35 12.27 -22.35
N HIS C 201 1.47 11.46 -21.32
CA HIS C 201 2.71 11.30 -20.56
C HIS C 201 2.84 9.88 -20.08
N SER C 202 4.06 9.38 -20.10
CA SER C 202 4.42 8.40 -19.10
C SER C 202 4.52 9.09 -17.71
N VAL C 203 3.56 8.80 -16.85
CA VAL C 203 3.55 9.30 -15.48
C VAL C 203 4.70 8.67 -14.67
N SER C 204 5.18 7.50 -15.14
CA SER C 204 6.33 6.83 -14.56
C SER C 204 7.57 7.74 -14.43
N TYR C 206 8.61 12.11 -14.85
CA TYR C 206 8.57 13.34 -14.03
C TYR C 206 7.29 13.47 -13.18
N ILE C 207 6.12 13.14 -13.74
CA ILE C 207 4.90 13.51 -13.04
C ILE C 207 4.88 12.85 -11.67
N ASN C 208 5.11 11.53 -11.62
CA ASN C 208 5.22 10.87 -10.34
C ASN C 208 6.54 11.23 -9.66
N GLY C 209 7.63 11.12 -10.42
CA GLY C 209 8.92 11.68 -10.03
C GLY C 209 9.74 10.85 -9.05
N HIS C 210 9.15 9.80 -8.47
CA HIS C 210 9.82 9.12 -7.37
C HIS C 210 10.27 7.71 -7.75
N GLY C 211 10.23 7.36 -9.04
CA GLY C 211 10.76 6.08 -9.48
C GLY C 211 10.09 4.88 -8.85
N ASP C 212 8.84 5.03 -8.41
CA ASP C 212 8.25 3.90 -7.72
C ASP C 212 6.90 3.48 -8.26
N VAL C 213 6.48 4.07 -9.37
CA VAL C 213 5.29 3.63 -10.08
C VAL C 213 5.44 3.72 -11.59
N ILE C 214 4.74 2.83 -12.25
CA ILE C 214 4.58 2.88 -13.68
C ILE C 214 3.15 3.28 -14.00
N GLY C 215 2.99 4.28 -14.86
CA GLY C 215 1.65 4.73 -15.17
C GLY C 215 1.67 5.69 -16.34
N GLY C 216 0.49 5.94 -16.90
CA GLY C 216 0.33 6.79 -18.07
C GLY C 216 -0.86 7.69 -17.88
N VAL C 217 -0.92 8.77 -18.63
CA VAL C 217 -2.10 9.62 -18.59
C VAL C 217 -2.23 10.23 -19.98
N SER C 218 -3.47 10.47 -20.38
CA SER C 218 -3.75 11.10 -21.65
C SER C 218 -4.87 12.08 -21.41
N SER C 219 -4.70 13.28 -21.98
CA SER C 219 -5.67 14.38 -21.84
C SER C 219 -6.10 14.88 -23.21
N ALA C 220 -7.41 15.12 -23.42
CA ALA C 220 -7.94 15.51 -24.70
C ALA C 220 -8.56 16.90 -24.60
N LYS C 221 -8.42 17.68 -25.67
CA LYS C 221 -9.03 18.99 -25.77
C LYS C 221 -10.59 18.95 -25.76
N THR C 222 -11.17 17.83 -26.15
CA THR C 222 -12.61 17.75 -26.40
C THR C 222 -13.20 16.64 -25.48
N ALA C 223 -14.40 16.86 -24.95
CA ALA C 223 -15.13 15.87 -24.14
C ALA C 223 -15.37 14.58 -24.93
N GLU C 224 -15.68 14.72 -26.21
CA GLU C 224 -15.91 13.56 -27.04
C GLU C 224 -14.66 12.68 -27.17
N ASP C 225 -13.50 13.29 -27.32
CA ASP C 225 -12.26 12.54 -27.48
C ASP C 225 -11.84 11.88 -26.18
N ILE C 226 -11.96 12.58 -25.06
CA ILE C 226 -11.68 11.89 -23.81
C ILE C 226 -12.66 10.72 -23.55
N ALA C 227 -13.93 10.89 -23.90
CA ALA C 227 -14.91 9.79 -23.75
C ALA C 227 -14.51 8.55 -24.60
N THR C 228 -14.06 8.76 -25.82
CA THR C 228 -13.68 7.69 -26.74
C THR C 228 -12.44 6.97 -26.19
N ILE C 229 -11.45 7.75 -25.74
CA ILE C 229 -10.31 7.17 -25.03
C ILE C 229 -10.69 6.25 -23.86
N LYS C 230 -11.56 6.74 -22.96
CA LYS C 230 -12.02 5.97 -21.82
C LYS C 230 -12.84 4.73 -22.27
N PHE C 231 -13.56 4.87 -23.37
CA PHE C 231 -14.34 3.78 -23.96
C PHE C 231 -13.35 2.68 -24.39
N TYR C 232 -12.28 3.08 -25.06
CA TYR C 232 -11.21 2.17 -25.45
C TYR C 232 -10.57 1.49 -24.21
N ARG C 233 -10.21 2.31 -23.22
CA ARG C 233 -9.64 1.84 -21.93
C ARG C 233 -10.46 0.75 -21.28
N LYS C 234 -11.78 0.86 -21.29
CA LYS C 234 -12.58 -0.12 -20.54
C LYS C 234 -12.56 -1.50 -21.21
N ASP C 235 -12.33 -1.52 -22.51
CA ASP C 235 -12.19 -2.76 -23.27
C ASP C 235 -10.75 -3.24 -23.41
N ALA C 236 -9.78 -2.33 -23.48
CA ALA C 236 -8.36 -2.75 -23.59
C ALA C 236 -7.73 -3.02 -22.19
N GLY C 237 -8.25 -2.34 -21.16
CA GLY C 237 -7.98 -2.72 -19.78
C GLY C 237 -6.67 -2.28 -19.15
N SER C 238 -6.04 -1.26 -19.71
CA SER C 238 -4.86 -0.65 -19.07
C SER C 238 -5.26 0.38 -18.00
N LEU C 239 -5.25 -0.05 -16.75
CA LEU C 239 -5.81 0.73 -15.67
C LEU C 239 -4.73 1.21 -14.74
N MET C 240 -4.91 2.39 -14.14
CA MET C 240 -4.05 2.78 -13.01
C MET C 240 -4.64 2.13 -11.75
N ALA C 241 -3.82 1.41 -10.98
CA ALA C 241 -4.27 0.84 -9.71
C ALA C 241 -4.54 1.97 -8.69
N PRO C 242 -5.52 1.78 -7.77
CA PRO C 242 -5.80 2.82 -6.75
C PRO C 242 -4.54 3.22 -6.00
N MET C 243 -3.75 2.25 -5.55
CA MET C 243 -2.52 2.58 -4.80
C MET C 243 -1.54 3.42 -5.67
N ASP C 244 -1.44 3.09 -6.95
CA ASP C 244 -0.52 3.81 -7.86
C ASP C 244 -1.01 5.26 -8.11
N ALA C 245 -2.34 5.42 -8.19
CA ALA C 245 -2.96 6.75 -8.31
C ALA C 245 -2.75 7.58 -7.05
N PHE C 246 -2.91 6.96 -5.88
CA PHE C 246 -2.56 7.61 -4.63
C PHE C 246 -1.09 8.09 -4.71
N LEU C 247 -0.19 7.22 -5.12
CA LEU C 247 1.24 7.59 -5.21
C LEU C 247 1.50 8.70 -6.24
N CYS C 248 0.93 8.60 -7.44
CA CYS C 248 1.16 9.60 -8.49
C CYS C 248 0.61 10.98 -8.07
N ALA C 249 -0.58 10.99 -7.47
CA ALA C 249 -1.13 12.29 -7.01
C ALA C 249 -0.17 12.89 -5.96
N ARG C 250 0.31 12.04 -5.07
CA ARG C 250 1.22 12.50 -4.01
C ARG C 250 2.53 13.02 -4.64
N GLY C 251 3.09 12.27 -5.58
CA GLY C 251 4.30 12.73 -6.30
C GLY C 251 4.05 14.07 -6.97
N MET C 252 2.91 14.18 -7.64
CA MET C 252 2.58 15.40 -8.37
C MET C 252 2.44 16.66 -7.47
N LYS C 253 2.13 16.49 -6.17
CA LYS C 253 2.09 17.65 -5.27
C LYS C 253 3.39 18.46 -5.30
N THR C 254 4.55 17.81 -5.57
CA THR C 254 5.83 18.55 -5.60
C THR C 254 6.35 18.74 -7.01
N LEU C 255 5.51 18.48 -8.02
CA LEU C 255 5.95 18.53 -9.43
C LEU C 255 6.52 19.92 -9.83
N PRO C 256 5.79 21.03 -9.54
CA PRO C 256 6.35 22.33 -9.97
C PRO C 256 7.72 22.63 -9.35
N ILE C 257 7.91 22.36 -8.06
CA ILE C 257 9.23 22.72 -7.50
C ILE C 257 10.34 21.72 -7.99
N ARG C 258 9.99 20.44 -8.10
CA ARG C 258 10.94 19.45 -8.63
C ARG C 258 11.40 19.83 -10.05
N MET C 259 10.42 20.18 -10.90
CA MET C 259 10.74 20.57 -12.29
C MET C 259 11.63 21.79 -12.34
N GLN C 260 11.40 22.74 -11.43
CA GLN C 260 12.24 23.94 -11.43
C GLN C 260 13.69 23.51 -11.13
N ILE C 261 13.88 22.66 -10.13
CA ILE C 261 15.24 22.20 -9.80
C ILE C 261 15.82 21.32 -10.93
N HIS C 262 14.99 20.42 -11.48
CA HIS C 262 15.45 19.59 -12.60
C HIS C 262 15.93 20.50 -13.77
N MET C 263 15.10 21.51 -14.11
CA MET C 263 15.45 22.36 -15.26
C MET C 263 16.82 22.99 -15.03
N GLU C 264 16.98 23.61 -13.88
CA GLU C 264 18.23 24.35 -13.56
C GLU C 264 19.43 23.43 -13.47
N ASN C 265 19.26 22.28 -12.82
CA ASN C 265 20.37 21.31 -12.68
C ASN C 265 20.79 20.81 -14.06
N GLY C 266 19.79 20.42 -14.85
CA GLY C 266 20.01 19.90 -16.18
C GLY C 266 20.79 20.88 -17.03
N LEU C 267 20.43 22.16 -16.99
CA LEU C 267 21.11 23.13 -17.84
C LEU C 267 22.57 23.28 -17.39
N LYS C 268 22.80 23.29 -16.07
CA LYS C 268 24.12 23.50 -15.55
C LYS C 268 25.03 22.29 -15.85
N VAL C 269 24.46 21.10 -15.77
CA VAL C 269 25.20 19.88 -16.12
C VAL C 269 25.53 19.86 -17.62
N ALA C 270 24.57 20.22 -18.47
CA ALA C 270 24.80 20.27 -19.90
C ALA C 270 25.90 21.27 -20.25
N LYS C 271 25.92 22.41 -19.56
CA LYS C 271 26.98 23.41 -19.83
C LYS C 271 28.35 22.95 -19.35
N PHE C 272 28.39 22.31 -18.19
CA PHE C 272 29.63 21.66 -17.73
C PHE C 272 30.18 20.65 -18.76
N LEU C 273 29.33 19.72 -19.19
CA LEU C 273 29.68 18.72 -20.19
C LEU C 273 30.11 19.38 -21.49
N GLU C 274 29.36 20.41 -21.91
CA GLU C 274 29.63 21.02 -23.20
C GLU C 274 31.04 21.63 -23.27
N GLN C 275 31.53 22.21 -22.17
CA GLN C 275 32.85 22.79 -22.13
C GLN C 275 33.94 21.76 -21.78
N HIS C 276 33.56 20.50 -21.55
CA HIS C 276 34.54 19.52 -21.11
C HIS C 276 35.30 18.80 -22.29
N GLU C 277 36.62 18.68 -22.16
CA GLU C 277 37.50 18.15 -23.24
C GLU C 277 37.09 16.76 -23.75
N LYS C 278 36.55 15.93 -22.86
CA LYS C 278 36.17 14.57 -23.21
C LYS C 278 34.86 14.48 -24.01
N ILE C 279 34.10 15.57 -24.02
CA ILE C 279 32.73 15.58 -24.56
C ILE C 279 32.74 16.23 -25.95
N VAL C 280 32.17 15.53 -26.92
CA VAL C 280 32.20 15.95 -28.31
C VAL C 280 31.05 16.90 -28.58
N LYS C 281 29.89 16.54 -28.03
CA LYS C 281 28.66 17.26 -28.37
C LYS C 281 27.69 17.04 -27.23
N VAL C 282 26.83 18.03 -26.97
CA VAL C 282 25.77 17.89 -25.99
C VAL C 282 24.43 18.25 -26.65
N ASN C 283 23.47 17.32 -26.58
CA ASN C 283 22.11 17.53 -27.13
C ASN C 283 21.09 17.89 -26.04
N HIS C 284 21.15 19.13 -25.55
CA HIS C 284 20.20 19.62 -24.60
C HIS C 284 19.49 20.74 -25.34
N PRO C 285 18.16 20.67 -25.48
CA PRO C 285 17.39 21.67 -26.26
C PRO C 285 17.43 23.10 -25.67
N GLY C 286 17.91 23.27 -24.43
CA GLY C 286 18.11 24.62 -23.85
C GLY C 286 19.45 25.25 -24.18
N LEU C 287 20.35 24.52 -24.84
CA LEU C 287 21.66 25.09 -25.25
C LEU C 287 21.55 25.88 -26.55
N GLU C 288 22.20 27.01 -26.66
CA GLU C 288 22.13 27.74 -27.93
C GLU C 288 22.74 26.98 -29.10
N SER C 289 23.71 26.10 -28.85
CA SER C 289 24.31 25.35 -29.95
C SER C 289 23.30 24.33 -30.51
N PHE C 290 22.19 24.05 -29.82
CA PHE C 290 21.34 22.94 -30.24
C PHE C 290 20.38 23.30 -31.38
N PRO C 291 20.39 22.56 -32.49
CA PRO C 291 19.44 22.88 -33.58
C PRO C 291 18.05 22.64 -33.04
N GLY C 292 17.17 23.60 -33.20
CA GLY C 292 15.86 23.40 -32.60
C GLY C 292 15.71 24.17 -31.31
N HIS C 293 16.80 24.69 -30.76
CA HIS C 293 16.70 25.52 -29.57
C HIS C 293 15.69 26.68 -29.74
N ASP C 294 15.74 27.37 -30.88
CA ASP C 294 14.86 28.51 -31.11
C ASP C 294 13.37 28.10 -31.01
N ILE C 295 12.98 26.99 -31.64
CA ILE C 295 11.60 26.46 -31.53
C ILE C 295 11.28 26.02 -30.09
N ALA C 296 12.17 25.26 -29.46
CA ALA C 296 11.95 24.78 -28.08
C ALA C 296 11.72 25.97 -27.13
N LYS C 297 12.51 27.01 -27.31
CA LYS C 297 12.48 28.21 -26.47
C LYS C 297 11.16 28.96 -26.59
N LYS C 298 10.57 28.99 -27.79
CA LYS C 298 9.26 29.64 -28.04
C LYS C 298 8.05 28.79 -27.62
N GLN C 299 8.11 27.47 -27.78
CA GLN C 299 6.92 26.64 -27.60
C GLN C 299 6.83 25.97 -26.22
N MET C 300 7.91 26.10 -25.44
CA MET C 300 7.95 25.57 -24.06
C MET C 300 8.32 26.65 -23.10
N THR C 301 8.02 26.44 -21.82
CA THR C 301 8.32 27.48 -20.84
C THR C 301 9.44 26.99 -19.95
N GLY C 302 10.06 25.86 -20.33
CA GLY C 302 11.22 25.36 -19.64
C GLY C 302 11.69 24.09 -20.32
N TYR C 303 12.57 23.34 -19.65
CA TYR C 303 13.19 22.17 -20.22
C TYR C 303 13.21 21.10 -19.17
N GLY C 304 12.95 19.85 -19.56
CA GLY C 304 13.24 18.71 -18.70
C GLY C 304 14.74 18.57 -18.53
N SER C 305 15.18 17.55 -17.80
CA SER C 305 16.60 17.46 -17.52
C SER C 305 17.22 16.15 -17.98
N THR C 306 16.58 15.49 -18.95
CA THR C 306 17.09 14.28 -19.54
C THR C 306 17.62 14.63 -20.91
N PHE C 307 18.86 14.27 -21.20
CA PHE C 307 19.43 14.67 -22.49
C PHE C 307 20.64 13.80 -22.81
N LEU C 308 21.18 13.96 -23.97
CA LEU C 308 22.12 13.02 -24.43
C LEU C 308 23.42 13.75 -24.74
N PHE C 309 24.55 13.07 -24.60
CA PHE C 309 25.83 13.64 -25.03
C PHE C 309 26.71 12.60 -25.65
N GLU C 310 27.68 13.08 -26.45
CA GLU C 310 28.57 12.23 -27.24
C GLU C 310 30.00 12.23 -26.66
N MET C 311 30.48 11.03 -26.32
CA MET C 311 31.85 10.80 -25.89
C MET C 311 32.71 10.53 -27.14
N LYS C 312 34.03 10.36 -26.98
CA LYS C 312 34.90 10.11 -28.14
C LYS C 312 34.87 8.67 -28.62
N SER C 313 34.32 7.76 -27.80
CA SER C 313 34.33 6.34 -28.13
C SER C 313 33.34 5.62 -27.25
N PHE C 314 32.96 4.43 -27.69
CA PHE C 314 32.17 3.53 -26.84
C PHE C 314 32.92 3.21 -25.52
N GLU C 315 34.23 2.95 -25.62
CA GLU C 315 35.01 2.65 -24.42
C GLU C 315 35.02 3.79 -23.41
N ALA C 316 35.15 5.02 -23.90
CA ALA C 316 35.09 6.21 -23.05
C ALA C 316 33.72 6.39 -22.38
N ALA C 317 32.66 6.07 -23.12
CA ALA C 317 31.29 6.13 -22.59
C ALA C 317 31.17 5.12 -21.45
N LYS C 318 31.67 3.92 -21.65
CA LYS C 318 31.48 2.84 -20.68
C LYS C 318 32.30 3.12 -19.43
N LYS C 319 33.50 3.66 -19.59
CA LYS C 319 34.31 4.05 -18.47
C LYS C 319 33.64 5.15 -17.64
N LEU C 320 33.05 6.13 -18.31
CA LEU C 320 32.28 7.13 -17.61
C LEU C 320 31.11 6.49 -16.83
N MET C 321 30.26 5.72 -17.53
CA MET C 321 29.01 5.23 -16.92
C MET C 321 29.22 4.28 -15.74
N GLU C 322 30.37 3.59 -15.71
CA GLU C 322 30.65 2.60 -14.68
C GLU C 322 31.48 3.11 -13.53
N HIS C 323 31.75 4.41 -13.47
CA HIS C 323 32.60 4.89 -12.37
C HIS C 323 31.97 6.09 -11.68
N LEU C 324 30.65 6.15 -11.74
CA LEU C 324 29.92 7.22 -11.09
C LEU C 324 29.49 6.73 -9.70
N LYS C 325 29.44 7.61 -8.72
CA LYS C 325 29.07 7.22 -7.37
C LYS C 325 27.76 7.82 -6.99
N VAL C 326 27.34 8.85 -7.70
CA VAL C 326 26.08 9.47 -7.37
C VAL C 326 25.05 9.11 -8.44
N CYS C 327 25.40 9.27 -9.72
CA CYS C 327 24.53 8.86 -10.81
C CYS C 327 24.34 7.33 -10.70
N THR C 328 23.16 6.81 -11.07
CA THR C 328 22.86 5.37 -11.01
C THR C 328 22.66 4.80 -12.44
N LEU C 329 23.41 3.77 -12.78
CA LEU C 329 23.30 3.15 -14.11
C LEU C 329 21.98 2.39 -14.19
N ALA C 330 21.05 2.86 -15.01
CA ALA C 330 19.69 2.29 -15.11
C ALA C 330 18.94 3.03 -16.20
N VAL C 331 17.91 2.39 -16.75
CA VAL C 331 17.04 3.01 -17.71
C VAL C 331 15.94 3.75 -16.92
N SER C 332 14.98 4.37 -17.61
CA SER C 332 14.00 5.32 -17.05
C SER C 332 14.60 6.68 -16.84
N LEU C 333 13.77 7.63 -16.42
CA LEU C 333 14.22 9.03 -16.29
C LEU C 333 13.20 9.81 -15.47
N GLY C 334 13.54 11.05 -15.11
CA GLY C 334 12.59 11.98 -14.44
C GLY C 334 12.37 11.63 -12.97
N CYS C 335 13.30 10.87 -12.40
CA CYS C 335 13.29 10.53 -10.98
CA CYS C 335 13.31 10.53 -10.98
C CYS C 335 14.02 11.61 -10.21
N VAL C 336 13.77 11.68 -8.91
CA VAL C 336 14.45 12.66 -8.07
C VAL C 336 15.97 12.50 -8.03
N ASP C 337 16.43 11.27 -8.22
CA ASP C 337 17.89 11.04 -8.22
C ASP C 337 18.36 10.81 -9.66
N THR C 338 19.64 11.01 -9.92
CA THR C 338 20.13 11.11 -11.27
C THR C 338 20.39 9.70 -11.88
N LEU C 339 19.91 9.46 -13.10
CA LEU C 339 20.12 8.16 -13.76
C LEU C 339 20.94 8.36 -15.04
N ILE C 340 21.58 7.27 -15.47
CA ILE C 340 22.38 7.32 -16.66
C ILE C 340 22.27 5.96 -17.38
N GLU C 341 22.44 5.92 -18.71
CA GLU C 341 21.99 4.81 -19.54
C GLU C 341 22.75 4.90 -20.88
N HIS C 342 22.88 3.78 -21.57
CA HIS C 342 23.52 3.72 -22.90
C HIS C 342 22.46 3.38 -23.96
N PRO C 343 21.92 4.37 -24.67
CA PRO C 343 20.76 4.04 -25.53
C PRO C 343 21.07 2.90 -26.55
N ALA C 344 22.27 2.88 -27.11
CA ALA C 344 22.57 1.97 -28.22
C ALA C 344 22.45 0.53 -27.77
N SER C 345 22.81 0.25 -26.51
CA SER C 345 22.69 -1.14 -26.01
C SER C 345 21.55 -1.37 -25.00
N MET C 346 20.74 -0.36 -24.72
CA MET C 346 19.73 -0.43 -23.67
C MET C 346 18.34 0.07 -24.15
N THR C 347 17.95 1.32 -23.87
CA THR C 347 16.58 1.76 -24.20
C THR C 347 16.16 1.63 -25.66
N HIS C 348 17.15 1.58 -26.55
CA HIS C 348 16.93 1.67 -27.98
C HIS C 348 17.59 0.53 -28.73
N ALA C 349 18.08 -0.48 -28.00
CA ALA C 349 18.71 -1.68 -28.63
C ALA C 349 17.74 -2.59 -29.45
N ALA C 350 16.43 -2.40 -29.27
CA ALA C 350 15.41 -3.17 -30.02
C ALA C 350 14.87 -2.44 -31.27
N VAL C 351 15.25 -1.16 -31.43
CA VAL C 351 14.88 -0.37 -32.61
C VAL C 351 15.66 -0.86 -33.84
N PRO C 352 14.93 -1.25 -34.93
CA PRO C 352 15.54 -1.72 -36.19
C PRO C 352 16.63 -0.76 -36.71
N GLU C 353 17.74 -1.33 -37.20
CA GLU C 353 18.91 -0.54 -37.63
C GLU C 353 18.56 0.58 -38.58
N ASN C 354 17.65 0.30 -39.54
CA ASN C 354 17.00 1.30 -40.40
C ASN C 354 16.63 2.58 -39.62
N ILE C 355 15.91 2.40 -38.51
CA ILE C 355 15.36 3.52 -37.76
C ILE C 355 16.44 4.08 -36.78
N MET C 356 17.30 3.19 -36.25
CA MET C 356 18.45 3.59 -35.43
C MET C 356 19.45 4.51 -36.13
N ARG C 357 19.70 4.23 -37.42
CA ARG C 357 20.66 5.02 -38.23
C ARG C 357 20.14 6.43 -38.43
N LYS C 358 18.84 6.54 -38.66
CA LYS C 358 18.21 7.82 -38.89
C LYS C 358 17.78 8.51 -37.60
N GLN C 359 17.72 7.77 -36.49
CA GLN C 359 17.50 8.38 -35.18
C GLN C 359 18.81 9.04 -34.73
N GLY C 360 19.90 8.70 -35.40
CA GLY C 360 21.21 9.25 -35.05
C GLY C 360 21.80 8.64 -33.79
N ILE C 361 21.45 7.39 -33.50
CA ILE C 361 21.90 6.73 -32.25
C ILE C 361 23.15 5.85 -32.46
N THR C 362 24.25 6.21 -31.80
CA THR C 362 25.53 5.50 -31.93
C THR C 362 26.08 5.03 -30.57
N PRO C 363 27.03 4.05 -30.57
CA PRO C 363 27.60 3.56 -29.32
C PRO C 363 28.35 4.63 -28.51
N GLU C 364 28.62 5.79 -29.11
CA GLU C 364 29.33 6.84 -28.36
C GLU C 364 28.42 7.71 -27.48
N LEU C 365 27.10 7.48 -27.53
CA LEU C 365 26.14 8.36 -26.88
C LEU C 365 25.74 7.82 -25.52
N VAL C 366 25.62 8.72 -24.55
CA VAL C 366 25.19 8.41 -23.20
C VAL C 366 23.99 9.33 -22.90
N ARG C 367 22.94 8.78 -22.31
CA ARG C 367 21.81 9.62 -21.89
C ARG C 367 21.84 9.78 -20.39
N ILE C 368 21.66 11.01 -19.91
CA ILE C 368 21.65 11.25 -18.49
C ILE C 368 20.32 11.88 -18.13
N SER C 369 19.75 11.49 -17.01
CA SER C 369 18.53 12.09 -16.53
C SER C 369 18.83 12.77 -15.20
N VAL C 370 19.01 14.09 -15.25
CA VAL C 370 19.54 14.80 -14.10
C VAL C 370 18.46 15.00 -13.02
N GLY C 371 18.80 14.56 -11.82
CA GLY C 371 17.90 14.62 -10.66
C GLY C 371 17.98 15.94 -9.92
N ILE C 372 17.49 15.92 -8.68
CA ILE C 372 17.41 17.11 -7.84
C ILE C 372 18.47 17.13 -6.75
N GLU C 373 19.45 16.21 -6.80
CA GLU C 373 20.66 16.35 -5.95
C GLU C 373 21.28 17.75 -6.12
N ASN C 374 22.06 18.19 -5.14
CA ASN C 374 22.82 19.41 -5.31
C ASN C 374 23.63 19.28 -6.61
N VAL C 375 23.55 20.29 -7.47
CA VAL C 375 24.16 20.26 -8.80
C VAL C 375 25.68 20.15 -8.76
N ASP C 376 26.33 20.80 -7.79
CA ASP C 376 27.78 20.65 -7.62
C ASP C 376 28.21 19.21 -7.32
N ASP C 377 27.40 18.46 -6.56
CA ASP C 377 27.71 17.06 -6.25
C ASP C 377 27.55 16.23 -7.53
N ILE C 378 26.55 16.53 -8.36
CA ILE C 378 26.41 15.86 -9.66
C ILE C 378 27.59 16.17 -10.56
N ILE C 379 27.93 17.45 -10.71
CA ILE C 379 29.04 17.82 -11.58
C ILE C 379 30.34 17.20 -11.04
N ALA C 380 30.60 17.25 -9.73
CA ALA C 380 31.84 16.65 -9.19
C ALA C 380 31.96 15.15 -9.50
N ASP C 381 30.84 14.44 -9.52
CA ASP C 381 30.79 12.97 -9.73
C ASP C 381 31.18 12.67 -11.17
N LEU C 382 30.64 13.47 -12.08
CA LEU C 382 30.90 13.32 -13.53
C LEU C 382 32.35 13.68 -13.81
N LYS C 383 32.81 14.77 -13.21
CA LYS C 383 34.19 15.22 -13.38
C LYS C 383 35.22 14.18 -12.92
N GLN C 384 35.00 13.58 -11.76
CA GLN C 384 35.96 12.61 -11.27
C GLN C 384 36.02 11.38 -12.16
N ALA C 385 34.88 10.94 -12.70
CA ALA C 385 34.86 9.80 -13.61
C ALA C 385 35.50 10.16 -14.95
N LEU C 386 35.22 11.35 -15.45
CA LEU C 386 35.83 11.83 -16.71
C LEU C 386 37.33 11.99 -16.57
N GLU C 387 37.83 12.23 -15.36
CA GLU C 387 39.26 12.50 -15.18
C GLU C 387 40.03 11.29 -14.63
N LEU C 388 39.44 10.11 -14.77
CA LEU C 388 40.06 8.86 -14.30
C LEU C 388 41.31 8.51 -15.04
N TRP C 389 42.29 8.00 -14.30
CA TRP C 389 43.42 7.27 -14.84
C TRP C 389 42.98 6.32 -15.98
N ASP D 5 -23.32 -18.12 11.58
CA ASP D 5 -22.01 -18.31 12.25
C ASP D 5 -21.16 -17.03 12.17
N ILE D 6 -19.97 -17.13 12.77
CA ILE D 6 -19.02 -16.02 12.85
C ILE D 6 -18.67 -15.41 11.46
N THR D 7 -18.54 -16.25 10.44
CA THR D 7 -18.14 -15.81 9.09
C THR D 7 -19.04 -14.72 8.53
N THR D 8 -20.36 -14.93 8.62
CA THR D 8 -21.31 -13.94 8.13
C THR D 8 -21.14 -12.58 8.80
N THR D 9 -20.84 -12.57 10.09
CA THR D 9 -20.70 -11.33 10.84
C THR D 9 -19.46 -10.54 10.39
N LEU D 10 -18.31 -11.22 10.31
CA LEU D 10 -17.06 -10.64 9.82
C LEU D 10 -17.13 -10.11 8.38
N LEU D 11 -17.93 -10.78 7.54
CA LEU D 11 -18.17 -10.34 6.16
C LEU D 11 -19.18 -9.19 6.06
N HIS D 12 -20.04 -9.01 7.05
CA HIS D 12 -21.06 -7.98 6.97
C HIS D 12 -21.05 -7.06 8.20
N PRO D 13 -19.93 -6.35 8.41
CA PRO D 13 -19.81 -5.60 9.65
C PRO D 13 -20.70 -4.34 9.59
N LYS D 14 -21.17 -3.89 10.76
CA LYS D 14 -21.96 -2.66 10.88
C LYS D 14 -21.17 -1.44 10.36
N GLY D 15 -21.91 -0.42 9.91
CA GLY D 15 -21.33 0.82 9.38
C GLY D 15 -21.87 1.19 8.00
N ASP D 16 -21.69 2.45 7.61
CA ASP D 16 -22.09 2.82 6.24
C ASP D 16 -20.90 2.61 5.29
N HIS D 17 -21.21 2.39 4.02
CA HIS D 17 -20.22 2.41 2.98
C HIS D 17 -19.73 3.84 2.78
N VAL D 18 -18.48 3.98 2.37
CA VAL D 18 -17.90 5.28 2.06
C VAL D 18 -17.98 5.46 0.54
N LEU D 19 -18.70 6.48 0.08
CA LEU D 19 -18.97 6.68 -1.35
C LEU D 19 -19.42 5.40 -2.06
N HIS D 20 -20.30 4.62 -1.41
CA HIS D 20 -20.80 3.37 -2.02
C HIS D 20 -19.72 2.33 -2.31
N SER D 21 -18.52 2.55 -1.78
CA SER D 21 -17.45 1.58 -2.00
C SER D 21 -17.78 0.26 -1.34
N HIS D 22 -17.66 -0.82 -2.11
CA HIS D 22 -17.87 -2.16 -1.54
C HIS D 22 -16.77 -2.56 -0.52
N ALA D 23 -15.50 -2.56 -0.91
CA ALA D 23 -14.40 -2.67 0.06
C ALA D 23 -14.28 -1.34 0.82
N TYR D 24 -14.01 -1.41 2.11
CA TYR D 24 -13.86 -0.20 2.93
C TYR D 24 -12.55 0.48 2.57
N PRO D 25 -12.57 1.79 2.25
CA PRO D 25 -11.38 2.52 1.80
C PRO D 25 -10.23 2.53 2.79
N ILE D 26 -9.01 2.69 2.27
CA ILE D 26 -7.84 2.86 3.13
C ILE D 26 -7.65 4.35 3.40
N PHE D 27 -7.87 4.77 4.65
CA PHE D 27 -7.73 6.18 4.99
C PHE D 27 -6.30 6.50 5.34
N GLN D 28 -5.47 6.54 4.32
CA GLN D 28 -4.06 6.84 4.48
C GLN D 28 -3.90 8.37 4.63
N THR D 29 -4.24 8.85 5.83
CA THR D 29 -4.26 10.29 6.11
C THR D 29 -3.81 10.48 7.54
N SER D 30 -3.17 11.59 7.81
CA SER D 30 -2.92 11.91 9.22
C SER D 30 -4.08 12.70 9.80
N THR D 31 -4.51 13.76 9.12
CA THR D 31 -5.47 14.67 9.67
C THR D 31 -6.80 14.72 8.93
N PHE D 32 -7.79 15.37 9.56
CA PHE D 32 -9.16 15.55 9.03
C PHE D 32 -9.53 17.03 9.07
N CYS D 33 -10.37 17.46 8.14
CA CYS D 33 -10.75 18.86 7.96
C CYS D 33 -11.95 19.15 8.85
N PHE D 34 -12.06 20.39 9.33
CA PHE D 34 -13.27 20.82 10.02
C PHE D 34 -14.18 21.71 9.16
N ASP D 35 -15.50 21.60 9.35
CA ASP D 35 -16.47 22.49 8.70
C ASP D 35 -16.46 23.88 9.31
N SER D 36 -16.02 24.02 10.57
CA SER D 36 -16.06 25.31 11.28
C SER D 36 -15.26 25.16 12.55
N THR D 37 -14.96 26.26 13.22
CA THR D 37 -14.29 26.21 14.51
C THR D 37 -15.09 25.38 15.53
N GLN D 38 -16.39 25.62 15.56
CA GLN D 38 -17.30 24.98 16.49
C GLN D 38 -17.36 23.47 16.32
N GLN D 39 -17.46 23.02 15.08
CA GLN D 39 -17.49 21.60 14.80
C GLN D 39 -16.18 20.89 15.26
N GLY D 40 -15.03 21.54 15.02
CA GLY D 40 -13.74 21.05 15.50
C GLY D 40 -13.67 21.06 17.03
N ALA D 41 -14.01 22.19 17.64
CA ALA D 41 -14.07 22.26 19.11
C ALA D 41 -14.97 21.21 19.72
N ASP D 42 -16.15 20.98 19.12
CA ASP D 42 -17.07 19.96 19.59
C ASP D 42 -16.45 18.55 19.52
N LEU D 43 -15.76 18.23 18.42
CA LEU D 43 -15.15 16.92 18.30
C LEU D 43 -14.10 16.66 19.37
N PHE D 44 -13.29 17.69 19.66
CA PHE D 44 -12.30 17.62 20.73
C PHE D 44 -12.92 17.45 22.13
N MET D 45 -14.20 17.78 22.26
CA MET D 45 -14.95 17.62 23.51
C MET D 45 -15.80 16.35 23.47
N GLY D 46 -15.58 15.53 22.43
CA GLY D 46 -16.31 14.28 22.26
C GLY D 46 -17.78 14.45 21.90
N LYS D 47 -18.13 15.58 21.31
CA LYS D 47 -19.52 15.77 20.93
C LYS D 47 -19.69 15.84 19.41
N GLY D 48 -20.72 15.13 18.93
CA GLY D 48 -20.96 14.97 17.50
C GLY D 48 -20.18 13.79 16.93
N GLU D 49 -20.33 13.53 15.63
CA GLU D 49 -19.73 12.39 14.95
C GLU D 49 -18.65 12.90 13.99
N GLY D 50 -17.54 12.19 13.87
CA GLY D 50 -16.48 12.66 12.97
C GLY D 50 -15.08 12.40 13.48
N HIS D 51 -14.08 12.83 12.72
CA HIS D 51 -12.72 12.49 13.02
C HIS D 51 -11.89 13.74 13.11
N ILE D 52 -10.73 13.61 13.75
CA ILE D 52 -9.85 14.74 13.97
C ILE D 52 -8.46 14.44 13.42
N TYR D 53 -7.91 13.29 13.84
CA TYR D 53 -6.48 13.02 13.64
C TYR D 53 -6.30 11.53 13.85
N SER D 54 -5.54 10.88 12.97
CA SER D 54 -5.52 9.39 12.95
C SER D 54 -5.05 8.76 14.24
N ARG D 55 -4.16 9.43 14.98
CA ARG D 55 -3.77 8.90 16.29
C ARG D 55 -4.97 8.84 17.27
N LEU D 56 -5.91 9.79 17.18
CA LEU D 56 -7.12 9.73 18.02
C LEU D 56 -8.13 8.74 17.41
N GLY D 57 -8.08 8.55 16.09
CA GLY D 57 -9.09 7.71 15.44
C GLY D 57 -9.03 7.78 13.91
N ASN D 58 -8.86 6.61 13.29
CA ASN D 58 -8.82 6.50 11.86
C ASN D 58 -9.94 5.57 11.40
N PRO D 59 -10.73 5.98 10.39
CA PRO D 59 -11.92 5.14 10.00
C PRO D 59 -11.54 3.70 9.60
N THR D 60 -10.43 3.53 8.89
CA THR D 60 -10.03 2.19 8.48
C THR D 60 -9.69 1.31 9.70
N VAL D 61 -8.96 1.89 10.66
CA VAL D 61 -8.58 1.17 11.87
C VAL D 61 -9.84 0.87 12.72
N GLU D 62 -10.70 1.86 12.89
CA GLU D 62 -11.99 1.67 13.60
C GLU D 62 -12.86 0.52 13.03
N GLN D 63 -12.86 0.36 11.71
CA GLN D 63 -13.57 -0.75 11.07
C GLN D 63 -13.00 -2.09 11.57
N PHE D 64 -11.66 -2.18 11.63
CA PHE D 64 -11.02 -3.40 12.13
C PHE D 64 -11.34 -3.61 13.63
N GLU D 65 -11.28 -2.53 14.41
CA GLU D 65 -11.66 -2.58 15.81
C GLU D 65 -13.09 -3.12 16.00
N GLU D 66 -14.02 -2.65 15.18
CA GLU D 66 -15.42 -3.05 15.33
C GLU D 66 -15.58 -4.53 15.08
N MET D 67 -14.86 -5.03 14.07
CA MET D 67 -14.88 -6.47 13.72
C MET D 67 -14.46 -7.38 14.90
N VAL D 68 -13.38 -6.99 15.59
CA VAL D 68 -12.87 -7.71 16.74
C VAL D 68 -13.81 -7.55 17.93
N CYS D 69 -14.22 -6.32 18.18
CA CYS D 69 -15.18 -6.06 19.23
C CYS D 69 -16.46 -6.94 19.09
N SER D 70 -17.00 -7.07 17.87
CA SER D 70 -18.20 -7.89 17.65
C SER D 70 -17.98 -9.35 18.03
N ILE D 71 -16.79 -9.86 17.71
CA ILE D 71 -16.47 -11.26 17.91
C ILE D 71 -16.02 -11.58 19.36
N GLU D 72 -15.43 -10.61 20.04
CA GLU D 72 -15.06 -10.75 21.46
C GLU D 72 -16.24 -10.61 22.42
N GLY D 73 -17.36 -10.03 21.96
CA GLY D 73 -18.45 -9.61 22.86
C GLY D 73 -18.06 -8.46 23.80
N ALA D 74 -17.22 -7.55 23.33
CA ALA D 74 -16.68 -6.47 24.16
C ALA D 74 -17.54 -5.22 24.09
N ALA D 75 -17.23 -4.26 24.97
CA ALA D 75 -17.78 -2.90 24.90
C ALA D 75 -17.04 -2.03 23.88
N GLY D 76 -15.78 -2.37 23.64
CA GLY D 76 -15.03 -1.71 22.59
C GLY D 76 -13.69 -2.38 22.43
N SER D 77 -13.01 -2.10 21.30
CA SER D 77 -11.71 -2.66 20.98
C SER D 77 -10.75 -1.56 20.48
N ALA D 78 -9.46 -1.75 20.76
CA ALA D 78 -8.41 -0.82 20.39
C ALA D 78 -7.32 -1.60 19.62
N ALA D 79 -6.95 -1.11 18.44
CA ALA D 79 -5.90 -1.70 17.63
C ALA D 79 -4.58 -0.99 17.91
N PHE D 80 -3.48 -1.73 17.78
CA PHE D 80 -2.13 -1.20 18.06
C PHE D 80 -1.14 -1.64 17.01
N GLY D 81 0.06 -1.07 17.06
CA GLY D 81 1.16 -1.43 16.16
C GLY D 81 1.72 -2.83 16.34
N SER D 82 1.36 -3.53 17.42
CA SER D 82 1.92 -4.85 17.70
C SER D 82 1.19 -5.42 18.86
N GLY D 83 1.28 -6.74 19.01
CA GLY D 83 0.82 -7.40 20.23
C GLY D 83 1.41 -6.79 21.49
N MET D 84 2.69 -6.43 21.43
CA MET D 84 3.33 -5.86 22.58
C MET D 84 2.72 -4.51 22.94
N GLY D 85 2.35 -3.71 21.93
CA GLY D 85 1.66 -2.43 22.19
C GLY D 85 0.32 -2.68 22.89
N ALA D 86 -0.37 -3.76 22.48
CA ALA D 86 -1.63 -4.09 23.11
C ALA D 86 -1.40 -4.50 24.55
N ILE D 87 -0.34 -5.29 24.76
CA ILE D 87 -0.06 -5.80 26.09
C ILE D 87 0.34 -4.68 27.07
N SER D 88 1.24 -3.80 26.65
CA SER D 88 1.72 -2.79 27.56
C SER D 88 0.64 -1.72 27.76
N SER D 89 -0.17 -1.47 26.74
CA SER D 89 -1.36 -0.63 26.92
C SER D 89 -2.49 -1.25 27.73
N SER D 90 -2.52 -2.56 27.89
CA SER D 90 -3.63 -3.16 28.61
C SER D 90 -3.26 -3.36 30.05
N THR D 91 -1.99 -3.08 30.35
CA THR D 91 -1.47 -3.28 31.72
C THR D 91 -1.09 -1.93 32.32
N LEU D 92 -0.17 -1.21 31.68
CA LEU D 92 0.28 0.10 32.19
C LEU D 92 -0.74 1.21 32.08
N ALA D 93 -1.83 0.99 31.37
CA ALA D 93 -2.96 1.93 31.43
C ALA D 93 -3.66 1.90 32.80
N PHE D 94 -3.48 0.78 33.55
CA PHE D 94 -4.14 0.59 34.84
C PHE D 94 -3.19 0.51 36.03
N LEU D 95 -2.00 -0.08 35.85
CA LEU D 95 -1.11 -0.30 36.99
C LEU D 95 -0.30 0.96 37.26
N GLN D 96 -0.09 1.25 38.53
CA GLN D 96 0.78 2.37 38.93
C GLN D 96 1.67 1.97 40.11
N LYS D 97 2.64 2.83 40.41
CA LYS D 97 3.53 2.68 41.55
C LYS D 97 2.75 2.24 42.80
N GLY D 98 3.23 1.18 43.43
CA GLY D 98 2.55 0.64 44.63
C GLY D 98 1.59 -0.51 44.38
N ASP D 99 1.20 -0.69 43.12
CA ASP D 99 0.31 -1.79 42.72
C ASP D 99 1.09 -3.07 42.57
N HIS D 100 0.39 -4.20 42.60
CA HIS D 100 0.99 -5.52 42.50
C HIS D 100 0.32 -6.26 41.34
N LEU D 101 1.10 -6.94 40.53
CA LEU D 101 0.58 -7.76 39.45
C LEU D 101 0.96 -9.22 39.66
N ILE D 102 -0.02 -10.11 39.50
CA ILE D 102 0.26 -11.55 39.42
C ILE D 102 0.19 -11.96 37.94
N ALA D 103 1.26 -12.53 37.43
CA ALA D 103 1.32 -13.00 36.04
C ALA D 103 1.58 -14.50 35.98
N GLY D 104 1.05 -15.15 34.94
CA GLY D 104 1.40 -16.54 34.65
C GLY D 104 2.91 -16.68 34.52
N ASP D 105 3.43 -17.82 34.98
CA ASP D 105 4.87 -18.01 35.00
C ASP D 105 5.40 -18.35 33.63
N THR D 106 4.51 -18.72 32.71
CA THR D 106 4.96 -18.96 31.35
C THR D 106 4.24 -18.06 30.34
N LEU D 107 5.05 -17.20 29.72
CA LEU D 107 4.57 -16.16 28.82
C LEU D 107 5.52 -16.07 27.66
N TYR D 108 5.03 -15.45 26.59
CA TYR D 108 5.87 -15.04 25.48
C TYR D 108 7.11 -14.28 26.01
N GLY D 109 8.29 -14.55 25.43
CA GLY D 109 9.55 -13.93 25.85
C GLY D 109 9.50 -12.42 26.09
N CYS D 110 8.92 -11.68 25.17
CA CYS D 110 8.86 -10.23 25.36
C CYS D 110 7.85 -9.77 26.41
N THR D 111 6.81 -10.57 26.69
CA THR D 111 5.95 -10.25 27.84
C THR D 111 6.74 -10.40 29.16
N VAL D 112 7.48 -11.50 29.27
CA VAL D 112 8.43 -11.70 30.40
C VAL D 112 9.31 -10.46 30.55
N SER D 113 9.95 -10.02 29.48
CA SER D 113 10.81 -8.84 29.51
C SER D 113 10.08 -7.55 30.02
N LEU D 114 8.86 -7.31 29.54
CA LEU D 114 8.08 -6.17 29.95
C LEU D 114 7.80 -6.21 31.47
N PHE D 115 7.27 -7.34 31.94
CA PHE D 115 6.82 -7.49 33.33
C PHE D 115 8.00 -7.53 34.28
N THR D 116 9.15 -7.96 33.76
CA THR D 116 10.30 -8.32 34.58
C THR D 116 11.34 -7.21 34.62
N HIS D 117 11.44 -6.45 33.53
CA HIS D 117 12.42 -5.36 33.46
C HIS D 117 11.73 -4.00 33.57
N TRP D 118 10.69 -3.77 32.78
CA TRP D 118 10.08 -2.45 32.75
C TRP D 118 9.14 -2.17 33.92
N LEU D 119 8.19 -3.07 34.18
CA LEU D 119 7.19 -2.77 35.23
C LEU D 119 7.80 -2.43 36.59
N PRO D 120 8.85 -3.15 37.04
CA PRO D 120 9.38 -2.74 38.34
C PRO D 120 10.15 -1.40 38.33
N ARG D 121 10.64 -0.97 37.18
CA ARG D 121 11.25 0.34 37.10
C ARG D 121 10.21 1.44 37.36
N PHE D 122 8.95 1.10 37.13
CA PHE D 122 7.85 2.03 37.31
C PHE D 122 7.14 1.77 38.65
N GLY D 123 7.78 0.97 39.51
CA GLY D 123 7.35 0.74 40.90
C GLY D 123 6.17 -0.20 41.03
N ILE D 124 5.98 -1.05 40.04
CA ILE D 124 4.92 -2.07 40.08
C ILE D 124 5.54 -3.40 40.49
N GLU D 125 5.03 -4.02 41.55
CA GLU D 125 5.52 -5.29 42.04
C GLU D 125 4.91 -6.38 41.18
N VAL D 126 5.73 -7.34 40.77
CA VAL D 126 5.31 -8.41 39.87
C VAL D 126 5.76 -9.79 40.39
N ASP D 127 4.82 -10.71 40.48
CA ASP D 127 5.17 -12.10 40.78
C ASP D 127 4.65 -12.95 39.64
N LEU D 128 5.54 -13.76 39.08
CA LEU D 128 5.15 -14.74 38.09
C LEU D 128 4.87 -16.03 38.85
N ILE D 129 3.68 -16.58 38.70
CA ILE D 129 3.34 -17.79 39.42
C ILE D 129 2.59 -18.79 38.53
N ASP D 130 2.46 -20.03 39.02
CA ASP D 130 1.82 -21.10 38.24
C ASP D 130 0.30 -20.96 38.28
N THR D 131 -0.25 -20.34 37.24
CA THR D 131 -1.67 -20.03 37.21
C THR D 131 -2.55 -21.19 36.75
N SER D 132 -1.95 -22.36 36.48
CA SER D 132 -2.70 -23.60 36.22
C SER D 132 -3.33 -24.12 37.51
N ASP D 133 -2.95 -23.50 38.63
CA ASP D 133 -3.42 -23.88 39.93
C ASP D 133 -3.98 -22.65 40.63
N VAL D 134 -5.29 -22.59 40.75
CA VAL D 134 -5.96 -21.41 41.31
C VAL D 134 -5.57 -21.10 42.79
N GLU D 135 -5.38 -22.13 43.62
CA GLU D 135 -4.95 -21.91 45.02
C GLU D 135 -3.61 -21.14 45.09
N LYS D 136 -2.74 -21.38 44.12
CA LYS D 136 -1.46 -20.68 44.04
C LYS D 136 -1.65 -19.17 43.77
N VAL D 137 -2.68 -18.83 42.99
CA VAL D 137 -3.06 -17.44 42.76
C VAL D 137 -3.53 -16.78 44.06
N LYS D 138 -4.42 -17.47 44.76
CA LYS D 138 -4.89 -17.02 46.07
C LYS D 138 -3.73 -16.82 47.07
N ALA D 139 -2.68 -17.64 46.99
CA ALA D 139 -1.56 -17.54 47.94
C ALA D 139 -0.61 -16.37 47.63
N ALA D 140 -0.45 -16.04 46.34
CA ALA D 140 0.37 -14.90 45.92
C ALA D 140 -0.34 -13.57 46.18
N TRP D 141 -1.63 -13.65 46.51
CA TRP D 141 -2.45 -12.46 46.67
C TRP D 141 -1.96 -11.54 47.79
N LYS D 142 -2.03 -10.24 47.53
CA LYS D 142 -1.66 -9.22 48.49
C LYS D 142 -2.76 -8.15 48.58
N PRO D 143 -2.74 -7.31 49.62
CA PRO D 143 -3.70 -6.22 49.70
C PRO D 143 -3.62 -5.24 48.53
N ASN D 144 -2.45 -5.08 47.92
CA ASN D 144 -2.28 -4.15 46.79
C ASN D 144 -2.34 -4.79 45.41
N THR D 145 -2.84 -6.02 45.34
CA THR D 145 -2.97 -6.71 44.06
C THR D 145 -4.09 -6.10 43.24
N LYS D 146 -3.77 -5.63 42.04
CA LYS D 146 -4.74 -4.96 41.17
C LYS D 146 -5.02 -5.69 39.86
N MET D 147 -4.19 -6.67 39.53
CA MET D 147 -4.36 -7.36 38.26
C MET D 147 -3.78 -8.75 38.31
N VAL D 148 -4.44 -9.66 37.59
CA VAL D 148 -3.83 -10.91 37.19
C VAL D 148 -3.74 -10.91 35.67
N TYR D 149 -2.62 -11.36 35.13
CA TYR D 149 -2.43 -11.38 33.68
C TYR D 149 -2.10 -12.81 33.23
N LEU D 150 -2.87 -13.32 32.28
CA LEU D 150 -2.72 -14.73 31.85
C LEU D 150 -2.54 -14.89 30.36
N GLU D 151 -1.71 -15.84 29.94
CA GLU D 151 -1.80 -16.44 28.60
C GLU D 151 -2.32 -17.84 28.80
N SER D 152 -3.27 -18.27 27.98
CA SER D 152 -3.73 -19.63 28.07
C SER D 152 -4.36 -20.03 26.74
N PRO D 153 -3.89 -21.15 26.12
CA PRO D 153 -2.69 -21.89 26.52
C PRO D 153 -1.46 -21.01 26.36
N ALA D 154 -0.43 -21.29 27.16
CA ALA D 154 0.73 -20.42 27.24
C ALA D 154 1.71 -20.65 26.09
N ASN D 155 2.47 -19.63 25.75
CA ASN D 155 3.53 -19.72 24.75
C ASN D 155 4.85 -19.95 25.51
N PRO D 156 5.56 -21.06 25.23
CA PRO D 156 5.36 -22.01 24.16
C PRO D 156 4.81 -23.37 24.59
N THR D 157 4.65 -23.60 25.89
CA THR D 157 4.36 -24.96 26.43
C THR D 157 2.90 -25.39 26.38
N CYS D 158 2.01 -24.43 26.12
CA CYS D 158 0.57 -24.67 26.06
C CYS D 158 -0.08 -24.93 27.43
N LYS D 159 0.61 -24.54 28.51
CA LYS D 159 0.08 -24.71 29.87
C LYS D 159 -1.27 -24.00 29.98
N VAL D 160 -2.26 -24.73 30.48
CA VAL D 160 -3.63 -24.23 30.57
C VAL D 160 -3.90 -23.65 31.96
N SER D 161 -4.51 -22.48 32.01
CA SER D 161 -4.93 -21.83 33.26
C SER D 161 -6.45 -21.84 33.32
N ASP D 162 -7.00 -21.86 34.53
CA ASP D 162 -8.45 -21.86 34.73
C ASP D 162 -8.94 -20.40 34.80
N ILE D 163 -9.32 -19.87 33.63
CA ILE D 163 -9.69 -18.48 33.46
C ILE D 163 -10.95 -18.15 34.25
N LYS D 164 -11.96 -19.03 34.14
CA LYS D 164 -13.24 -18.83 34.81
C LYS D 164 -13.00 -18.77 36.32
N GLY D 165 -12.19 -19.70 36.83
CA GLY D 165 -11.88 -19.79 38.24
C GLY D 165 -11.12 -18.59 38.78
N ILE D 166 -10.12 -18.16 38.02
CA ILE D 166 -9.30 -17.04 38.42
C ILE D 166 -10.12 -15.74 38.33
N ALA D 167 -11.02 -15.64 37.35
CA ALA D 167 -11.91 -14.48 37.23
C ALA D 167 -12.79 -14.28 38.48
N VAL D 168 -13.36 -15.38 38.99
CA VAL D 168 -14.11 -15.36 40.25
C VAL D 168 -13.26 -14.75 41.37
N VAL D 169 -12.02 -15.25 41.51
CA VAL D 169 -11.08 -14.69 42.49
C VAL D 169 -10.87 -13.19 42.27
N CYS D 170 -10.67 -12.78 41.00
CA CYS D 170 -10.43 -11.38 40.68
C CYS D 170 -11.63 -10.48 40.96
N HIS D 171 -12.83 -10.94 40.60
CA HIS D 171 -14.06 -10.19 40.85
C HIS D 171 -14.30 -9.98 42.37
N GLU D 172 -14.16 -11.05 43.14
CA GLU D 172 -14.32 -11.01 44.59
C GLU D 172 -13.33 -10.05 45.27
N ARG D 173 -12.13 -9.91 44.68
CA ARG D 173 -11.02 -9.26 45.38
C ARG D 173 -10.63 -7.89 44.81
N GLY D 174 -11.34 -7.45 43.77
CA GLY D 174 -11.21 -6.10 43.23
C GLY D 174 -10.01 -5.93 42.31
N ALA D 175 -9.84 -6.85 41.38
CA ALA D 175 -8.68 -6.87 40.51
C ALA D 175 -9.16 -7.17 39.10
N ARG D 176 -8.48 -6.60 38.12
CA ARG D 176 -8.76 -6.89 36.71
C ARG D 176 -8.08 -8.17 36.28
N LEU D 177 -8.74 -8.89 35.39
CA LEU D 177 -8.20 -10.07 34.77
C LEU D 177 -8.00 -9.77 33.28
N VAL D 178 -6.77 -9.97 32.83
CA VAL D 178 -6.35 -9.69 31.46
C VAL D 178 -5.84 -10.98 30.87
N VAL D 179 -6.37 -11.36 29.71
CA VAL D 179 -6.02 -12.61 29.07
C VAL D 179 -5.50 -12.36 27.64
N ASP D 180 -4.32 -12.90 27.36
CA ASP D 180 -3.73 -12.92 26.04
C ASP D 180 -4.21 -14.23 25.39
N ALA D 181 -5.10 -14.11 24.42
CA ALA D 181 -5.66 -15.29 23.76
C ALA D 181 -5.09 -15.48 22.34
N THR D 182 -3.94 -14.83 22.07
CA THR D 182 -3.20 -15.00 20.82
C THR D 182 -3.23 -16.44 20.28
N PHE D 183 -2.86 -17.42 21.10
CA PHE D 183 -2.60 -18.77 20.62
C PHE D 183 -3.84 -19.51 20.13
N THR D 184 -5.02 -19.01 20.49
CA THR D 184 -6.28 -19.72 20.21
C THR D 184 -7.21 -18.98 19.26
N SER D 185 -7.12 -17.65 19.23
CA SER D 185 -7.97 -16.77 18.39
C SER D 185 -9.38 -16.59 18.99
N PRO D 186 -10.09 -15.49 18.62
CA PRO D 186 -11.43 -15.30 19.21
C PRO D 186 -12.52 -16.20 18.63
N CYS D 187 -12.17 -17.09 17.69
CA CYS D 187 -13.09 -18.14 17.27
C CYS D 187 -13.25 -19.17 18.36
N PHE D 188 -12.19 -19.49 19.09
CA PHE D 188 -12.25 -20.61 20.01
C PHE D 188 -12.13 -20.20 21.49
N LEU D 189 -11.53 -19.04 21.77
CA LEU D 189 -11.40 -18.55 23.13
C LEU D 189 -11.92 -17.10 23.23
N LYS D 190 -12.95 -16.89 24.06
CA LYS D 190 -13.51 -15.56 24.32
C LYS D 190 -13.39 -15.26 25.81
N PRO D 191 -12.25 -14.67 26.22
CA PRO D 191 -12.03 -14.52 27.66
C PRO D 191 -13.05 -13.65 28.38
N LEU D 192 -13.58 -12.62 27.72
CA LEU D 192 -14.58 -11.76 28.36
C LEU D 192 -15.82 -12.57 28.75
N GLU D 193 -16.13 -13.57 27.92
CA GLU D 193 -17.24 -14.48 28.15
C GLU D 193 -16.98 -15.38 29.36
N LEU D 194 -15.71 -15.55 29.73
CA LEU D 194 -15.36 -16.36 30.91
C LEU D 194 -15.18 -15.52 32.18
N GLY D 195 -15.57 -14.25 32.14
CA GLY D 195 -15.45 -13.38 33.30
C GLY D 195 -14.24 -12.45 33.26
N ALA D 196 -13.40 -12.57 32.24
CA ALA D 196 -12.22 -11.71 32.14
C ALA D 196 -12.60 -10.27 31.83
N ASP D 197 -11.76 -9.33 32.23
CA ASP D 197 -12.02 -7.92 31.98
C ASP D 197 -11.48 -7.44 30.65
N ILE D 198 -10.41 -8.06 30.18
CA ILE D 198 -9.75 -7.63 28.96
C ILE D 198 -9.25 -8.85 28.23
N ALA D 199 -9.48 -8.89 26.93
CA ALA D 199 -8.93 -9.92 26.06
C ALA D 199 -8.06 -9.30 24.95
N LEU D 200 -6.87 -9.84 24.76
CA LEU D 200 -6.01 -9.22 23.79
C LEU D 200 -5.36 -10.26 22.90
N HIS D 201 -4.84 -9.81 21.77
CA HIS D 201 -4.20 -10.65 20.80
C HIS D 201 -3.07 -9.92 20.14
N SER D 202 -2.01 -10.66 19.85
CA SER D 202 -1.13 -10.30 18.76
C SER D 202 -1.93 -10.62 17.47
N VAL D 203 -2.34 -9.58 16.76
CA VAL D 203 -3.04 -9.75 15.51
C VAL D 203 -2.08 -10.27 14.42
N SER D 204 -0.78 -10.06 14.63
CA SER D 204 0.27 -10.60 13.77
C SER D 204 0.11 -12.11 13.53
N LYS D 205 -0.62 -12.78 14.43
CA LYS D 205 -0.68 -14.23 14.35
C LYS D 205 -1.91 -14.67 13.55
N TYR D 206 -2.82 -15.39 14.20
CA TYR D 206 -3.99 -15.97 13.53
C TYR D 206 -4.93 -14.97 12.93
N ILE D 207 -5.19 -13.86 13.63
CA ILE D 207 -6.28 -12.97 13.26
C ILE D 207 -6.00 -12.41 11.88
N ASN D 208 -4.80 -11.83 11.67
CA ASN D 208 -4.41 -11.48 10.32
C ASN D 208 -4.10 -12.73 9.48
N GLY D 209 -3.27 -13.62 10.04
CA GLY D 209 -3.09 -14.96 9.51
C GLY D 209 -2.29 -15.13 8.23
N HIS D 210 -1.85 -14.02 7.63
CA HIS D 210 -1.14 -14.08 6.34
C HIS D 210 0.36 -13.68 6.44
N GLY D 211 0.85 -13.58 7.66
CA GLY D 211 2.26 -13.37 7.94
C GLY D 211 2.84 -12.10 7.34
N ASP D 212 2.01 -11.09 7.09
CA ASP D 212 2.52 -9.92 6.37
C ASP D 212 2.22 -8.61 7.13
N VAL D 213 1.78 -8.76 8.38
CA VAL D 213 1.43 -7.66 9.24
C VAL D 213 1.86 -7.94 10.69
N ILE D 214 2.32 -6.90 11.37
CA ILE D 214 2.47 -6.92 12.80
C ILE D 214 1.42 -6.00 13.41
N GLY D 215 0.61 -6.51 14.35
CA GLY D 215 -0.42 -5.68 14.93
C GLY D 215 -0.91 -6.23 16.24
N GLY D 216 -1.56 -5.38 17.04
CA GLY D 216 -2.13 -5.85 18.29
C GLY D 216 -3.56 -5.41 18.36
N VAL D 217 -4.35 -6.06 19.22
CA VAL D 217 -5.68 -5.60 19.55
C VAL D 217 -5.99 -5.94 21.01
N SER D 218 -6.69 -5.03 21.70
CA SER D 218 -7.21 -5.29 23.05
C SER D 218 -8.70 -4.90 23.12
N SER D 219 -9.50 -5.71 23.81
CA SER D 219 -10.94 -5.50 23.92
C SER D 219 -11.35 -5.46 25.38
N ALA D 220 -12.14 -4.48 25.79
CA ALA D 220 -12.52 -4.37 27.19
C ALA D 220 -14.01 -4.70 27.41
N LYS D 221 -14.31 -5.34 28.53
CA LYS D 221 -15.69 -5.60 28.91
C LYS D 221 -16.48 -4.29 29.18
N THR D 222 -15.84 -3.28 29.76
CA THR D 222 -16.59 -2.05 30.07
C THR D 222 -16.14 -0.90 29.18
N ALA D 223 -17.09 0.00 28.88
CA ALA D 223 -16.78 1.25 28.17
C ALA D 223 -15.71 2.08 28.86
N GLU D 224 -15.72 2.16 30.18
CA GLU D 224 -14.70 2.98 30.85
C GLU D 224 -13.27 2.43 30.64
N ASP D 225 -13.14 1.11 30.65
CA ASP D 225 -11.86 0.45 30.51
C ASP D 225 -11.31 0.58 29.08
N ILE D 226 -12.14 0.44 28.06
CA ILE D 226 -11.63 0.69 26.69
C ILE D 226 -11.26 2.19 26.49
N ALA D 227 -12.04 3.10 27.08
CA ALA D 227 -11.73 4.53 27.01
C ALA D 227 -10.36 4.84 27.65
N THR D 228 -10.05 4.14 28.74
CA THR D 228 -8.76 4.28 29.44
C THR D 228 -7.61 3.72 28.60
N ILE D 229 -7.83 2.54 27.99
CA ILE D 229 -6.85 1.95 27.08
C ILE D 229 -6.49 2.90 25.92
N LYS D 230 -7.50 3.49 25.29
CA LYS D 230 -7.33 4.44 24.19
C LYS D 230 -6.70 5.77 24.62
N PHE D 231 -7.00 6.17 25.84
CA PHE D 231 -6.36 7.32 26.44
C PHE D 231 -4.86 7.09 26.59
N TYR D 232 -4.49 5.91 27.09
CA TYR D 232 -3.10 5.51 27.19
C TYR D 232 -2.45 5.48 25.81
N ARG D 233 -3.16 4.89 24.84
CA ARG D 233 -2.63 4.69 23.49
C ARG D 233 -2.32 6.06 22.84
N LYS D 234 -3.21 7.02 23.09
CA LYS D 234 -3.05 8.38 22.55
C LYS D 234 -1.67 8.97 22.96
N ASP D 235 -1.22 8.65 24.19
CA ASP D 235 0.04 9.19 24.72
C ASP D 235 1.25 8.26 24.52
N ALA D 236 1.01 6.95 24.54
CA ALA D 236 2.05 5.94 24.31
C ALA D 236 2.36 5.75 22.81
N GLY D 237 1.34 5.81 21.98
CA GLY D 237 1.59 5.93 20.53
C GLY D 237 1.80 4.70 19.71
N SER D 238 1.33 3.55 20.21
CA SER D 238 1.41 2.33 19.40
C SER D 238 0.12 2.19 18.58
N LEU D 239 0.21 2.63 17.33
CA LEU D 239 -0.95 2.67 16.43
C LEU D 239 -0.83 1.58 15.35
N MET D 240 -1.98 1.04 14.96
CA MET D 240 -2.08 0.27 13.73
C MET D 240 -2.17 1.23 12.54
N ALA D 241 -1.29 1.05 11.56
CA ALA D 241 -1.30 1.90 10.37
C ALA D 241 -2.55 1.59 9.53
N PRO D 242 -3.08 2.59 8.81
CA PRO D 242 -4.31 2.33 8.03
C PRO D 242 -4.14 1.18 7.02
N MET D 243 -2.97 1.08 6.39
CA MET D 243 -2.75 -0.02 5.44
C MET D 243 -2.76 -1.38 6.18
N ASP D 244 -2.17 -1.43 7.36
CA ASP D 244 -2.16 -2.68 8.12
C ASP D 244 -3.56 -3.09 8.60
N ALA D 245 -4.37 -2.10 9.02
CA ALA D 245 -5.79 -2.35 9.38
C ALA D 245 -6.58 -2.83 8.17
N PHE D 246 -6.35 -2.24 7.00
CA PHE D 246 -6.97 -2.72 5.77
C PHE D 246 -6.59 -4.21 5.59
N LEU D 247 -5.30 -4.54 5.73
CA LEU D 247 -4.84 -5.94 5.60
C LEU D 247 -5.35 -6.87 6.70
N CYS D 248 -5.48 -6.36 7.94
CA CYS D 248 -5.94 -7.21 9.02
C CYS D 248 -7.40 -7.54 8.86
N ALA D 249 -8.20 -6.53 8.54
CA ALA D 249 -9.63 -6.72 8.30
C ALA D 249 -9.83 -7.70 7.15
N ARG D 250 -9.01 -7.57 6.11
CA ARG D 250 -9.09 -8.45 4.96
C ARG D 250 -8.72 -9.88 5.38
N GLY D 251 -7.64 -10.04 6.12
CA GLY D 251 -7.25 -11.37 6.59
C GLY D 251 -8.35 -12.00 7.43
N MET D 252 -8.98 -11.19 8.27
CA MET D 252 -10.00 -11.68 9.20
C MET D 252 -11.26 -12.22 8.51
N LYS D 253 -11.44 -11.87 7.23
CA LYS D 253 -12.58 -12.35 6.46
C LYS D 253 -12.53 -13.87 6.31
N THR D 254 -11.33 -14.45 6.31
CA THR D 254 -11.23 -15.91 6.27
C THR D 254 -10.87 -16.51 7.61
N LEU D 255 -10.95 -15.72 8.68
CA LEU D 255 -10.51 -16.23 9.98
C LEU D 255 -11.27 -17.51 10.43
N PRO D 256 -12.61 -17.49 10.43
CA PRO D 256 -13.28 -18.71 10.97
C PRO D 256 -12.92 -19.94 10.18
N ILE D 257 -12.82 -19.76 8.88
CA ILE D 257 -12.51 -20.84 7.96
C ILE D 257 -11.06 -21.36 8.11
N ARG D 258 -10.09 -20.45 8.32
CA ARG D 258 -8.72 -20.85 8.56
C ARG D 258 -8.58 -21.60 9.90
N MET D 259 -9.24 -21.10 10.93
CA MET D 259 -9.19 -21.73 12.23
C MET D 259 -9.70 -23.17 12.21
N GLN D 260 -10.83 -23.43 11.52
CA GLN D 260 -11.33 -24.80 11.42
C GLN D 260 -10.20 -25.72 10.92
N ILE D 261 -9.49 -25.29 9.88
CA ILE D 261 -8.41 -26.08 9.28
C ILE D 261 -7.16 -26.14 10.18
N HIS D 262 -6.67 -24.98 10.65
CA HIS D 262 -5.62 -24.97 11.69
C HIS D 262 -5.92 -25.98 12.80
N MET D 263 -7.14 -25.94 13.36
CA MET D 263 -7.47 -26.83 14.46
C MET D 263 -7.33 -28.30 14.04
N GLU D 264 -7.98 -28.67 12.94
CA GLU D 264 -7.98 -30.06 12.52
C GLU D 264 -6.58 -30.55 12.15
N ASN D 265 -5.87 -29.78 11.33
CA ASN D 265 -4.47 -30.04 11.02
C ASN D 265 -3.56 -30.18 12.25
N GLY D 266 -3.68 -29.24 13.19
CA GLY D 266 -2.88 -29.31 14.42
C GLY D 266 -3.12 -30.59 15.23
N LEU D 267 -4.38 -31.00 15.34
CA LEU D 267 -4.68 -32.21 16.08
C LEU D 267 -4.07 -33.41 15.40
N LYS D 268 -4.21 -33.48 14.08
CA LYS D 268 -3.70 -34.64 13.36
C LYS D 268 -2.18 -34.70 13.44
N VAL D 269 -1.52 -33.55 13.34
CA VAL D 269 -0.05 -33.49 13.42
C VAL D 269 0.47 -33.90 14.82
N ALA D 270 -0.16 -33.35 15.87
CA ALA D 270 0.20 -33.66 17.24
C ALA D 270 0.10 -35.17 17.51
N LYS D 271 -0.94 -35.78 16.97
CA LYS D 271 -1.18 -37.22 17.17
C LYS D 271 -0.15 -38.07 16.44
N PHE D 272 0.19 -37.68 15.22
CA PHE D 272 1.28 -38.31 14.50
C PHE D 272 2.58 -38.23 15.31
N LEU D 273 2.90 -37.04 15.81
CA LEU D 273 4.10 -36.88 16.60
C LEU D 273 4.04 -37.70 17.89
N GLU D 274 2.84 -37.82 18.47
CA GLU D 274 2.74 -38.50 19.75
C GLU D 274 3.02 -40.00 19.68
N GLN D 275 2.66 -40.63 18.57
CA GLN D 275 2.96 -42.05 18.39
C GLN D 275 4.28 -42.32 17.64
N HIS D 276 5.05 -41.27 17.35
CA HIS D 276 6.33 -41.47 16.67
C HIS D 276 7.47 -41.76 17.66
N GLU D 277 8.18 -42.87 17.41
CA GLU D 277 9.28 -43.36 18.26
C GLU D 277 10.29 -42.28 18.65
N LYS D 278 10.49 -41.31 17.75
CA LYS D 278 11.50 -40.29 17.94
C LYS D 278 11.04 -39.19 18.89
N ILE D 279 9.73 -39.10 19.13
CA ILE D 279 9.20 -38.01 19.96
C ILE D 279 8.90 -38.46 21.38
N VAL D 280 9.47 -37.74 22.35
CA VAL D 280 9.32 -38.06 23.77
C VAL D 280 7.93 -37.73 24.30
N LYS D 281 7.39 -36.58 23.86
CA LYS D 281 6.16 -36.01 24.42
C LYS D 281 5.65 -34.82 23.57
N VAL D 282 4.32 -34.66 23.54
CA VAL D 282 3.67 -33.58 22.78
C VAL D 282 2.74 -32.78 23.70
N ASN D 283 3.00 -31.48 23.76
CA ASN D 283 2.17 -30.56 24.51
C ASN D 283 1.13 -29.94 23.58
N HIS D 284 0.00 -30.59 23.37
CA HIS D 284 -1.13 -30.02 22.64
C HIS D 284 -2.40 -30.09 23.50
N PRO D 285 -3.05 -28.94 23.75
CA PRO D 285 -4.16 -28.88 24.71
C PRO D 285 -5.35 -29.78 24.38
N GLY D 286 -5.48 -30.18 23.11
CA GLY D 286 -6.58 -30.99 22.66
C GLY D 286 -6.33 -32.48 22.74
N LEU D 287 -5.13 -32.88 23.20
CA LEU D 287 -4.81 -34.29 23.44
C LEU D 287 -5.24 -34.72 24.82
N GLU D 288 -5.74 -35.96 24.94
CA GLU D 288 -6.24 -36.51 26.21
C GLU D 288 -5.11 -36.68 27.22
N SER D 289 -3.91 -36.92 26.71
CA SER D 289 -2.72 -37.08 27.55
C SER D 289 -2.26 -35.76 28.20
N PHE D 290 -2.55 -34.63 27.58
CA PHE D 290 -2.05 -33.34 28.08
C PHE D 290 -2.73 -32.92 29.38
N PRO D 291 -1.93 -32.58 30.40
CA PRO D 291 -2.44 -32.02 31.68
C PRO D 291 -3.09 -30.66 31.44
N GLY D 292 -4.33 -30.50 31.88
CA GLY D 292 -5.07 -29.29 31.53
C GLY D 292 -6.03 -29.43 30.35
N HIS D 293 -6.04 -30.59 29.70
CA HIS D 293 -7.01 -30.86 28.63
C HIS D 293 -8.45 -30.68 29.08
N ASP D 294 -8.76 -31.07 30.31
CA ASP D 294 -10.14 -31.00 30.82
C ASP D 294 -10.62 -29.55 30.97
N ILE D 295 -9.73 -28.69 31.46
CA ILE D 295 -10.06 -27.29 31.61
C ILE D 295 -10.19 -26.65 30.24
N ALA D 296 -9.21 -26.87 29.36
CA ALA D 296 -9.26 -26.29 28.01
C ALA D 296 -10.45 -26.76 27.18
N LYS D 297 -10.83 -28.04 27.30
CA LYS D 297 -12.02 -28.57 26.60
C LYS D 297 -13.29 -27.84 27.05
N LYS D 298 -13.37 -27.53 28.34
CA LYS D 298 -14.53 -26.84 28.91
C LYS D 298 -14.56 -25.33 28.62
N GLN D 299 -13.41 -24.68 28.62
CA GLN D 299 -13.38 -23.22 28.55
C GLN D 299 -13.21 -22.66 27.13
N MET D 300 -12.80 -23.51 26.21
CA MET D 300 -12.59 -23.12 24.83
C MET D 300 -13.46 -23.95 23.93
N THR D 301 -13.78 -23.44 22.75
CA THR D 301 -14.63 -24.16 21.79
C THR D 301 -13.82 -24.76 20.65
N GLY D 302 -12.49 -24.66 20.76
CA GLY D 302 -11.60 -25.28 19.79
C GLY D 302 -10.17 -25.06 20.20
N TYR D 303 -9.24 -25.40 19.32
CA TYR D 303 -7.83 -25.33 19.65
C TYR D 303 -7.05 -24.66 18.53
N GLY D 304 -6.09 -23.83 18.90
CA GLY D 304 -5.11 -23.32 17.95
C GLY D 304 -4.23 -24.46 17.46
N SER D 305 -3.33 -24.15 16.53
CA SER D 305 -2.50 -25.17 15.91
C SER D 305 -1.00 -25.00 16.20
N THR D 306 -0.67 -24.22 17.21
CA THR D 306 0.71 -24.01 17.61
C THR D 306 0.96 -24.75 18.91
N PHE D 307 1.90 -25.68 18.90
CA PHE D 307 2.22 -26.45 20.10
C PHE D 307 3.67 -26.88 20.11
N LEU D 308 4.10 -27.41 21.25
CA LEU D 308 5.48 -27.81 21.47
C LEU D 308 5.59 -29.33 21.65
N PHE D 309 6.70 -29.92 21.22
CA PHE D 309 6.96 -31.33 21.48
C PHE D 309 8.44 -31.57 21.82
N GLU D 310 8.72 -32.65 22.53
CA GLU D 310 10.07 -32.95 23.03
C GLU D 310 10.82 -34.01 22.21
N MET D 311 12.02 -33.66 21.78
CA MET D 311 12.96 -34.58 21.11
C MET D 311 13.87 -35.18 22.17
N LYS D 312 14.59 -36.26 21.80
CA LYS D 312 15.47 -36.96 22.74
C LYS D 312 16.81 -36.25 22.98
N SER D 313 17.18 -35.30 22.13
CA SER D 313 18.39 -34.52 22.36
C SER D 313 18.35 -33.22 21.54
N PHE D 314 19.29 -32.32 21.81
CA PHE D 314 19.43 -31.13 20.98
C PHE D 314 19.78 -31.50 19.54
N GLU D 315 20.74 -32.41 19.36
CA GLU D 315 21.16 -32.89 18.04
C GLU D 315 20.00 -33.42 17.20
N ALA D 316 19.11 -34.18 17.85
CA ALA D 316 17.93 -34.72 17.18
C ALA D 316 16.96 -33.60 16.77
N ALA D 317 16.82 -32.57 17.61
CA ALA D 317 15.96 -31.44 17.29
C ALA D 317 16.55 -30.57 16.18
N LYS D 318 17.87 -30.37 16.22
CA LYS D 318 18.55 -29.64 15.18
C LYS D 318 18.40 -30.40 13.85
N LYS D 319 18.61 -31.71 13.87
CA LYS D 319 18.46 -32.49 12.63
C LYS D 319 17.04 -32.39 12.05
N LEU D 320 16.02 -32.44 12.90
CA LEU D 320 14.64 -32.32 12.43
C LEU D 320 14.37 -30.95 11.79
N MET D 321 14.66 -29.89 12.55
CA MET D 321 14.35 -28.53 12.14
C MET D 321 15.05 -28.10 10.87
N GLU D 322 16.18 -28.73 10.58
CA GLU D 322 17.04 -28.34 9.47
C GLU D 322 16.87 -29.17 8.20
N HIS D 323 16.00 -30.18 8.23
CA HIS D 323 15.77 -31.05 7.05
C HIS D 323 14.31 -31.10 6.60
N LEU D 324 13.58 -30.03 6.86
CA LEU D 324 12.19 -29.92 6.46
C LEU D 324 12.11 -29.18 5.14
N LYS D 325 11.20 -29.61 4.27
CA LYS D 325 11.08 -29.04 2.92
C LYS D 325 9.86 -28.15 2.75
N VAL D 326 8.84 -28.37 3.57
CA VAL D 326 7.59 -27.62 3.49
C VAL D 326 7.53 -26.60 4.65
N CYS D 327 7.60 -27.12 5.88
CA CYS D 327 7.69 -26.27 7.07
C CYS D 327 8.90 -25.34 6.94
N THR D 328 8.73 -24.11 7.39
CA THR D 328 9.78 -23.11 7.35
C THR D 328 10.30 -22.87 8.76
N LEU D 329 11.63 -22.87 8.89
CA LEU D 329 12.30 -22.51 10.13
C LEU D 329 12.22 -20.97 10.29
N ALA D 330 11.39 -20.50 11.23
CA ALA D 330 11.21 -19.05 11.48
C ALA D 330 10.42 -18.88 12.77
N VAL D 331 10.56 -17.72 13.41
CA VAL D 331 9.71 -17.43 14.57
C VAL D 331 8.36 -16.88 14.10
N SER D 332 7.46 -16.65 15.05
CA SER D 332 6.09 -16.27 14.78
C SER D 332 5.24 -17.53 14.60
N LEU D 333 3.94 -17.35 14.42
CA LEU D 333 3.00 -18.47 14.42
C LEU D 333 1.70 -18.00 13.79
N GLY D 334 0.82 -18.95 13.50
CA GLY D 334 -0.53 -18.61 13.08
C GLY D 334 -0.65 -18.13 11.63
N CYS D 335 0.39 -18.36 10.84
CA CYS D 335 0.34 -18.04 9.42
CA CYS D 335 0.35 -18.04 9.41
C CYS D 335 -0.33 -19.18 8.67
N VAL D 336 -0.74 -18.92 7.44
CA VAL D 336 -1.33 -19.94 6.58
C VAL D 336 -0.35 -21.10 6.24
N ASP D 337 0.95 -20.85 6.32
CA ASP D 337 1.94 -21.90 6.06
C ASP D 337 2.60 -22.33 7.35
N THR D 338 3.11 -23.54 7.38
CA THR D 338 3.66 -24.13 8.60
C THR D 338 5.01 -23.57 9.02
N LEU D 339 5.10 -23.16 10.29
CA LEU D 339 6.30 -22.61 10.87
C LEU D 339 6.84 -23.48 12.01
N ILE D 340 8.16 -23.48 12.18
CA ILE D 340 8.77 -24.27 13.23
C ILE D 340 9.98 -23.53 13.82
N GLU D 341 10.19 -23.72 15.12
CA GLU D 341 11.01 -22.84 15.92
C GLU D 341 11.62 -23.61 17.11
N HIS D 342 12.75 -23.09 17.62
CA HIS D 342 13.41 -23.67 18.78
C HIS D 342 13.40 -22.65 19.91
N PRO D 343 12.40 -22.73 20.82
CA PRO D 343 12.17 -21.78 21.91
C PRO D 343 13.40 -21.42 22.74
N ALA D 344 14.24 -22.40 23.05
CA ALA D 344 15.35 -22.19 23.99
C ALA D 344 16.40 -21.23 23.44
N SER D 345 16.62 -21.26 22.12
CA SER D 345 17.63 -20.38 21.48
C SER D 345 17.02 -19.27 20.62
N MET D 346 15.69 -19.21 20.55
CA MET D 346 15.00 -18.24 19.73
C MET D 346 13.94 -17.41 20.50
N THR D 347 12.66 -17.79 20.47
CA THR D 347 11.59 -16.99 21.12
C THR D 347 11.81 -16.68 22.62
N HIS D 348 12.51 -17.58 23.30
CA HIS D 348 12.66 -17.49 24.74
C HIS D 348 14.11 -17.45 25.19
N ALA D 349 15.01 -17.11 24.27
CA ALA D 349 16.46 -17.04 24.60
C ALA D 349 16.79 -16.06 25.74
N ALA D 350 16.06 -14.94 25.78
CA ALA D 350 16.35 -13.83 26.73
C ALA D 350 15.68 -13.99 28.11
N VAL D 351 14.78 -14.96 28.24
CA VAL D 351 14.11 -15.28 29.50
C VAL D 351 15.14 -15.67 30.56
N PRO D 352 15.17 -14.97 31.72
CA PRO D 352 16.14 -15.34 32.78
C PRO D 352 16.12 -16.83 33.09
N GLU D 353 17.30 -17.38 33.33
CA GLU D 353 17.49 -18.81 33.48
C GLU D 353 16.52 -19.42 34.50
N ASN D 354 16.32 -18.73 35.63
CA ASN D 354 15.41 -19.16 36.70
C ASN D 354 13.93 -19.17 36.29
N ILE D 355 13.54 -18.23 35.44
CA ILE D 355 12.20 -18.19 34.89
C ILE D 355 12.10 -19.26 33.80
N MET D 356 13.22 -19.54 33.13
CA MET D 356 13.32 -20.57 32.10
C MET D 356 13.01 -21.98 32.63
N ARG D 357 13.71 -22.36 33.69
CA ARG D 357 13.49 -23.65 34.35
C ARG D 357 12.07 -23.77 34.88
N LYS D 358 11.56 -22.70 35.48
CA LYS D 358 10.19 -22.66 36.01
C LYS D 358 9.13 -22.86 34.90
N GLN D 359 9.45 -22.41 33.68
CA GLN D 359 8.59 -22.61 32.51
C GLN D 359 8.72 -24.02 31.93
N GLY D 360 9.83 -24.69 32.25
CA GLY D 360 10.15 -26.04 31.76
C GLY D 360 10.60 -26.05 30.30
N ILE D 361 11.43 -25.07 29.92
CA ILE D 361 11.92 -24.92 28.54
C ILE D 361 13.36 -25.38 28.43
N THR D 362 13.59 -26.43 27.63
CA THR D 362 14.90 -27.06 27.49
C THR D 362 15.34 -27.13 26.02
N PRO D 363 16.64 -27.35 25.76
CA PRO D 363 17.12 -27.43 24.39
C PRO D 363 16.52 -28.56 23.55
N GLU D 364 15.83 -29.51 24.16
CA GLU D 364 15.22 -30.63 23.43
C GLU D 364 13.84 -30.33 22.85
N LEU D 365 13.28 -29.17 23.18
CA LEU D 365 11.93 -28.75 22.75
C LEU D 365 11.93 -28.05 21.41
N VAL D 366 10.99 -28.44 20.55
CA VAL D 366 10.72 -27.80 19.26
C VAL D 366 9.26 -27.32 19.26
N ARG D 367 9.02 -26.10 18.77
CA ARG D 367 7.64 -25.60 18.69
C ARG D 367 7.23 -25.46 17.24
N ILE D 368 6.04 -25.97 16.94
CA ILE D 368 5.50 -25.95 15.57
C ILE D 368 4.18 -25.19 15.51
N SER D 369 3.97 -24.44 14.42
CA SER D 369 2.72 -23.75 14.14
C SER D 369 2.14 -24.29 12.83
N VAL D 370 1.17 -25.18 12.92
CA VAL D 370 0.67 -25.94 11.75
C VAL D 370 -0.20 -25.03 10.89
N GLY D 371 0.18 -24.90 9.61
CA GLY D 371 -0.56 -24.07 8.64
C GLY D 371 -1.82 -24.77 8.13
N ILE D 372 -2.35 -24.29 6.99
CA ILE D 372 -3.56 -24.84 6.38
C ILE D 372 -3.24 -25.62 5.11
N GLU D 373 -1.98 -26.00 4.94
CA GLU D 373 -1.56 -26.93 3.90
C GLU D 373 -2.28 -28.23 4.12
N ASN D 374 -2.34 -29.06 3.09
CA ASN D 374 -2.87 -30.39 3.24
C ASN D 374 -2.06 -31.09 4.33
N VAL D 375 -2.75 -31.63 5.35
CA VAL D 375 -2.10 -32.27 6.51
C VAL D 375 -1.15 -33.39 6.13
N ASP D 376 -1.56 -34.17 5.13
CA ASP D 376 -0.75 -35.30 4.68
C ASP D 376 0.58 -34.83 4.11
N ASP D 377 0.59 -33.67 3.47
CA ASP D 377 1.83 -33.12 2.96
C ASP D 377 2.73 -32.67 4.10
N ILE D 378 2.15 -32.13 5.18
CA ILE D 378 2.99 -31.73 6.30
C ILE D 378 3.44 -32.90 7.17
N ILE D 379 2.57 -33.91 7.35
CA ILE D 379 2.96 -35.10 8.07
C ILE D 379 4.12 -35.79 7.32
N ALA D 380 3.97 -35.94 5.99
CA ALA D 380 5.02 -36.51 5.14
C ALA D 380 6.35 -35.74 5.21
N ASP D 381 6.29 -34.42 5.37
CA ASP D 381 7.50 -33.60 5.49
C ASP D 381 8.20 -33.87 6.83
N LEU D 382 7.43 -33.92 7.90
CA LEU D 382 7.97 -34.25 9.22
C LEU D 382 8.47 -35.69 9.21
N LYS D 383 7.75 -36.56 8.52
CA LYS D 383 8.12 -37.98 8.47
C LYS D 383 9.52 -38.19 7.89
N GLN D 384 9.77 -37.63 6.71
CA GLN D 384 11.10 -37.75 6.11
C GLN D 384 12.21 -37.06 6.92
N ALA D 385 11.89 -35.95 7.59
CA ALA D 385 12.90 -35.22 8.38
C ALA D 385 13.26 -35.95 9.67
N LEU D 386 12.32 -36.74 10.19
CA LEU D 386 12.49 -37.47 11.43
C LEU D 386 13.12 -38.82 11.20
N GLU D 387 13.02 -39.32 9.98
CA GLU D 387 13.44 -40.68 9.70
C GLU D 387 14.72 -40.77 8.86
N LEU D 388 15.04 -39.69 8.16
CA LEU D 388 16.14 -39.70 7.20
C LEU D 388 17.33 -38.84 7.67
#